data_7QIM
#
_entry.id   7QIM
#
loop_
_entity.id
_entity.type
_entity.pdbx_description
1 polymer 'ACTS protein'
2 polymer 'nebulin (mouse)'
3 polymer 'nebulin (mouse)'
4 non-polymer "ADENOSINE-5'-DIPHOSPHATE"
5 non-polymer 'MAGNESIUM ION'
#
loop_
_entity_poly.entity_id
_entity_poly.type
_entity_poly.pdbx_seq_one_letter_code
_entity_poly.pdbx_strand_id
1 'polypeptide(L)'
;MCDEDETTALVCDNGSGLVKAGFAGDDAPRAVFPSIVGRPRHQGVMVGMGQKDSYVGDEAQSKRGILTLKYPIE(HIC)G
IITNWDDMEKIWHHTFYNELRVAPEEHPTLLTEAPLNPKANREKMTQIMFETFNVPAMYVAIQAVLSLYASGRTTGIVLD
SGDGVTHNVPIYEGYALPHAIMRLDLAGRDLTDYLMKILTERGYSFVTTAEREIVRDIKEKLCYVALDFENEMATAASSS
SLEKSYELPDGQVITIGNERFRCPETLFQPSFIGMESAGIHETTYNSIMKCDIDIRKDLYANNVMSGGTTMYPGIADRMQ
KEITALAPSTMKIKIIAPPERKYSVWIGGSILASLSTFQQMWITKQEYDEAGPSIVHRKCF
;
C,B,A,D,E
2 'polypeptide(L)'
;(UNK)(UNK)(UNK)(UNK)(UNK)(UNK)(UNK)(UNK)(UNK)(UNK)(UNK)(UNK)(UNK)(UNK)(UNK)(UNK)
(UNK)(UNK)(UNK)(UNK)(UNK)Y(UNK)(UNK)(UNK)(UNK)(UNK)(UNK)(UNK)(UNK)(UNK)(UNK)
(UNK)(UNK)(UNK)(UNK)(UNK)(UNK)(UNK)(UNK)(UNK)(UNK)(UNK)(UNK)(UNK)(UNK)(UNK)(UNK)
(UNK)(UNK)(UNK)(UNK)(UNK)(UNK)(UNK)(UNK)Y(UNK)(UNK)(UNK)(UNK)(UNK)(UNK)(UNK)
(UNK)(UNK)(UNK)(UNK)(UNK)(UNK)(UNK)(UNK)(UNK)(UNK)(UNK)(UNK)(UNK)(UNK)(UNK)(UNK)
(UNK)(UNK)(UNK)(UNK)(UNK)(UNK)(UNK)(UNK)(UNK)(UNK)(UNK)Y(UNK)(UNK)(UNK)(UNK)
(UNK)(UNK)(UNK)(UNK)(UNK)(UNK)(UNK)(UNK)(UNK)
;
F
3 'polypeptide(L)'
;(UNK)(UNK)(UNK)(UNK)(UNK)(UNK)(UNK)(UNK)(UNK)(UNK)(UNK)(UNK)(UNK)(UNK)(UNK)(UNK)
(UNK)(UNK)(UNK)(UNK)(UNK)Y(UNK)(UNK)(UNK)(UNK)(UNK)(UNK)(UNK)(UNK)(UNK)(UNK)
(UNK)(UNK)(UNK)(UNK)(UNK)(UNK)(UNK)(UNK)(UNK)(UNK)(UNK)(UNK)(UNK)(UNK)(UNK)(UNK)
(UNK)(UNK)(UNK)(UNK)(UNK)(UNK)(UNK)(UNK)Y(UNK)(UNK)(UNK)(UNK)(UNK)(UNK)(UNK)
(UNK)(UNK)(UNK)(UNK)(UNK)(UNK)
;
G
#
# COMPACT_ATOMS: atom_id res chain seq x y z
N THR A 7 19.93 27.58 25.08
CA THR A 7 19.85 26.95 23.77
C THR A 7 18.46 26.96 23.18
N THR A 8 18.26 26.10 22.19
CA THR A 8 17.19 26.22 21.21
C THR A 8 16.86 24.82 20.75
N ALA A 9 15.72 24.67 20.09
CA ALA A 9 15.11 23.37 19.94
C ALA A 9 14.76 23.13 18.48
N LEU A 10 15.00 21.91 18.03
CA LEU A 10 15.16 21.62 16.61
C LEU A 10 14.30 20.42 16.28
N VAL A 11 13.69 20.42 15.11
CA VAL A 11 12.77 19.35 14.75
C VAL A 11 13.09 18.81 13.37
N CYS A 12 13.24 17.50 13.29
CA CYS A 12 13.27 16.77 12.04
C CYS A 12 11.87 16.25 11.75
N ASP A 13 11.40 16.46 10.54
CA ASP A 13 10.32 15.65 10.02
C ASP A 13 10.92 14.49 9.25
N ASN A 14 10.58 13.27 9.64
CA ASN A 14 10.85 12.10 8.83
C ASN A 14 9.58 11.38 8.40
N GLY A 15 8.46 12.07 8.42
CA GLY A 15 7.40 11.68 7.51
C GLY A 15 8.03 11.60 6.15
N SER A 16 7.74 10.53 5.42
CA SER A 16 8.58 10.19 4.29
C SER A 16 8.19 11.04 3.10
N GLY A 17 8.91 10.88 2.00
CA GLY A 17 8.95 11.95 1.04
C GLY A 17 10.03 12.91 1.47
N LEU A 18 9.95 14.13 0.96
CA LEU A 18 10.99 15.08 1.31
C LEU A 18 10.96 15.36 2.80
N VAL A 19 12.13 15.60 3.35
CA VAL A 19 12.38 15.54 4.79
C VAL A 19 12.66 16.94 5.31
N LYS A 20 12.08 17.27 6.44
CA LYS A 20 11.81 18.66 6.77
C LYS A 20 12.42 18.92 8.13
N ALA A 21 13.19 20.00 8.23
CA ALA A 21 14.01 20.21 9.40
C ALA A 21 14.23 21.70 9.62
N GLY A 22 14.13 22.12 10.87
CA GLY A 22 14.09 23.53 11.17
C GLY A 22 13.99 23.84 12.64
N PHE A 23 14.49 25.00 13.04
CA PHE A 23 14.48 25.37 14.44
C PHE A 23 13.08 25.76 14.87
N ALA A 24 12.85 25.67 16.18
CA ALA A 24 11.62 26.19 16.73
C ALA A 24 11.51 27.68 16.43
N GLY A 25 10.41 28.07 15.79
CA GLY A 25 9.96 29.44 15.77
C GLY A 25 10.18 30.15 14.46
N ASP A 26 11.09 29.68 13.62
CA ASP A 26 10.98 29.98 12.21
C ASP A 26 9.62 29.51 11.68
N ASP A 27 9.09 30.28 10.73
CA ASP A 27 7.80 29.97 10.15
C ASP A 27 7.84 28.73 9.26
N ALA A 28 9.00 28.42 8.68
CA ALA A 28 9.07 27.32 7.74
C ALA A 28 10.49 26.79 7.75
N PRO A 29 10.69 25.50 7.51
CA PRO A 29 12.01 24.91 7.72
C PRO A 29 13.03 25.48 6.74
N ARG A 30 14.29 25.39 7.14
CA ARG A 30 15.35 26.06 6.39
C ARG A 30 15.49 25.46 5.01
N ALA A 31 15.49 24.14 4.90
CA ALA A 31 15.50 23.47 3.62
C ALA A 31 15.06 22.03 3.83
N VAL A 32 14.97 21.29 2.73
CA VAL A 32 14.13 20.11 2.65
C VAL A 32 14.77 19.14 1.67
N PHE A 33 14.69 17.85 2.00
CA PHE A 33 15.44 16.86 1.27
C PHE A 33 14.59 15.63 1.05
N PRO A 34 14.72 14.99 -0.09
CA PRO A 34 13.73 13.98 -0.49
C PRO A 34 13.74 12.77 0.41
N SER A 35 14.85 12.52 1.09
CA SER A 35 15.20 11.22 1.65
C SER A 35 15.37 10.16 0.60
N ILE A 36 15.67 10.53 -0.64
CA ILE A 36 16.28 9.55 -1.52
C ILE A 36 17.61 9.12 -0.92
N VAL A 37 17.92 7.84 -1.06
CA VAL A 37 19.31 7.40 -1.04
C VAL A 37 19.57 6.58 -2.28
N GLY A 38 20.78 6.71 -2.79
CA GLY A 38 21.13 6.16 -4.09
C GLY A 38 22.58 5.79 -4.09
N ARG A 39 22.93 4.84 -4.93
CA ARG A 39 24.31 4.42 -4.98
C ARG A 39 24.72 4.22 -6.43
N PRO A 40 26.01 4.10 -6.69
CA PRO A 40 26.46 3.92 -8.08
C PRO A 40 25.84 2.68 -8.68
N ARG A 41 25.75 2.69 -10.00
CA ARG A 41 25.28 1.55 -10.75
C ARG A 41 26.30 1.05 -11.75
N HIS A 42 27.33 1.82 -12.04
CA HIS A 42 28.16 1.52 -13.18
C HIS A 42 29.62 1.68 -12.78
N GLN A 43 30.49 0.95 -13.47
CA GLN A 43 31.92 1.12 -13.29
C GLN A 43 32.30 2.58 -13.37
N GLY A 44 33.12 3.01 -12.43
CA GLY A 44 33.56 4.39 -12.43
C GLY A 44 34.80 4.53 -13.28
N VAL A 45 34.65 5.27 -14.38
CA VAL A 45 35.56 5.15 -15.50
C VAL A 45 36.30 6.44 -15.82
N MET A 46 35.86 7.58 -15.31
CA MET A 46 36.81 8.67 -15.10
C MET A 46 37.57 8.35 -13.83
N VAL A 47 38.83 7.95 -14.00
CA VAL A 47 39.75 7.86 -12.88
C VAL A 47 40.00 9.22 -12.24
N GLY A 48 39.91 10.30 -13.02
CA GLY A 48 39.96 11.62 -12.42
C GLY A 48 38.89 11.86 -11.38
N MET A 49 37.70 11.27 -11.57
CA MET A 49 36.64 11.44 -10.59
C MET A 49 37.04 10.85 -9.24
N GLY A 50 36.74 11.58 -8.17
CA GLY A 50 36.67 10.95 -6.85
C GLY A 50 35.42 10.10 -6.79
N GLN A 51 35.56 8.83 -6.43
CA GLN A 51 34.38 8.03 -6.16
C GLN A 51 33.91 8.24 -4.73
N LYS A 52 32.71 8.78 -4.61
CA LYS A 52 31.91 8.75 -3.39
C LYS A 52 30.79 7.76 -3.60
N ASP A 53 30.57 6.89 -2.63
CA ASP A 53 29.79 5.69 -2.90
C ASP A 53 28.34 5.83 -2.49
N SER A 54 27.97 6.94 -1.85
CA SER A 54 26.61 7.10 -1.35
C SER A 54 26.17 8.56 -1.52
N TYR A 55 24.91 8.75 -1.88
CA TYR A 55 24.40 10.07 -2.20
C TYR A 55 22.95 10.21 -1.78
N VAL A 56 22.62 11.43 -1.39
CA VAL A 56 21.42 11.76 -0.64
C VAL A 56 21.06 13.16 -1.07
N GLY A 57 19.79 13.50 -0.99
CA GLY A 57 19.46 14.90 -1.04
C GLY A 57 19.52 15.40 -2.46
N ASP A 58 19.28 16.71 -2.62
CA ASP A 58 19.29 17.30 -3.95
C ASP A 58 20.56 16.97 -4.69
N GLU A 59 21.64 16.70 -3.97
CA GLU A 59 22.87 16.24 -4.63
C GLU A 59 22.57 15.01 -5.46
N ALA A 60 21.92 14.02 -4.84
CA ALA A 60 21.46 12.86 -5.58
C ALA A 60 20.43 13.24 -6.62
N GLN A 61 19.50 14.12 -6.24
CA GLN A 61 18.43 14.53 -7.14
C GLN A 61 18.96 15.06 -8.45
N SER A 62 20.13 15.69 -8.44
CA SER A 62 20.78 16.08 -9.68
C SER A 62 21.38 14.86 -10.36
N LYS A 63 22.16 14.10 -9.63
CA LYS A 63 23.06 13.07 -10.11
C LYS A 63 22.32 11.84 -10.62
N ARG A 64 21.00 11.82 -10.49
CA ARG A 64 20.24 10.58 -10.35
C ARG A 64 20.65 9.52 -11.36
N GLY A 65 20.84 9.92 -12.61
CA GLY A 65 20.63 8.99 -13.71
C GLY A 65 21.41 7.70 -13.57
N ILE A 66 22.70 7.79 -13.27
CA ILE A 66 23.48 6.61 -12.96
C ILE A 66 23.31 6.09 -11.54
N LEU A 67 22.97 6.93 -10.59
CA LEU A 67 22.54 6.40 -9.31
C LEU A 67 21.25 5.61 -9.47
N THR A 68 21.05 4.64 -8.58
CA THR A 68 19.74 4.04 -8.43
C THR A 68 19.30 4.14 -7.00
N LEU A 69 17.99 4.21 -6.85
CA LEU A 69 17.39 4.62 -5.60
C LEU A 69 17.10 3.43 -4.71
N LYS A 70 17.31 3.63 -3.43
CA LYS A 70 16.57 2.86 -2.45
C LYS A 70 15.72 3.90 -1.77
N TYR A 71 14.63 3.47 -1.18
CA TYR A 71 13.70 4.43 -0.65
C TYR A 71 13.52 4.03 0.80
N PRO A 72 14.09 4.75 1.74
CA PRO A 72 14.45 4.16 3.02
C PRO A 72 13.30 4.05 3.99
N ILE A 73 12.13 4.55 3.63
CA ILE A 73 10.93 4.35 4.42
C ILE A 73 9.90 3.69 3.52
N GLU A 74 9.59 2.43 3.82
CA GLU A 74 8.33 1.86 3.40
C GLU A 74 7.26 2.08 4.43
N GLY A 76 5.58 4.32 6.11
CA GLY A 76 6.07 4.98 7.31
C GLY A 76 7.02 4.30 8.27
N ILE A 77 7.24 3.00 8.17
CA ILE A 77 8.25 2.36 9.02
C ILE A 77 9.60 2.39 8.32
N ILE A 78 10.59 2.94 9.00
CA ILE A 78 11.87 3.19 8.35
C ILE A 78 12.61 1.87 8.19
N THR A 79 13.00 1.57 6.96
CA THR A 79 13.28 0.18 6.63
C THR A 79 14.68 -0.26 7.04
N ASN A 80 15.69 0.57 6.80
CA ASN A 80 17.08 0.11 6.85
C ASN A 80 17.97 1.17 7.51
N TRP A 81 18.49 0.83 8.68
CA TRP A 81 18.91 1.85 9.61
C TRP A 81 20.10 2.64 9.08
N ASP A 82 21.12 1.96 8.57
CA ASP A 82 22.34 2.67 8.19
C ASP A 82 22.05 3.70 7.12
N ASP A 83 21.10 3.41 6.23
CA ASP A 83 20.70 4.42 5.28
C ASP A 83 20.12 5.62 6.00
N MET A 84 19.25 5.37 6.96
CA MET A 84 18.69 6.47 7.73
C MET A 84 19.82 7.29 8.29
N GLU A 85 20.81 6.60 8.84
CA GLU A 85 21.90 7.27 9.52
C GLU A 85 22.63 8.17 8.56
N LYS A 86 22.78 7.72 7.31
CA LYS A 86 23.37 8.58 6.32
C LYS A 86 22.50 9.81 6.17
N ILE A 87 21.20 9.61 6.00
CA ILE A 87 20.33 10.73 5.69
C ILE A 87 20.42 11.73 6.80
N TRP A 88 20.32 11.22 8.02
CA TRP A 88 20.13 12.02 9.20
C TRP A 88 21.40 12.83 9.43
N HIS A 89 22.52 12.12 9.36
CA HIS A 89 23.83 12.72 9.57
C HIS A 89 24.02 13.84 8.57
N HIS A 90 23.73 13.53 7.31
CA HIS A 90 23.94 14.51 6.27
C HIS A 90 23.12 15.74 6.57
N THR A 91 21.85 15.54 6.89
CA THR A 91 20.98 16.69 7.01
C THR A 91 21.48 17.61 8.10
N PHE A 92 21.84 17.05 9.26
CA PHE A 92 22.34 17.92 10.32
C PHE A 92 23.56 18.66 9.83
N TYR A 93 24.57 17.94 9.36
CA TYR A 93 25.85 18.60 9.25
C TYR A 93 25.84 19.53 8.05
N ASN A 94 25.33 19.03 6.93
CA ASN A 94 25.41 19.78 5.69
C ASN A 94 24.43 20.93 5.65
N GLU A 95 23.14 20.69 5.90
CA GLU A 95 22.29 21.87 5.91
C GLU A 95 22.45 22.67 7.19
N LEU A 96 22.31 22.00 8.32
CA LEU A 96 21.99 22.73 9.53
C LEU A 96 23.19 23.40 10.15
N ARG A 97 24.39 22.88 9.88
CA ARG A 97 25.58 23.33 10.58
C ARG A 97 25.33 23.28 12.07
N VAL A 98 24.87 22.13 12.54
CA VAL A 98 24.45 21.96 13.93
C VAL A 98 25.13 20.74 14.54
N ALA A 99 25.45 20.83 15.81
CA ALA A 99 26.14 19.72 16.44
C ALA A 99 25.21 19.04 17.43
N PRO A 100 25.30 17.72 17.55
CA PRO A 100 24.19 16.97 18.17
C PRO A 100 23.97 17.33 19.61
N GLU A 101 25.01 17.75 20.31
CA GLU A 101 24.84 18.19 21.69
C GLU A 101 23.96 19.43 21.79
N GLU A 102 23.75 20.13 20.69
CA GLU A 102 23.44 21.56 20.82
C GLU A 102 22.01 21.80 21.25
N HIS A 103 21.10 20.89 20.95
CA HIS A 103 19.68 21.14 21.08
C HIS A 103 18.96 19.85 21.42
N PRO A 104 17.76 19.93 21.96
CA PRO A 104 16.79 18.84 21.77
C PRO A 104 16.38 18.71 20.32
N THR A 105 15.99 17.48 19.97
CA THR A 105 15.55 17.14 18.63
C THR A 105 14.26 16.35 18.73
N LEU A 106 13.36 16.59 17.79
CA LEU A 106 11.97 16.21 17.94
C LEU A 106 11.61 15.37 16.75
N LEU A 107 10.90 14.28 17.00
CA LEU A 107 10.67 13.26 16.01
C LEU A 107 9.20 13.05 15.75
N THR A 108 8.90 12.68 14.53
CA THR A 108 7.56 12.82 14.00
C THR A 108 7.19 11.47 13.43
N GLU A 109 6.09 10.91 13.91
CA GLU A 109 5.89 9.48 13.80
C GLU A 109 4.53 9.21 13.19
N ALA A 110 4.48 8.24 12.30
CA ALA A 110 3.23 7.54 12.05
C ALA A 110 2.68 7.01 13.37
N PRO A 111 1.40 7.16 13.64
CA PRO A 111 0.81 6.55 14.82
C PRO A 111 0.57 5.06 14.62
N LEU A 112 0.38 4.39 15.75
CA LEU A 112 -0.06 3.00 15.78
C LEU A 112 0.77 2.13 14.85
N ASN A 113 2.08 2.21 14.98
CA ASN A 113 2.87 1.38 14.09
C ASN A 113 4.06 0.82 14.87
N PRO A 114 4.79 -0.16 14.35
CA PRO A 114 5.51 -1.08 15.23
C PRO A 114 6.55 -0.41 16.12
N LYS A 115 6.67 -0.93 17.33
CA LYS A 115 7.49 -0.32 18.37
C LYS A 115 8.92 -0.07 17.91
N ALA A 116 9.42 -0.97 17.06
CA ALA A 116 10.84 -0.98 16.73
C ALA A 116 11.32 0.40 16.29
N ASN A 117 10.51 1.10 15.50
CA ASN A 117 10.97 2.39 15.03
C ASN A 117 11.22 3.32 16.21
N ARG A 118 10.35 3.26 17.21
CA ARG A 118 10.61 4.05 18.41
C ARG A 118 11.93 3.64 19.03
N GLU A 119 12.06 2.35 19.31
CA GLU A 119 13.15 1.94 20.19
C GLU A 119 14.50 2.18 19.55
N LYS A 120 14.69 1.71 18.32
CA LYS A 120 15.95 1.99 17.64
C LYS A 120 16.16 3.47 17.39
N MET A 121 15.12 4.21 17.00
CA MET A 121 15.35 5.63 16.72
C MET A 121 15.99 6.27 17.93
N THR A 122 15.38 6.06 19.09
CA THR A 122 15.95 6.63 20.29
C THR A 122 17.32 6.07 20.56
N GLN A 123 17.51 4.77 20.33
CA GLN A 123 18.79 4.17 20.70
C GLN A 123 19.90 4.85 19.93
N ILE A 124 19.70 4.96 18.61
CA ILE A 124 20.68 5.59 17.75
C ILE A 124 20.94 7.01 18.22
N MET A 125 19.87 7.78 18.39
CA MET A 125 20.05 9.21 18.56
C MET A 125 20.64 9.56 19.92
N PHE A 126 20.36 8.77 20.94
CA PHE A 126 21.10 8.95 22.18
C PHE A 126 22.53 8.42 22.08
N GLU A 127 22.75 7.31 21.39
CA GLU A 127 24.12 6.80 21.34
C GLU A 127 24.96 7.41 20.21
N THR A 128 24.47 7.36 18.96
CA THR A 128 25.35 7.68 17.84
C THR A 128 25.58 9.17 17.80
N PHE A 129 24.50 9.92 17.85
CA PHE A 129 24.48 11.29 18.30
C PHE A 129 24.24 11.23 19.79
N ASN A 130 24.71 12.24 20.50
CA ASN A 130 24.42 12.32 21.92
C ASN A 130 23.77 13.67 22.17
N VAL A 131 22.50 13.65 22.53
CA VAL A 131 21.62 14.77 22.24
C VAL A 131 20.71 15.06 23.41
N PRO A 132 20.58 16.33 23.81
CA PRO A 132 20.03 16.63 25.13
C PRO A 132 18.66 16.00 25.38
N ALA A 133 17.76 16.09 24.41
CA ALA A 133 16.39 15.66 24.66
C ALA A 133 15.72 15.14 23.39
N MET A 134 14.90 14.14 23.58
CA MET A 134 14.25 13.40 22.50
C MET A 134 12.76 13.36 22.78
N TYR A 135 11.98 13.42 21.72
CA TYR A 135 10.55 13.20 21.83
C TYR A 135 10.02 12.64 20.54
N VAL A 136 8.98 11.84 20.66
CA VAL A 136 8.29 11.30 19.50
C VAL A 136 6.82 11.63 19.67
N ALA A 137 6.22 12.17 18.61
CA ALA A 137 4.92 12.77 18.69
C ALA A 137 4.10 12.31 17.50
N ILE A 138 2.83 12.17 17.71
CA ILE A 138 1.97 11.60 16.69
C ILE A 138 1.43 12.71 15.82
N GLN A 139 1.38 12.41 14.52
CA GLN A 139 1.24 13.45 13.51
C GLN A 139 0.04 14.33 13.81
N ALA A 140 -1.10 13.69 14.08
CA ALA A 140 -2.36 14.41 14.16
C ALA A 140 -2.28 15.50 15.21
N VAL A 141 -1.56 15.24 16.29
CA VAL A 141 -1.45 16.22 17.36
C VAL A 141 -0.85 17.50 16.82
N LEU A 142 0.27 17.35 16.13
CA LEU A 142 0.90 18.52 15.54
C LEU A 142 -0.05 19.17 14.56
N SER A 143 -0.73 18.35 13.76
CA SER A 143 -1.59 18.91 12.74
C SER A 143 -2.65 19.79 13.36
N LEU A 144 -3.20 19.36 14.49
CA LEU A 144 -4.13 20.23 15.19
C LEU A 144 -3.45 21.49 15.66
N TYR A 145 -2.29 21.37 16.33
CA TYR A 145 -1.74 22.57 16.92
C TYR A 145 -1.54 23.62 15.85
N ALA A 146 -0.99 23.21 14.72
CA ALA A 146 -0.75 24.19 13.68
C ALA A 146 -2.07 24.71 13.16
N SER A 147 -3.01 23.80 12.91
CA SER A 147 -4.28 24.25 12.38
C SER A 147 -5.10 24.95 13.43
N GLY A 148 -4.74 24.82 14.71
CA GLY A 148 -5.35 25.57 15.79
C GLY A 148 -6.85 25.41 15.91
N ARG A 149 -7.34 24.18 15.98
CA ARG A 149 -8.69 23.92 16.49
C ARG A 149 -8.62 22.71 17.40
N THR A 150 -8.90 22.90 18.69
CA THR A 150 -8.51 21.89 19.65
C THR A 150 -9.21 20.56 19.38
N THR A 151 -10.43 20.59 18.88
CA THR A 151 -11.03 19.38 18.37
C THR A 151 -10.56 19.12 16.95
N GLY A 152 -10.69 17.88 16.51
CA GLY A 152 -10.80 17.65 15.09
C GLY A 152 -10.68 16.20 14.71
N ILE A 153 -10.69 15.99 13.40
CA ILE A 153 -10.27 14.76 12.74
C ILE A 153 -9.27 15.16 11.69
N VAL A 154 -8.27 14.33 11.50
CA VAL A 154 -7.19 14.67 10.59
C VAL A 154 -7.07 13.56 9.56
N LEU A 155 -6.82 13.97 8.33
CA LEU A 155 -6.34 13.11 7.27
C LEU A 155 -5.03 13.71 6.80
N ASP A 156 -3.95 12.96 6.89
CA ASP A 156 -2.72 13.42 6.27
C ASP A 156 -1.98 12.21 5.73
N SER A 157 -1.89 12.18 4.41
CA SER A 157 -1.51 11.00 3.66
C SER A 157 -0.22 11.37 2.95
N GLY A 158 0.90 10.96 3.51
CA GLY A 158 2.11 11.52 2.97
C GLY A 158 2.64 10.68 1.83
N ASP A 159 3.95 10.61 1.75
CA ASP A 159 4.61 9.46 1.16
C ASP A 159 4.12 8.19 1.81
N GLY A 160 3.87 8.24 3.11
CA GLY A 160 3.62 7.07 3.91
C GLY A 160 2.24 7.01 4.54
N VAL A 161 2.08 6.00 5.40
CA VAL A 161 0.79 5.47 5.78
C VAL A 161 -0.17 6.54 6.28
N THR A 162 -1.44 6.40 5.91
CA THR A 162 -2.39 7.48 5.77
C THR A 162 -3.41 7.37 6.90
N HIS A 163 -3.86 8.51 7.41
CA HIS A 163 -4.30 8.52 8.79
C HIS A 163 -5.72 9.02 8.90
N ASN A 164 -6.46 8.44 9.82
CA ASN A 164 -7.53 9.17 10.48
C ASN A 164 -7.34 9.03 11.98
N VAL A 165 -7.27 10.16 12.67
CA VAL A 165 -7.44 10.20 14.10
C VAL A 165 -8.47 11.29 14.35
N PRO A 166 -9.61 11.00 14.96
CA PRO A 166 -10.30 12.07 15.67
C PRO A 166 -9.48 12.39 16.90
N ILE A 167 -9.21 13.66 17.11
CA ILE A 167 -8.87 14.15 18.42
C ILE A 167 -10.01 15.00 18.92
N TYR A 168 -10.50 14.68 20.10
CA TYR A 168 -11.32 15.68 20.74
C TYR A 168 -10.41 16.65 21.44
N GLU A 169 -10.90 17.85 21.69
CA GLU A 169 -10.14 18.75 22.51
C GLU A 169 -9.56 18.02 23.71
N GLY A 170 -8.25 18.17 23.85
CA GLY A 170 -7.46 17.63 24.92
C GLY A 170 -7.37 16.13 25.08
N TYR A 171 -7.86 15.30 24.16
CA TYR A 171 -7.77 13.87 24.39
C TYR A 171 -7.76 13.06 23.10
N ALA A 172 -7.25 11.85 23.23
CA ALA A 172 -7.17 10.80 22.20
C ALA A 172 -8.33 9.83 22.31
N LEU A 173 -8.69 9.24 21.19
CA LEU A 173 -9.68 8.15 21.14
C LEU A 173 -9.06 6.96 20.44
N PRO A 174 -7.97 6.42 20.98
CA PRO A 174 -7.14 5.49 20.21
C PRO A 174 -7.86 4.31 19.60
N HIS A 175 -8.98 3.89 20.17
CA HIS A 175 -9.79 2.91 19.47
C HIS A 175 -10.28 3.43 18.14
N ALA A 176 -10.53 4.73 18.07
CA ALA A 176 -11.12 5.36 16.90
C ALA A 176 -10.29 5.24 15.64
N ILE A 177 -9.04 4.94 15.72
CA ILE A 177 -8.09 5.42 14.74
C ILE A 177 -8.06 4.41 13.61
N MET A 178 -7.90 4.90 12.39
CA MET A 178 -7.73 4.03 11.25
C MET A 178 -6.45 4.36 10.50
N ARG A 179 -5.84 3.31 9.97
CA ARG A 179 -4.48 3.37 9.44
C ARG A 179 -4.41 2.60 8.14
N LEU A 180 -3.96 3.25 7.08
CA LEU A 180 -4.09 2.67 5.75
C LEU A 180 -2.81 2.87 4.94
N ASP A 181 -2.42 1.83 4.21
CA ASP A 181 -1.35 1.92 3.22
C ASP A 181 -1.94 2.24 1.86
N LEU A 182 -2.20 3.53 1.64
CA LEU A 182 -2.68 4.03 0.36
C LEU A 182 -1.90 5.26 -0.09
N ALA A 183 -0.76 5.50 0.51
CA ALA A 183 -0.15 6.81 0.40
C ALA A 183 0.39 7.05 -1.00
N GLY A 184 0.75 8.30 -1.27
CA GLY A 184 0.93 8.76 -2.63
C GLY A 184 1.97 7.96 -3.39
N ARG A 185 2.95 7.41 -2.69
CA ARG A 185 3.97 6.61 -3.34
C ARG A 185 3.34 5.46 -4.10
N ASP A 186 2.56 4.65 -3.40
CA ASP A 186 1.98 3.48 -4.04
C ASP A 186 1.05 3.93 -5.15
N LEU A 187 0.33 5.02 -4.92
CA LEU A 187 -0.51 5.56 -5.97
C LEU A 187 0.31 5.86 -7.21
N THR A 188 1.46 6.49 -7.01
CA THR A 188 2.29 6.87 -8.13
C THR A 188 2.73 5.65 -8.90
N ASP A 189 3.05 4.59 -8.17
CA ASP A 189 3.48 3.39 -8.88
C ASP A 189 2.33 2.75 -9.62
N TYR A 190 1.10 2.92 -9.12
CA TYR A 190 -0.06 2.60 -9.95
C TYR A 190 -0.13 3.44 -11.21
N LEU A 191 0.34 4.69 -11.12
CA LEU A 191 0.20 5.56 -12.27
C LEU A 191 0.80 4.91 -13.51
N MET A 192 1.96 4.28 -13.35
CA MET A 192 2.63 3.73 -14.52
C MET A 192 1.78 2.65 -15.17
N LYS A 193 1.15 1.81 -14.35
CA LYS A 193 0.29 0.76 -14.89
C LYS A 193 -0.90 1.35 -15.60
N ILE A 194 -1.31 2.56 -15.25
CA ILE A 194 -2.16 3.27 -16.20
C ILE A 194 -1.36 3.65 -17.43
N LEU A 195 -0.24 4.32 -17.24
CA LEU A 195 0.28 5.22 -18.24
C LEU A 195 0.70 4.44 -19.47
N THR A 196 1.15 3.21 -19.27
CA THR A 196 1.51 2.39 -20.41
C THR A 196 0.35 2.17 -21.37
N GLU A 197 -0.89 2.47 -20.98
CA GLU A 197 -1.95 2.45 -21.98
C GLU A 197 -1.62 3.38 -23.13
N ARG A 198 -1.30 4.63 -22.82
CA ARG A 198 -0.74 5.49 -23.85
C ARG A 198 0.67 5.06 -24.20
N GLY A 199 1.35 4.41 -23.27
CA GLY A 199 2.49 3.63 -23.67
C GLY A 199 3.63 4.52 -24.10
N TYR A 200 3.87 5.56 -23.33
CA TYR A 200 5.17 6.17 -23.22
C TYR A 200 5.60 5.64 -21.87
N SER A 201 6.66 4.84 -21.85
CA SER A 201 6.70 3.91 -20.74
C SER A 201 8.11 3.60 -20.32
N PHE A 202 8.28 3.59 -19.02
CA PHE A 202 9.58 3.62 -18.37
C PHE A 202 9.43 3.08 -16.96
N VAL A 203 10.26 2.11 -16.59
CA VAL A 203 10.31 1.69 -15.19
C VAL A 203 11.78 1.52 -14.80
N THR A 204 12.19 2.26 -13.78
CA THR A 204 13.38 2.19 -12.95
C THR A 204 13.08 3.17 -11.82
N THR A 205 13.95 3.22 -10.84
CA THR A 205 13.63 4.03 -9.67
C THR A 205 13.58 5.50 -10.06
N ALA A 206 14.63 5.99 -10.72
CA ALA A 206 14.65 7.40 -11.07
C ALA A 206 13.47 7.70 -11.97
N GLU A 207 13.16 6.76 -12.84
CA GLU A 207 12.06 6.97 -13.76
C GLU A 207 10.77 7.08 -12.98
N ARG A 208 10.63 6.28 -11.92
CA ARG A 208 9.44 6.44 -11.11
C ARG A 208 9.38 7.80 -10.44
N GLU A 209 10.50 8.32 -9.96
CA GLU A 209 10.34 9.65 -9.39
C GLU A 209 9.99 10.69 -10.44
N ILE A 210 10.36 10.47 -11.70
CA ILE A 210 9.96 11.43 -12.73
C ILE A 210 8.47 11.63 -12.73
N VAL A 211 7.72 10.58 -12.46
CA VAL A 211 6.27 10.66 -12.36
C VAL A 211 5.83 11.68 -11.32
N ARG A 212 6.54 11.75 -10.19
CA ARG A 212 6.17 12.71 -9.15
C ARG A 212 5.92 14.10 -9.70
N ASP A 213 6.76 14.55 -10.63
CA ASP A 213 6.54 15.86 -11.21
C ASP A 213 5.19 15.93 -11.90
N ILE A 214 4.87 14.91 -12.69
CA ILE A 214 3.58 14.91 -13.37
C ILE A 214 2.44 14.95 -12.37
N LYS A 215 2.61 14.29 -11.24
CA LYS A 215 1.59 14.39 -10.20
C LYS A 215 1.48 15.79 -9.66
N GLU A 216 2.59 16.52 -9.65
CA GLU A 216 2.51 17.93 -9.31
C GLU A 216 1.66 18.66 -10.33
N LYS A 217 2.04 18.60 -11.59
CA LYS A 217 1.50 19.54 -12.54
C LYS A 217 0.10 19.15 -12.99
N LEU A 218 -0.06 17.94 -13.47
CA LEU A 218 -1.16 17.62 -14.36
C LEU A 218 -2.40 17.08 -13.67
N CYS A 219 -2.33 16.74 -12.40
CA CYS A 219 -3.46 16.09 -11.77
C CYS A 219 -4.50 17.08 -11.25
N TYR A 220 -5.73 16.61 -11.17
CA TYR A 220 -6.79 17.26 -10.41
C TYR A 220 -7.87 16.24 -10.12
N VAL A 221 -8.67 16.52 -9.12
CA VAL A 221 -9.52 15.49 -8.53
C VAL A 221 -10.86 15.44 -9.26
N ALA A 222 -11.32 14.21 -9.49
CA ALA A 222 -12.63 14.01 -10.09
C ALA A 222 -13.71 14.58 -9.19
N LEU A 223 -14.53 15.48 -9.72
CA LEU A 223 -15.71 15.90 -8.97
C LEU A 223 -16.77 14.82 -8.97
N ASP A 224 -17.09 14.27 -10.14
CA ASP A 224 -17.96 13.11 -10.29
C ASP A 224 -17.38 12.23 -11.39
N PHE A 225 -17.32 10.93 -11.13
CA PHE A 225 -16.51 10.08 -11.98
C PHE A 225 -17.20 9.81 -13.30
N GLU A 226 -18.46 9.39 -13.25
CA GLU A 226 -19.21 9.16 -14.49
C GLU A 226 -19.23 10.42 -15.34
N ASN A 227 -19.62 11.54 -14.74
CA ASN A 227 -19.81 12.74 -15.52
C ASN A 227 -18.50 13.15 -16.17
N GLU A 228 -17.41 13.01 -15.43
CA GLU A 228 -16.11 13.30 -16.01
C GLU A 228 -15.85 12.40 -17.20
N MET A 229 -16.17 11.10 -17.10
CA MET A 229 -16.02 10.24 -18.27
C MET A 229 -16.87 10.74 -19.45
N ALA A 230 -18.04 11.28 -19.16
CA ALA A 230 -18.87 11.79 -20.25
C ALA A 230 -18.18 12.95 -20.93
N THR A 231 -17.60 13.85 -20.15
CA THR A 231 -16.79 14.90 -20.72
C THR A 231 -15.59 14.34 -21.46
N ALA A 232 -15.06 13.21 -20.99
CA ALA A 232 -13.92 12.59 -21.64
C ALA A 232 -14.30 12.18 -23.05
N ALA A 233 -15.54 11.73 -23.21
CA ALA A 233 -16.03 11.43 -24.55
C ALA A 233 -16.22 12.72 -25.33
N SER A 234 -16.65 13.79 -24.66
CA SER A 234 -16.91 15.04 -25.35
C SER A 234 -15.64 15.81 -25.71
N SER A 235 -14.66 15.91 -24.80
CA SER A 235 -13.76 17.06 -24.82
C SER A 235 -12.31 16.65 -24.70
N SER A 236 -11.43 17.57 -25.15
CA SER A 236 -9.99 17.46 -24.97
C SER A 236 -9.40 18.41 -23.94
N SER A 237 -10.18 19.33 -23.35
CA SER A 237 -9.65 20.13 -22.25
C SER A 237 -9.13 19.24 -21.14
N LEU A 238 -9.72 18.05 -21.00
CA LEU A 238 -9.21 16.98 -20.17
C LEU A 238 -7.78 16.60 -20.52
N GLU A 239 -7.31 17.01 -21.68
CA GLU A 239 -6.04 16.54 -22.22
C GLU A 239 -5.11 17.74 -22.32
N LYS A 240 -3.90 17.57 -21.80
CA LYS A 240 -2.89 18.59 -21.71
C LYS A 240 -1.55 18.04 -22.14
N SER A 241 -0.66 18.94 -22.53
CA SER A 241 0.57 18.60 -23.21
C SER A 241 1.73 19.01 -22.32
N TYR A 242 2.64 18.08 -22.10
CA TYR A 242 3.67 18.19 -21.08
C TYR A 242 4.96 17.55 -21.54
N GLU A 243 6.06 18.13 -21.12
CA GLU A 243 7.35 17.70 -21.62
C GLU A 243 7.88 16.63 -20.69
N LEU A 244 8.73 15.76 -21.22
CA LEU A 244 9.67 15.10 -20.35
C LEU A 244 10.49 16.15 -19.63
N PRO A 245 10.97 15.83 -18.43
CA PRO A 245 11.92 16.72 -17.77
C PRO A 245 13.07 17.10 -18.66
N ASP A 246 13.50 16.17 -19.53
CA ASP A 246 14.16 16.52 -20.76
C ASP A 246 13.85 15.46 -21.80
N GLY A 247 13.87 15.85 -23.07
CA GLY A 247 13.32 15.03 -24.13
C GLY A 247 11.92 15.48 -24.53
N GLN A 248 11.01 14.52 -24.60
CA GLN A 248 9.82 14.65 -25.43
C GLN A 248 8.75 15.51 -24.77
N VAL A 249 7.84 15.97 -25.60
CA VAL A 249 6.49 16.35 -25.21
C VAL A 249 5.62 15.11 -25.07
N ILE A 250 4.83 15.08 -24.00
CA ILE A 250 3.95 13.97 -23.66
C ILE A 250 2.58 14.56 -23.38
N THR A 251 1.54 13.84 -23.73
CA THR A 251 0.21 14.38 -23.62
C THR A 251 -0.76 13.33 -23.11
N ILE A 252 -1.55 13.70 -22.10
CA ILE A 252 -2.12 12.77 -21.16
C ILE A 252 -3.62 13.02 -21.06
N GLY A 253 -4.39 11.95 -21.15
CA GLY A 253 -5.84 12.05 -21.19
C GLY A 253 -6.45 11.99 -19.81
N ASN A 254 -7.58 11.29 -19.71
CA ASN A 254 -8.22 11.00 -18.44
C ASN A 254 -7.24 10.39 -17.47
N GLU A 255 -6.21 9.79 -18.00
CA GLU A 255 -5.15 9.21 -17.19
C GLU A 255 -4.64 10.15 -16.12
N ARG A 256 -4.68 11.48 -16.32
CA ARG A 256 -4.42 12.35 -15.19
C ARG A 256 -5.46 12.21 -14.08
N PHE A 257 -6.73 12.45 -14.37
CA PHE A 257 -7.65 12.62 -13.25
C PHE A 257 -7.98 11.28 -12.62
N ARG A 258 -7.93 10.22 -13.42
CA ARG A 258 -8.21 8.88 -12.94
C ARG A 258 -7.36 8.48 -11.74
N CYS A 259 -6.12 8.93 -11.70
CA CYS A 259 -5.23 8.56 -10.61
C CYS A 259 -5.79 8.83 -9.23
N PRO A 260 -6.16 10.06 -8.89
CA PRO A 260 -6.62 10.31 -7.51
C PRO A 260 -7.83 9.49 -7.15
N GLU A 261 -8.66 9.14 -8.13
CA GLU A 261 -9.86 8.38 -7.84
C GLU A 261 -9.55 7.12 -7.05
N THR A 262 -8.34 6.58 -7.21
CA THR A 262 -7.94 5.42 -6.43
C THR A 262 -8.23 5.62 -4.96
N LEU A 263 -7.99 6.83 -4.47
CA LEU A 263 -8.28 7.09 -3.06
C LEU A 263 -9.75 6.86 -2.78
N PHE A 264 -10.61 7.31 -3.67
CA PHE A 264 -12.03 7.11 -3.44
C PHE A 264 -12.46 5.68 -3.76
N GLN A 265 -11.87 5.08 -4.78
CA GLN A 265 -12.13 3.70 -5.13
C GLN A 265 -10.80 2.96 -5.21
N PRO A 266 -10.37 2.41 -4.14
CA PRO A 266 -9.17 1.54 -4.17
C PRO A 266 -9.47 0.12 -4.64
N SER A 267 -10.12 0.01 -5.79
CA SER A 267 -9.95 -1.15 -6.64
C SER A 267 -8.66 -1.09 -7.43
N PHE A 268 -8.33 0.07 -7.99
CA PHE A 268 -7.51 0.11 -9.19
C PHE A 268 -6.11 -0.40 -8.93
N ILE A 269 -5.63 -0.22 -7.71
CA ILE A 269 -4.65 -1.09 -7.09
C ILE A 269 -5.40 -1.62 -5.90
N GLY A 270 -5.65 -2.93 -5.87
CA GLY A 270 -6.82 -3.43 -5.20
C GLY A 270 -6.53 -4.12 -3.89
N MET A 271 -7.34 -3.69 -2.94
CA MET A 271 -7.32 -3.84 -1.51
C MET A 271 -8.80 -3.75 -1.20
N GLU A 272 -9.23 -4.28 -0.07
CA GLU A 272 -10.42 -3.63 0.42
C GLU A 272 -10.17 -3.01 1.78
N SER A 273 -10.40 -1.71 1.81
CA SER A 273 -10.82 -0.87 2.90
C SER A 273 -11.53 0.20 2.09
N ALA A 274 -12.74 0.55 2.46
CA ALA A 274 -13.63 1.04 1.42
C ALA A 274 -13.27 2.44 0.97
N GLY A 275 -12.21 3.02 1.51
CA GLY A 275 -11.57 4.19 0.97
C GLY A 275 -11.53 5.28 2.00
N ILE A 276 -10.99 6.43 1.60
CA ILE A 276 -10.80 7.50 2.57
C ILE A 276 -12.14 7.90 3.18
N HIS A 277 -13.11 8.20 2.35
CA HIS A 277 -14.28 8.90 2.85
C HIS A 277 -15.11 7.95 3.71
N GLU A 278 -15.40 6.77 3.17
CA GLU A 278 -16.07 5.74 3.95
C GLU A 278 -15.25 5.35 5.16
N THR A 279 -13.92 5.42 5.09
CA THR A 279 -13.15 5.16 6.30
C THR A 279 -13.49 6.20 7.34
N THR A 280 -13.61 7.44 6.90
CA THR A 280 -13.77 8.54 7.83
C THR A 280 -15.09 8.41 8.55
N TYR A 281 -16.16 8.25 7.78
CA TYR A 281 -17.48 8.11 8.39
C TYR A 281 -17.56 6.85 9.23
N ASN A 282 -16.91 5.77 8.80
CA ASN A 282 -16.83 4.59 9.64
C ASN A 282 -16.21 4.94 10.97
N SER A 283 -15.08 5.62 10.93
CA SER A 283 -14.26 5.82 12.12
C SER A 283 -14.93 6.78 13.07
N ILE A 284 -15.68 7.74 12.54
CA ILE A 284 -16.56 8.51 13.40
C ILE A 284 -17.56 7.60 14.07
N MET A 285 -18.29 6.81 13.28
CA MET A 285 -19.42 6.15 13.89
C MET A 285 -18.96 5.13 14.91
N LYS A 286 -17.72 4.66 14.77
CA LYS A 286 -17.04 4.06 15.90
C LYS A 286 -17.03 4.98 17.12
N CYS A 287 -16.49 6.18 16.96
CA CYS A 287 -16.41 7.07 18.12
C CYS A 287 -17.81 7.48 18.56
N ASP A 288 -17.89 8.02 19.78
CA ASP A 288 -19.12 7.98 20.54
C ASP A 288 -20.08 9.09 20.10
N ILE A 289 -21.24 9.14 20.74
CA ILE A 289 -22.40 9.70 20.07
C ILE A 289 -22.42 11.21 20.17
N ASP A 290 -22.18 11.75 21.37
CA ASP A 290 -22.41 13.16 21.60
C ASP A 290 -21.42 14.03 20.85
N ILE A 291 -20.15 13.65 20.86
CA ILE A 291 -19.08 14.44 20.29
C ILE A 291 -19.34 14.82 18.84
N ARG A 292 -20.08 13.99 18.11
CA ARG A 292 -19.94 13.91 16.67
C ARG A 292 -20.12 15.25 15.97
N LYS A 293 -21.07 16.07 16.44
CA LYS A 293 -21.35 17.31 15.72
C LYS A 293 -20.09 18.14 15.57
N ASP A 294 -19.31 18.26 16.64
CA ASP A 294 -18.11 19.08 16.58
C ASP A 294 -17.22 18.60 15.46
N LEU A 295 -17.05 17.29 15.36
CA LEU A 295 -16.11 16.78 14.39
C LEU A 295 -16.66 16.98 12.98
N TYR A 296 -17.97 16.82 12.84
CA TYR A 296 -18.65 17.20 11.62
C TYR A 296 -18.37 18.65 11.25
N ALA A 297 -18.24 19.51 12.25
CA ALA A 297 -17.86 20.89 11.99
C ALA A 297 -16.38 21.01 11.67
N ASN A 298 -15.54 20.44 12.52
CA ASN A 298 -14.12 20.70 12.45
C ASN A 298 -13.46 19.52 11.76
N ASN A 299 -13.05 19.73 10.52
CA ASN A 299 -12.52 18.65 9.71
C ASN A 299 -11.33 19.18 8.92
N VAL A 300 -10.20 18.50 9.05
CA VAL A 300 -8.90 19.09 8.79
C VAL A 300 -8.05 18.07 8.06
N MET A 301 -7.23 18.55 7.14
CA MET A 301 -6.56 17.74 6.15
C MET A 301 -5.20 18.35 5.96
N SER A 302 -4.24 17.54 5.53
CA SER A 302 -2.91 18.10 5.35
C SER A 302 -2.09 17.20 4.44
N GLY A 303 -0.97 17.74 4.00
CA GLY A 303 0.13 17.04 3.38
C GLY A 303 -0.16 16.38 2.05
N GLY A 304 0.55 15.28 1.82
CA GLY A 304 0.92 14.88 0.48
C GLY A 304 -0.23 14.74 -0.50
N THR A 305 -1.24 13.97 -0.13
CA THR A 305 -2.36 13.83 -1.05
C THR A 305 -3.15 15.11 -1.16
N THR A 306 -3.33 15.81 -0.04
CA THR A 306 -4.27 16.93 -0.04
C THR A 306 -3.88 18.00 -1.04
N MET A 307 -2.62 18.05 -1.43
CA MET A 307 -2.15 19.03 -2.40
C MET A 307 -3.03 19.11 -3.64
N TYR A 308 -3.57 17.98 -4.08
CA TYR A 308 -4.39 17.97 -5.28
C TYR A 308 -5.50 19.02 -5.21
N PRO A 309 -5.73 19.75 -6.29
CA PRO A 309 -6.94 20.58 -6.38
C PRO A 309 -8.18 19.71 -6.39
N GLY A 310 -9.13 20.04 -5.52
CA GLY A 310 -10.48 19.56 -5.66
C GLY A 310 -10.92 18.57 -4.60
N ILE A 311 -9.99 18.01 -3.83
CA ILE A 311 -10.33 16.96 -2.88
C ILE A 311 -11.47 17.41 -1.98
N ALA A 312 -11.35 18.61 -1.43
CA ALA A 312 -12.32 19.09 -0.45
C ALA A 312 -13.74 19.03 -0.99
N ASP A 313 -13.93 19.32 -2.27
CA ASP A 313 -15.29 19.29 -2.80
C ASP A 313 -15.84 17.89 -2.76
N ARG A 314 -15.11 16.91 -3.30
CA ARG A 314 -15.70 15.60 -3.35
C ARG A 314 -15.82 15.05 -1.93
N MET A 315 -14.93 15.47 -1.04
CA MET A 315 -15.06 15.09 0.36
C MET A 315 -16.42 15.52 0.87
N GLN A 316 -16.78 16.76 0.58
CA GLN A 316 -18.06 17.27 1.05
C GLN A 316 -19.20 16.49 0.42
N LYS A 317 -19.07 16.18 -0.87
CA LYS A 317 -20.05 15.33 -1.51
C LYS A 317 -20.19 13.98 -0.81
N GLU A 318 -19.08 13.40 -0.37
CA GLU A 318 -19.13 12.08 0.23
C GLU A 318 -19.75 12.13 1.62
N ILE A 319 -19.34 13.08 2.43
CA ILE A 319 -19.92 13.17 3.76
C ILE A 319 -21.39 13.57 3.70
N THR A 320 -21.74 14.51 2.83
CA THR A 320 -23.14 14.80 2.59
C THR A 320 -23.90 13.60 2.08
N ALA A 321 -23.24 12.68 1.38
CA ALA A 321 -23.88 11.41 1.11
C ALA A 321 -24.14 10.64 2.40
N LEU A 322 -23.11 10.47 3.22
CA LEU A 322 -23.24 9.51 4.30
C LEU A 322 -23.85 10.12 5.54
N ALA A 323 -23.52 11.36 5.86
CA ALA A 323 -24.16 12.00 6.98
C ALA A 323 -25.66 12.08 6.75
N PRO A 324 -26.46 12.08 7.80
CA PRO A 324 -27.77 12.72 7.70
C PRO A 324 -27.57 14.20 7.39
N SER A 325 -28.10 14.63 6.25
CA SER A 325 -27.79 15.94 5.73
C SER A 325 -28.09 17.04 6.73
N THR A 326 -28.98 16.75 7.69
CA THR A 326 -29.49 17.74 8.62
C THR A 326 -28.39 18.54 9.30
N MET A 327 -27.22 17.96 9.50
CA MET A 327 -26.22 18.59 10.35
C MET A 327 -25.03 19.13 9.55
N LYS A 328 -24.49 20.23 10.07
CA LYS A 328 -23.42 20.99 9.45
C LYS A 328 -22.26 20.10 9.04
N ILE A 329 -21.67 20.43 7.89
CA ILE A 329 -20.43 19.81 7.44
C ILE A 329 -19.58 20.87 6.78
N LYS A 330 -18.28 20.85 7.07
CA LYS A 330 -17.34 21.65 6.30
C LYS A 330 -15.97 21.03 6.47
N ILE A 331 -15.05 21.45 5.61
CA ILE A 331 -13.67 21.01 5.71
C ILE A 331 -12.74 22.20 5.62
N ILE A 332 -11.54 22.03 6.16
CA ILE A 332 -10.50 23.04 6.09
C ILE A 332 -9.47 22.62 5.07
N ALA A 333 -9.00 23.58 4.28
CA ALA A 333 -7.94 23.36 3.29
C ALA A 333 -6.94 24.50 3.39
N PRO A 334 -6.09 24.49 4.40
CA PRO A 334 -5.21 25.61 4.65
C PRO A 334 -4.19 25.77 3.54
N PRO A 335 -3.57 26.94 3.41
CA PRO A 335 -2.60 27.11 2.33
C PRO A 335 -1.37 26.23 2.49
N GLU A 336 -0.91 26.06 3.73
CA GLU A 336 0.45 25.63 4.01
C GLU A 336 0.62 24.13 4.20
N ARG A 337 -0.34 23.33 3.73
CA ARG A 337 -0.57 21.99 4.24
C ARG A 337 0.71 21.15 4.21
N LYS A 338 1.43 21.22 3.11
CA LYS A 338 2.64 20.42 2.96
C LYS A 338 3.69 20.65 4.02
N TYR A 339 3.82 21.87 4.53
CA TYR A 339 4.65 22.12 5.70
C TYR A 339 3.98 21.82 7.05
N SER A 340 2.68 21.55 7.06
CA SER A 340 1.89 21.78 8.26
C SER A 340 2.55 21.08 9.43
N VAL A 341 2.95 19.82 9.22
CA VAL A 341 3.37 18.98 10.31
C VAL A 341 4.51 19.65 11.05
N TRP A 342 5.54 20.02 10.31
CA TRP A 342 6.70 20.58 10.96
C TRP A 342 6.34 21.90 11.59
N ILE A 343 5.38 22.62 11.01
CA ILE A 343 5.00 23.90 11.61
C ILE A 343 4.44 23.64 13.00
N GLY A 344 3.50 22.72 13.07
CA GLY A 344 2.95 22.35 14.35
C GLY A 344 4.04 21.89 15.29
N GLY A 345 4.98 21.11 14.79
CA GLY A 345 6.09 20.69 15.60
C GLY A 345 6.82 21.87 16.19
N SER A 346 6.98 22.93 15.41
CA SER A 346 7.67 24.11 15.92
C SER A 346 6.93 24.67 17.11
N ILE A 347 5.62 24.81 16.97
CA ILE A 347 4.82 25.25 18.12
C ILE A 347 5.04 24.32 19.29
N LEU A 348 4.95 23.02 19.02
CA LEU A 348 5.09 22.01 20.07
C LEU A 348 6.41 22.16 20.80
N ALA A 349 7.44 22.51 20.05
CA ALA A 349 8.77 22.67 20.63
C ALA A 349 8.80 23.89 21.51
N SER A 350 8.01 24.90 21.14
CA SER A 350 8.24 26.23 21.71
C SER A 350 7.93 26.24 23.20
N LEU A 351 6.81 25.64 23.61
CA LEU A 351 6.28 25.92 24.93
C LEU A 351 7.10 25.25 26.02
N SER A 352 7.37 26.02 27.08
CA SER A 352 8.27 25.61 28.15
C SER A 352 7.89 24.29 28.79
N THR A 353 6.60 23.94 28.77
CA THR A 353 6.15 22.66 29.32
C THR A 353 6.91 21.44 28.82
N PHE A 354 7.40 21.44 27.59
CA PHE A 354 8.27 20.35 27.19
C PHE A 354 9.55 20.25 28.01
N GLN A 355 10.03 21.35 28.59
CA GLN A 355 11.10 21.20 29.57
C GLN A 355 10.67 20.26 30.69
N GLN A 356 9.42 20.36 31.12
CA GLN A 356 8.88 19.32 31.98
C GLN A 356 8.85 17.97 31.26
N MET A 357 8.63 17.99 29.94
CA MET A 357 8.20 16.79 29.22
C MET A 357 9.29 16.02 28.51
N TRP A 358 10.37 16.65 28.03
CA TRP A 358 11.35 15.89 27.26
C TRP A 358 11.85 14.68 28.03
N ILE A 359 12.23 13.65 27.29
CA ILE A 359 13.19 12.70 27.82
C ILE A 359 14.53 13.41 27.97
N THR A 360 15.29 13.02 28.99
CA THR A 360 16.67 13.45 29.12
C THR A 360 17.62 12.27 29.11
N LYS A 361 18.89 12.59 28.85
CA LYS A 361 19.93 11.57 28.76
C LYS A 361 19.94 10.73 30.02
N GLN A 362 19.63 11.36 31.16
CA GLN A 362 19.76 10.71 32.44
C GLN A 362 18.92 9.44 32.47
N GLU A 363 17.67 9.55 32.04
CA GLU A 363 16.83 8.36 32.03
C GLU A 363 17.45 7.30 31.13
N TYR A 364 17.91 7.71 29.94
CA TYR A 364 18.47 6.74 29.03
C TYR A 364 19.66 6.04 29.67
N ASP A 365 20.34 6.73 30.58
CA ASP A 365 21.37 6.08 31.37
C ASP A 365 20.73 5.06 32.30
N GLU A 366 19.69 5.46 33.02
CA GLU A 366 19.22 4.71 34.18
C GLU A 366 18.19 3.66 33.81
N ALA A 367 17.65 3.70 32.61
CA ALA A 367 16.70 2.73 32.09
C ALA A 367 16.80 2.76 30.57
N GLY A 368 16.20 1.76 29.93
CA GLY A 368 16.59 1.41 28.60
C GLY A 368 15.89 2.26 27.55
N PRO A 369 15.87 1.78 26.31
CA PRO A 369 14.84 2.21 25.37
C PRO A 369 13.43 2.07 25.88
N SER A 370 13.20 1.15 26.83
CA SER A 370 11.85 0.96 27.37
C SER A 370 11.25 2.27 27.81
N ILE A 371 12.08 3.21 28.24
CA ILE A 371 11.63 4.49 28.77
C ILE A 371 10.62 5.12 27.82
N VAL A 372 10.95 5.14 26.55
CA VAL A 372 10.15 5.88 25.58
C VAL A 372 8.71 5.47 25.72
N HIS A 373 8.46 4.17 25.75
CA HIS A 373 7.14 3.72 25.39
C HIS A 373 6.17 4.04 26.51
N ARG A 374 6.67 4.09 27.75
CA ARG A 374 5.91 4.78 28.78
C ARG A 374 5.81 6.26 28.48
N LYS A 375 6.94 6.92 28.24
CA LYS A 375 7.00 8.35 28.50
C LYS A 375 6.22 9.13 27.45
N CYS A 376 6.38 8.78 26.19
CA CYS A 376 5.61 9.43 25.13
C CYS A 376 4.33 8.67 24.89
N PHE A 377 3.41 9.30 24.15
CA PHE A 377 2.37 8.53 23.50
C PHE A 377 3.02 7.60 22.50
N THR B 7 -42.95 -37.66 12.31
CA THR B 7 -41.76 -36.89 11.95
C THR B 7 -40.89 -36.54 13.14
N THR B 8 -40.03 -35.56 12.93
CA THR B 8 -38.84 -35.36 13.75
C THR B 8 -38.54 -33.87 13.71
N ALA B 9 -37.68 -33.43 14.61
CA ALA B 9 -37.61 -32.01 14.93
C ALA B 9 -36.17 -31.55 14.86
N LEU B 10 -35.97 -30.36 14.32
CA LEU B 10 -34.68 -29.95 13.78
C LEU B 10 -34.37 -28.57 14.30
N VAL B 11 -33.10 -28.31 14.60
CA VAL B 11 -32.73 -27.05 15.20
C VAL B 11 -31.55 -26.43 14.47
N CYS B 12 -31.72 -25.18 14.08
CA CYS B 12 -30.62 -24.34 13.63
C CYS B 12 -30.13 -23.52 14.80
N ASP B 13 -28.82 -23.49 14.99
CA ASP B 13 -28.21 -22.41 15.76
C ASP B 13 -27.78 -21.33 14.79
N ASN B 14 -28.28 -20.12 14.99
CA ASN B 14 -27.75 -18.93 14.34
C ASN B 14 -27.17 -17.93 15.32
N GLY B 15 -26.83 -18.37 16.52
CA GLY B 15 -25.79 -17.68 17.25
C GLY B 15 -24.61 -17.57 16.30
N SER B 16 -24.03 -16.40 16.21
CA SER B 16 -23.17 -16.11 15.07
C SER B 16 -21.81 -16.73 15.31
N GLY B 17 -20.94 -16.60 14.32
CA GLY B 17 -19.85 -17.54 14.23
C GLY B 17 -20.34 -18.75 13.47
N LEU B 18 -19.64 -19.85 13.63
CA LEU B 18 -20.06 -21.02 12.89
C LEU B 18 -21.45 -21.46 13.34
N VAL B 19 -22.19 -22.00 12.40
CA VAL B 19 -23.64 -22.16 12.50
C VAL B 19 -23.98 -23.62 12.59
N LYS B 20 -24.90 -23.95 13.49
CA LYS B 20 -24.94 -25.28 14.07
C LYS B 20 -26.35 -25.81 13.86
N ALA B 21 -26.43 -27.02 13.33
CA ALA B 21 -27.71 -27.54 12.87
C ALA B 21 -27.74 -29.05 12.97
N GLY B 22 -28.86 -29.58 13.45
CA GLY B 22 -28.91 -30.98 13.79
C GLY B 22 -30.26 -31.43 14.31
N PHE B 23 -30.57 -32.70 14.13
CA PHE B 23 -31.86 -33.20 14.53
C PHE B 23 -31.91 -33.35 16.05
N ALA B 24 -33.14 -33.37 16.57
CA ALA B 24 -33.32 -33.69 17.97
C ALA B 24 -32.77 -35.07 18.27
N GLY B 25 -31.86 -35.14 19.22
CA GLY B 25 -31.53 -36.38 19.89
C GLY B 25 -30.20 -36.98 19.48
N ASP B 26 -29.66 -36.61 18.33
CA ASP B 26 -28.23 -36.73 18.15
C ASP B 26 -27.50 -35.94 19.23
N ASP B 27 -26.35 -36.47 19.63
CA ASP B 27 -25.55 -35.83 20.67
C ASP B 27 -24.90 -34.55 20.20
N ALA B 28 -24.63 -34.42 18.91
CA ALA B 28 -23.92 -33.25 18.41
C ALA B 28 -24.32 -33.03 16.97
N PRO B 29 -24.34 -31.79 16.49
CA PRO B 29 -24.92 -31.51 15.18
C PRO B 29 -24.10 -32.15 14.08
N ARG B 30 -24.79 -32.38 12.95
CA ARG B 30 -24.19 -33.16 11.88
C ARG B 30 -22.97 -32.46 11.29
N ALA B 31 -23.08 -31.17 11.05
CA ALA B 31 -21.95 -30.36 10.61
C ALA B 31 -22.29 -28.90 10.83
N VAL B 32 -21.32 -28.04 10.52
CA VAL B 32 -21.25 -26.71 11.10
C VAL B 32 -20.59 -25.79 10.09
N PHE B 33 -21.09 -24.55 10.01
CA PHE B 33 -20.71 -23.67 8.95
C PHE B 33 -20.50 -22.27 9.50
N PRO B 34 -19.53 -21.54 8.98
CA PRO B 34 -19.09 -20.32 9.65
C PRO B 34 -20.16 -19.25 9.65
N SER B 35 -21.09 -19.31 8.71
CA SER B 35 -21.90 -18.18 8.29
C SER B 35 -21.09 -17.05 7.69
N ILE B 36 -19.91 -17.33 7.16
CA ILE B 36 -19.34 -16.42 6.20
C ILE B 36 -20.28 -16.33 5.01
N VAL B 37 -20.41 -15.14 4.45
CA VAL B 37 -20.79 -15.00 3.06
C VAL B 37 -19.79 -14.13 2.37
N GLY B 38 -19.54 -14.44 1.10
CA GLY B 38 -18.45 -13.83 0.37
C GLY B 38 -18.82 -13.77 -1.10
N ARG B 39 -18.24 -12.82 -1.78
CA ARG B 39 -18.56 -12.70 -3.19
C ARG B 39 -17.29 -12.42 -3.98
N PRO B 40 -17.32 -12.54 -5.29
CA PRO B 40 -16.11 -12.31 -6.08
C PRO B 40 -15.58 -10.90 -5.85
N ARG B 41 -14.30 -10.75 -6.09
CA ARG B 41 -13.66 -9.45 -6.02
C ARG B 41 -12.98 -9.07 -7.31
N HIS B 42 -12.81 -9.99 -8.24
CA HIS B 42 -11.95 -9.75 -9.37
C HIS B 42 -12.62 -10.25 -10.64
N GLN B 43 -12.25 -9.64 -11.75
CA GLN B 43 -12.72 -10.10 -13.05
C GLN B 43 -12.50 -11.60 -13.18
N GLY B 44 -13.51 -12.30 -13.66
CA GLY B 44 -13.39 -13.73 -13.84
C GLY B 44 -12.81 -14.02 -15.21
N VAL B 45 -11.61 -14.59 -15.20
CA VAL B 45 -10.75 -14.54 -16.37
C VAL B 45 -10.40 -15.90 -16.92
N MET B 46 -10.61 -16.98 -16.18
CA MET B 46 -10.85 -18.25 -16.84
C MET B 46 -12.29 -18.24 -17.32
N VAL B 47 -12.47 -18.11 -18.63
CA VAL B 47 -13.76 -18.34 -19.25
C VAL B 47 -14.21 -19.77 -19.11
N GLY B 48 -13.27 -20.71 -19.01
CA GLY B 48 -13.66 -22.07 -18.69
C GLY B 48 -14.39 -22.21 -17.36
N MET B 49 -14.04 -21.37 -16.39
CA MET B 49 -14.72 -21.43 -15.10
C MET B 49 -16.20 -21.08 -15.26
N GLY B 50 -17.06 -21.85 -14.58
CA GLY B 50 -18.40 -21.37 -14.32
C GLY B 50 -18.33 -20.30 -13.25
N GLN B 51 -18.91 -19.13 -13.52
CA GLN B 51 -19.04 -18.14 -12.47
C GLN B 51 -20.27 -18.41 -11.64
N LYS B 52 -20.05 -18.69 -10.36
CA LYS B 52 -21.06 -18.64 -9.32
C LYS B 52 -20.77 -17.42 -8.47
N ASP B 53 -21.78 -16.64 -8.17
CA ASP B 53 -21.55 -15.29 -7.70
C ASP B 53 -21.61 -15.17 -6.18
N SER B 54 -21.96 -16.24 -5.48
CA SER B 54 -22.12 -16.18 -4.04
C SER B 54 -21.65 -17.48 -3.41
N TYR B 55 -21.00 -17.37 -2.26
CA TYR B 55 -20.37 -18.52 -1.63
C TYR B 55 -20.43 -18.40 -0.12
N VAL B 56 -20.55 -19.57 0.50
CA VAL B 56 -20.96 -19.72 1.88
C VAL B 56 -20.25 -20.96 2.38
N GLY B 57 -20.00 -21.05 3.66
CA GLY B 57 -19.66 -22.33 4.21
C GLY B 57 -18.22 -22.67 3.89
N ASP B 58 -17.82 -23.87 4.31
CA ASP B 58 -16.45 -24.30 4.09
C ASP B 58 -16.05 -24.15 2.63
N GLU B 59 -17.02 -24.20 1.72
CA GLU B 59 -16.74 -23.93 0.32
C GLU B 59 -16.06 -22.57 0.20
N ALA B 60 -16.67 -21.56 0.79
CA ALA B 60 -16.04 -20.25 0.84
C ALA B 60 -14.76 -20.29 1.64
N GLN B 61 -14.78 -21.00 2.76
CA GLN B 61 -13.62 -21.08 3.64
C GLN B 61 -12.38 -21.55 2.92
N SER B 62 -12.56 -22.41 1.91
CA SER B 62 -11.44 -22.78 1.05
C SER B 62 -11.10 -21.65 0.11
N LYS B 63 -12.09 -21.14 -0.59
CA LYS B 63 -11.98 -20.27 -1.74
C LYS B 63 -11.53 -18.87 -1.38
N ARG B 64 -11.37 -18.59 -0.08
CA ARG B 64 -11.53 -17.25 0.45
C ARG B 64 -10.82 -16.20 -0.38
N GLY B 65 -9.59 -16.48 -0.78
CA GLY B 65 -8.63 -15.40 -1.00
C GLY B 65 -9.13 -14.32 -1.94
N ILE B 66 -9.68 -14.72 -3.08
CA ILE B 66 -10.35 -13.75 -3.96
C ILE B 66 -11.76 -13.38 -3.55
N LEU B 67 -12.47 -14.24 -2.84
CA LEU B 67 -13.69 -13.77 -2.21
C LEU B 67 -13.38 -12.71 -1.16
N THR B 68 -14.35 -11.84 -0.92
CA THR B 68 -14.29 -11.00 0.27
C THR B 68 -15.57 -11.17 1.06
N LEU B 69 -15.42 -10.99 2.34
CA LEU B 69 -16.42 -11.40 3.30
C LEU B 69 -17.40 -10.28 3.59
N LYS B 70 -18.66 -10.66 3.73
CA LYS B 70 -19.56 -9.86 4.53
C LYS B 70 -19.86 -10.78 5.69
N TYR B 71 -20.27 -10.20 6.80
CA TYR B 71 -20.42 -11.01 7.99
C TYR B 71 -21.84 -10.73 8.44
N PRO B 72 -22.77 -11.67 8.24
CA PRO B 72 -24.17 -11.30 8.12
C PRO B 72 -24.87 -11.06 9.43
N ILE B 73 -24.18 -11.27 10.54
CA ILE B 73 -24.71 -10.93 11.86
C ILE B 73 -23.73 -9.97 12.50
N GLU B 74 -24.15 -8.72 12.65
CA GLU B 74 -23.56 -7.86 13.65
C GLU B 74 -24.29 -7.97 14.97
N GLY B 76 -25.19 -10.00 17.36
CA GLY B 76 -26.34 -10.86 17.30
C GLY B 76 -27.59 -10.51 16.51
N ILE B 77 -27.75 -9.28 16.05
CA ILE B 77 -28.89 -8.97 15.18
C ILE B 77 -28.49 -9.19 13.73
N ILE B 78 -29.29 -10.00 13.03
CA ILE B 78 -28.90 -10.44 11.70
C ILE B 78 -29.11 -9.29 10.72
N THR B 79 -28.06 -8.93 10.00
CA THR B 79 -28.01 -7.60 9.43
C THR B 79 -28.77 -7.51 8.11
N ASN B 80 -28.63 -8.50 7.23
CA ASN B 80 -29.06 -8.34 5.84
C ASN B 80 -29.72 -9.61 5.33
N TRP B 81 -31.01 -9.53 5.06
CA TRP B 81 -31.84 -10.72 5.05
C TRP B 81 -31.46 -11.66 3.94
N ASP B 82 -31.31 -11.15 2.71
CA ASP B 82 -31.09 -12.05 1.59
C ASP B 82 -29.83 -12.88 1.78
N ASP B 83 -28.82 -12.31 2.42
CA ASP B 83 -27.65 -13.09 2.74
C ASP B 83 -28.03 -14.23 3.68
N MET B 84 -28.82 -13.91 4.72
CA MET B 84 -29.26 -14.96 5.61
C MET B 84 -29.92 -16.04 4.81
N GLU B 85 -30.77 -15.64 3.88
CA GLU B 85 -31.57 -16.58 3.12
C GLU B 85 -30.65 -17.51 2.34
N LYS B 86 -29.56 -16.95 1.82
CA LYS B 86 -28.58 -17.81 1.18
C LYS B 86 -28.06 -18.81 2.17
N ILE B 87 -27.65 -18.33 3.34
CA ILE B 87 -26.98 -19.20 4.30
C ILE B 87 -27.93 -20.32 4.65
N TRP B 88 -29.14 -19.94 4.95
CA TRP B 88 -30.12 -20.80 5.56
C TRP B 88 -30.50 -21.87 4.54
N HIS B 89 -30.78 -21.41 3.32
CA HIS B 89 -31.17 -22.28 2.24
C HIS B 89 -30.08 -23.30 2.01
N HIS B 90 -28.85 -22.81 1.91
CA HIS B 90 -27.73 -23.68 1.64
C HIS B 90 -27.66 -24.74 2.71
N THR B 91 -27.72 -24.32 3.97
CA THR B 91 -27.47 -25.28 5.03
C THR B 91 -28.48 -26.40 4.97
N PHE B 92 -29.77 -26.05 4.82
CA PHE B 92 -30.77 -27.12 4.74
C PHE B 92 -30.44 -28.04 3.59
N TYR B 93 -30.32 -27.50 2.39
CA TYR B 93 -30.38 -28.39 1.25
C TYR B 93 -29.09 -29.16 1.14
N ASN B 94 -27.97 -28.44 1.26
CA ASN B 94 -26.68 -29.05 1.00
C ASN B 94 -26.25 -29.96 2.14
N GLU B 95 -26.23 -29.48 3.39
CA GLU B 95 -25.88 -30.46 4.41
C GLU B 95 -27.02 -31.41 4.70
N LEU B 96 -28.18 -30.86 5.00
CA LEU B 96 -29.17 -31.64 5.72
C LEU B 96 -29.93 -32.60 4.84
N ARG B 97 -30.01 -32.31 3.55
CA ARG B 97 -30.86 -33.07 2.65
C ARG B 97 -32.25 -33.14 3.25
N VAL B 98 -32.79 -31.98 3.60
CA VAL B 98 -34.06 -31.89 4.31
C VAL B 98 -34.98 -30.90 3.60
N ALA B 99 -36.27 -31.19 3.62
CA ALA B 99 -37.19 -30.34 2.91
C ALA B 99 -38.05 -29.59 3.92
N PRO B 100 -38.40 -28.33 3.64
CA PRO B 100 -38.87 -27.45 4.72
C PRO B 100 -40.16 -27.92 5.35
N GLU B 101 -41.00 -28.61 4.60
CA GLU B 101 -42.21 -29.16 5.17
C GLU B 101 -41.93 -30.19 6.25
N GLU B 102 -40.71 -30.73 6.30
CA GLU B 102 -40.54 -32.05 6.87
C GLU B 102 -40.61 -32.05 8.39
N HIS B 103 -40.27 -30.94 9.03
CA HIS B 103 -40.05 -30.91 10.46
C HIS B 103 -40.42 -29.55 11.00
N PRO B 104 -40.66 -29.44 12.30
CA PRO B 104 -40.45 -28.16 12.98
C PRO B 104 -38.98 -27.78 13.00
N THR B 105 -38.75 -26.48 13.08
CA THR B 105 -37.43 -25.89 13.11
C THR B 105 -37.35 -24.87 14.23
N LEU B 106 -36.22 -24.82 14.90
CA LEU B 106 -36.12 -24.19 16.20
C LEU B 106 -35.02 -23.16 16.11
N LEU B 107 -35.29 -21.99 16.66
CA LEU B 107 -34.44 -20.83 16.46
C LEU B 107 -33.91 -20.30 17.76
N THR B 108 -32.71 -19.74 17.69
CA THR B 108 -31.90 -19.53 18.86
C THR B 108 -31.49 -18.08 18.84
N GLU B 109 -31.79 -17.37 19.92
CA GLU B 109 -31.86 -15.93 19.83
C GLU B 109 -31.03 -15.31 20.93
N ALA B 110 -30.31 -14.27 20.60
CA ALA B 110 -29.91 -13.31 21.60
C ALA B 110 -31.14 -12.82 22.36
N PRO B 111 -31.09 -12.73 23.68
CA PRO B 111 -32.20 -12.15 24.42
C PRO B 111 -32.19 -10.64 24.33
N LEU B 112 -33.34 -10.07 24.67
CA LEU B 112 -33.49 -8.63 24.85
C LEU B 112 -32.91 -7.84 23.70
N ASN B 113 -33.31 -8.20 22.49
CA ASN B 113 -32.75 -7.46 21.37
C ASN B 113 -33.85 -7.25 20.33
N PRO B 114 -33.66 -6.40 19.34
CA PRO B 114 -34.81 -5.74 18.71
C PRO B 114 -35.78 -6.70 18.05
N LYS B 115 -37.07 -6.35 18.13
CA LYS B 115 -38.15 -7.23 17.71
C LYS B 115 -37.97 -7.72 16.28
N ALA B 116 -37.40 -6.85 15.43
CA ALA B 116 -37.40 -7.10 14.00
C ALA B 116 -36.86 -8.48 13.67
N ASN B 117 -35.82 -8.92 14.38
CA ASN B 117 -35.26 -10.21 14.04
C ASN B 117 -36.31 -11.29 14.26
N ARG B 118 -37.10 -11.18 15.32
CA ARG B 118 -38.18 -12.13 15.50
C ARG B 118 -39.13 -12.07 14.32
N GLU B 119 -39.63 -10.87 14.03
CA GLU B 119 -40.78 -10.79 13.15
C GLU B 119 -40.41 -11.23 11.73
N LYS B 120 -39.34 -10.67 11.17
CA LYS B 120 -38.92 -11.13 9.86
C LYS B 120 -38.48 -12.59 9.86
N MET B 121 -37.76 -13.05 10.88
CA MET B 121 -37.33 -14.44 10.84
C MET B 121 -38.54 -15.34 10.64
N THR B 122 -39.55 -15.13 11.46
CA THR B 122 -40.75 -15.94 11.31
C THR B 122 -41.39 -15.71 9.96
N GLN B 123 -41.42 -14.45 9.51
CA GLN B 123 -42.14 -14.17 8.27
C GLN B 123 -41.52 -14.98 7.14
N ILE B 124 -40.20 -14.91 7.03
CA ILE B 124 -39.48 -15.63 6.00
C ILE B 124 -39.78 -17.11 6.11
N MET B 125 -39.59 -17.66 7.31
CA MET B 125 -39.56 -19.10 7.43
C MET B 125 -40.95 -19.71 7.26
N PHE B 126 -42.00 -19.00 7.62
CA PHE B 126 -43.32 -19.47 7.24
C PHE B 126 -43.62 -19.24 5.77
N GLU B 127 -43.16 -18.12 5.21
CA GLU B 127 -43.50 -17.90 3.80
C GLU B 127 -42.50 -18.54 2.83
N THR B 128 -41.21 -18.26 2.99
CA THR B 128 -40.26 -18.62 1.93
C THR B 128 -40.04 -20.12 1.95
N PHE B 129 -39.74 -20.62 3.13
CA PHE B 129 -39.95 -22.00 3.48
C PHE B 129 -41.34 -22.07 4.08
N ASN B 130 -41.97 -23.22 3.97
CA ASN B 130 -43.26 -23.40 4.61
C ASN B 130 -43.16 -24.60 5.52
N VAL B 131 -43.22 -24.36 6.82
CA VAL B 131 -42.57 -25.24 7.78
C VAL B 131 -43.47 -25.47 8.98
N PRO B 132 -43.63 -26.72 9.43
CA PRO B 132 -44.73 -27.04 10.33
C PRO B 132 -44.77 -26.19 11.58
N ALA B 133 -43.63 -25.98 12.23
CA ALA B 133 -43.64 -25.31 13.52
C ALA B 133 -42.36 -24.52 13.75
N MET B 134 -42.52 -23.39 14.42
CA MET B 134 -41.45 -22.43 14.64
C MET B 134 -41.40 -22.11 16.12
N TYR B 135 -40.20 -21.89 16.62
CA TYR B 135 -40.03 -21.40 17.98
C TYR B 135 -38.75 -20.59 18.07
N VAL B 136 -38.77 -19.62 18.96
CA VAL B 136 -37.59 -18.82 19.24
C VAL B 136 -37.38 -18.87 20.73
N ALA B 137 -36.15 -19.15 21.14
CA ALA B 137 -35.85 -19.48 22.51
C ALA B 137 -34.60 -18.73 22.93
N ILE B 138 -34.55 -18.34 24.17
CA ILE B 138 -33.47 -17.51 24.64
C ILE B 138 -32.33 -18.38 25.13
N GLN B 139 -31.12 -17.94 24.81
CA GLN B 139 -29.95 -18.80 24.88
C GLN B 139 -29.84 -19.44 26.25
N ALA B 140 -29.96 -18.62 27.30
CA ALA B 140 -29.65 -19.08 28.64
C ALA B 140 -30.51 -20.27 29.01
N VAL B 141 -31.75 -20.28 28.54
CA VAL B 141 -32.65 -21.37 28.88
C VAL B 141 -32.06 -22.68 28.37
N LEU B 142 -31.66 -22.69 27.12
CA LEU B 142 -31.04 -23.88 26.58
C LEU B 142 -29.79 -24.22 27.36
N SER B 143 -29.00 -23.20 27.68
CA SER B 143 -27.74 -23.44 28.35
C SER B 143 -27.98 -24.16 29.66
N LEU B 144 -29.01 -23.75 30.38
CA LEU B 144 -29.35 -24.48 31.58
C LEU B 144 -29.76 -25.90 31.27
N TYR B 145 -30.67 -26.08 30.32
CA TYR B 145 -31.17 -27.44 30.14
C TYR B 145 -30.02 -28.38 29.87
N ALA B 146 -29.11 -27.97 29.00
CA ALA B 146 -28.01 -28.85 28.68
C ALA B 146 -27.15 -29.02 29.91
N SER B 147 -26.83 -27.92 30.58
CA SER B 147 -25.99 -28.04 31.75
C SER B 147 -26.70 -28.67 32.92
N GLY B 148 -28.04 -28.76 32.86
CA GLY B 148 -28.83 -29.49 33.82
C GLY B 148 -28.64 -29.04 35.27
N ARG B 149 -28.81 -27.75 35.54
CA ARG B 149 -29.03 -27.27 36.90
C ARG B 149 -30.12 -26.22 36.85
N THR B 150 -31.26 -26.49 37.46
CA THR B 150 -32.44 -25.69 37.15
C THR B 150 -32.24 -24.23 37.51
N THR B 151 -31.49 -23.95 38.56
CA THR B 151 -31.06 -22.59 38.81
C THR B 151 -29.82 -22.28 37.97
N GLY B 152 -29.56 -21.00 37.77
CA GLY B 152 -28.21 -20.60 37.49
C GLY B 152 -28.09 -19.16 37.02
N ILE B 153 -26.86 -18.82 36.67
CA ILE B 153 -26.52 -17.63 35.91
C ILE B 153 -25.66 -18.10 34.76
N VAL B 154 -25.83 -17.48 33.61
CA VAL B 154 -25.12 -17.92 32.43
C VAL B 154 -24.32 -16.76 31.88
N LEU B 155 -23.13 -17.08 31.41
CA LEU B 155 -22.35 -16.23 30.54
C LEU B 155 -22.09 -17.03 29.28
N ASP B 156 -22.53 -16.52 28.15
CA ASP B 156 -22.13 -17.15 26.90
C ASP B 156 -21.95 -16.07 25.85
N SER B 157 -20.70 -15.91 25.44
CA SER B 157 -20.25 -14.76 24.69
C SER B 157 -19.80 -15.30 23.35
N GLY B 158 -20.63 -15.21 22.34
CA GLY B 158 -20.28 -15.93 21.15
C GLY B 158 -19.44 -15.09 20.24
N ASP B 159 -19.65 -15.30 18.95
CA ASP B 159 -19.41 -14.25 17.98
C ASP B 159 -20.13 -12.97 18.38
N GLY B 160 -21.33 -13.12 18.95
CA GLY B 160 -22.21 -12.01 19.17
C GLY B 160 -22.54 -11.74 20.63
N VAL B 161 -23.49 -10.84 20.82
CA VAL B 161 -23.66 -10.08 22.05
C VAL B 161 -23.76 -10.99 23.27
N THR B 162 -23.15 -10.55 24.37
CA THR B 162 -22.64 -11.39 25.43
C THR B 162 -23.53 -11.20 26.66
N HIS B 163 -23.74 -12.28 27.41
CA HIS B 163 -24.97 -12.34 28.17
C HIS B 163 -24.70 -12.55 29.64
N ASN B 164 -25.53 -11.94 30.47
CA ASN B 164 -25.81 -12.50 31.78
C ASN B 164 -27.31 -12.57 31.93
N VAL B 165 -27.81 -13.77 32.23
CA VAL B 165 -29.15 -13.93 32.75
C VAL B 165 -29.00 -14.81 33.98
N PRO B 166 -29.39 -14.36 35.16
CA PRO B 166 -29.75 -15.33 36.18
C PRO B 166 -31.06 -15.95 35.75
N ILE B 167 -31.13 -17.26 35.76
CA ILE B 167 -32.38 -17.96 35.84
C ILE B 167 -32.49 -18.61 37.20
N TYR B 168 -33.57 -18.33 37.91
CA TYR B 168 -33.85 -19.20 39.02
C TYR B 168 -34.58 -20.40 38.48
N GLU B 169 -34.52 -21.50 39.23
CA GLU B 169 -35.33 -22.63 38.85
C GLU B 169 -36.72 -22.17 38.46
N GLY B 170 -37.12 -22.59 37.28
CA GLY B 170 -38.42 -22.35 36.69
C GLY B 170 -38.82 -20.93 36.38
N TYR B 171 -37.95 -19.92 36.48
CA TYR B 171 -38.42 -18.58 36.19
C TYR B 171 -37.30 -17.65 35.75
N ALA B 172 -37.73 -16.59 35.06
CA ALA B 172 -36.92 -15.48 34.57
C ALA B 172 -36.94 -14.30 35.54
N LEU B 173 -35.86 -13.52 35.50
CA LEU B 173 -35.77 -12.26 36.24
C LEU B 173 -35.41 -11.15 35.27
N PRO B 174 -36.26 -10.91 34.28
CA PRO B 174 -35.84 -10.08 33.12
C PRO B 174 -35.29 -8.73 33.46
N HIS B 175 -35.65 -8.15 34.59
CA HIS B 175 -34.96 -6.95 35.04
C HIS B 175 -33.48 -7.20 35.26
N ALA B 176 -33.15 -8.42 35.70
CA ALA B 176 -31.80 -8.77 36.11
C ALA B 176 -30.79 -8.69 34.98
N ILE B 177 -31.19 -8.67 33.76
CA ILE B 177 -30.37 -9.21 32.69
C ILE B 177 -29.44 -8.12 32.22
N MET B 178 -28.23 -8.50 31.85
CA MET B 178 -27.30 -7.55 31.26
C MET B 178 -26.80 -8.05 29.91
N ARG B 179 -26.60 -7.10 29.01
CA ARG B 179 -26.38 -7.37 27.61
C ARG B 179 -25.25 -6.49 27.10
N LEU B 180 -24.22 -7.10 26.51
CA LEU B 180 -23.01 -6.36 26.21
C LEU B 180 -22.48 -6.72 24.84
N ASP B 181 -22.01 -5.72 24.11
CA ASP B 181 -21.28 -5.91 22.85
C ASP B 181 -19.79 -5.96 23.15
N LEU B 182 -19.33 -7.13 23.55
CA LEU B 182 -17.91 -7.37 23.79
C LEU B 182 -17.45 -8.67 23.16
N ALA B 183 -18.24 -9.22 22.25
CA ALA B 183 -18.06 -10.60 21.87
C ALA B 183 -16.79 -10.79 21.05
N GLY B 184 -16.41 -12.05 20.87
CA GLY B 184 -15.07 -12.37 20.45
C GLY B 184 -14.69 -11.73 19.14
N ARG B 185 -15.67 -11.48 18.27
CA ARG B 185 -15.38 -10.84 17.00
C ARG B 185 -14.69 -9.51 17.21
N ASP B 186 -15.33 -8.63 17.99
CA ASP B 186 -14.77 -7.31 18.19
C ASP B 186 -13.42 -7.42 18.88
N LEU B 187 -13.31 -8.36 19.81
CA LEU B 187 -12.03 -8.61 20.45
C LEU B 187 -10.98 -8.93 19.41
N THR B 188 -11.32 -9.79 18.49
CA THR B 188 -10.35 -10.21 17.48
C THR B 188 -9.92 -9.02 16.66
N ASP B 189 -10.85 -8.14 16.35
CA ASP B 189 -10.45 -6.98 15.56
C ASP B 189 -9.57 -6.04 16.37
N TYR B 190 -9.75 -6.01 17.68
CA TYR B 190 -8.77 -5.36 18.55
C TYR B 190 -7.40 -6.04 18.45
N LEU B 191 -7.40 -7.35 18.24
CA LEU B 191 -6.11 -8.04 18.24
C LEU B 191 -5.16 -7.40 17.25
N MET B 192 -5.65 -7.04 16.08
CA MET B 192 -4.76 -6.51 15.06
C MET B 192 -4.12 -5.21 15.52
N LYS B 193 -4.91 -4.36 16.18
CA LYS B 193 -4.36 -3.10 16.68
C LYS B 193 -3.33 -3.34 17.76
N ILE B 194 -3.40 -4.48 18.44
CA ILE B 194 -2.18 -4.89 19.14
C ILE B 194 -1.10 -5.29 18.16
N LEU B 195 -1.44 -6.19 17.25
CA LEU B 195 -0.43 -7.06 16.65
C LEU B 195 0.53 -6.25 15.82
N THR B 196 0.05 -5.17 15.23
CA THR B 196 0.95 -4.32 14.46
C THR B 196 2.08 -3.76 15.30
N GLU B 197 2.03 -3.84 16.63
CA GLU B 197 3.21 -3.50 17.40
C GLU B 197 4.39 -4.35 16.96
N ARG B 198 4.23 -5.66 16.96
CA ARG B 198 5.23 -6.49 16.31
C ARG B 198 5.20 -6.32 14.81
N GLY B 199 4.05 -5.95 14.27
CA GLY B 199 4.06 -5.36 12.95
C GLY B 199 4.36 -6.41 11.92
N TYR B 200 3.73 -7.55 12.05
CA TYR B 200 3.45 -8.43 10.94
C TYR B 200 1.97 -8.15 10.76
N SER B 201 1.60 -7.61 9.63
CA SER B 201 0.38 -6.82 9.70
C SER B 201 -0.38 -6.86 8.39
N PHE B 202 -1.68 -7.03 8.54
CA PHE B 202 -2.59 -7.40 7.48
C PHE B 202 -3.99 -6.99 7.87
N VAL B 203 -4.68 -6.26 6.99
CA VAL B 203 -6.10 -6.02 7.20
C VAL B 203 -6.82 -6.21 5.87
N THR B 204 -7.78 -7.13 5.87
CA THR B 204 -8.86 -7.40 4.92
C THR B 204 -9.72 -8.41 5.65
N THR B 205 -10.85 -8.75 5.07
CA THR B 205 -11.77 -9.60 5.80
C THR B 205 -11.16 -10.98 6.00
N ALA B 206 -10.68 -11.59 4.92
CA ALA B 206 -10.12 -12.93 5.06
C ALA B 206 -8.95 -12.87 6.02
N GLU B 207 -8.19 -11.81 5.95
CA GLU B 207 -7.04 -11.68 6.80
C GLU B 207 -7.49 -11.61 8.24
N ARG B 208 -8.60 -10.92 8.50
CA ARG B 208 -9.11 -10.92 9.86
C ARG B 208 -9.52 -12.31 10.32
N GLU B 209 -10.15 -13.09 9.46
CA GLU B 209 -10.46 -14.42 9.97
C GLU B 209 -9.21 -15.24 10.23
N ILE B 210 -8.11 -14.96 9.52
CA ILE B 210 -6.88 -15.70 9.83
C ILE B 210 -6.51 -15.60 11.30
N VAL B 211 -6.78 -14.44 11.89
CA VAL B 211 -6.56 -14.24 13.31
C VAL B 211 -7.30 -15.26 14.16
N ARG B 212 -8.53 -15.60 13.77
CA ARG B 212 -9.30 -16.56 14.55
C ARG B 212 -8.49 -17.81 14.89
N ASP B 213 -7.72 -18.31 13.93
CA ASP B 213 -6.91 -19.48 14.23
C ASP B 213 -5.95 -19.19 15.37
N ILE B 214 -5.27 -18.03 15.31
CA ILE B 214 -4.33 -17.70 16.37
C ILE B 214 -5.04 -17.63 17.70
N LYS B 215 -6.28 -17.15 17.71
CA LYS B 215 -7.03 -17.14 18.95
C LYS B 215 -7.31 -18.54 19.43
N GLU B 216 -7.46 -19.48 18.50
CA GLU B 216 -7.54 -20.87 18.91
C GLU B 216 -6.26 -21.30 19.59
N LYS B 217 -5.14 -21.17 18.91
CA LYS B 217 -3.96 -21.87 19.36
C LYS B 217 -3.27 -21.17 20.53
N LEU B 218 -2.97 -19.89 20.35
CA LEU B 218 -1.92 -19.27 21.12
C LEU B 218 -2.40 -18.55 22.38
N CYS B 219 -3.70 -18.39 22.57
CA CYS B 219 -4.16 -17.58 23.69
C CYS B 219 -4.29 -18.39 24.96
N TYR B 220 -4.17 -17.69 26.09
CA TYR B 220 -4.57 -18.19 27.39
C TYR B 220 -4.77 -17.00 28.32
N VAL B 221 -5.53 -17.22 29.38
CA VAL B 221 -6.07 -16.13 30.16
C VAL B 221 -5.08 -15.71 31.24
N ALA B 222 -4.95 -14.40 31.42
CA ALA B 222 -4.12 -13.87 32.49
C ALA B 222 -4.66 -14.30 33.83
N LEU B 223 -3.83 -14.95 34.64
CA LEU B 223 -4.23 -15.21 36.02
C LEU B 223 -4.17 -13.92 36.84
N ASP B 224 -3.06 -13.20 36.76
CA ASP B 224 -2.91 -11.88 37.36
C ASP B 224 -2.11 -11.02 36.39
N PHE B 225 -2.58 -9.80 36.17
CA PHE B 225 -2.07 -9.04 35.04
C PHE B 225 -0.68 -8.49 35.33
N GLU B 226 -0.52 -7.83 36.48
CA GLU B 226 0.78 -7.31 36.86
C GLU B 226 1.81 -8.44 36.88
N ASN B 227 1.50 -9.51 37.59
CA ASN B 227 2.48 -10.56 37.79
C ASN B 227 2.88 -11.15 36.46
N GLU B 228 1.91 -11.32 35.57
CA GLU B 228 2.23 -11.79 34.24
C GLU B 228 3.18 -10.85 33.55
N MET B 229 2.95 -9.53 33.66
CA MET B 229 3.91 -8.59 33.08
C MET B 229 5.31 -8.77 33.68
N ALA B 230 5.37 -9.10 34.97
CA ALA B 230 6.68 -9.30 35.58
C ALA B 230 7.37 -10.50 34.97
N THR B 231 6.62 -11.57 34.76
CA THR B 231 7.17 -12.70 34.02
C THR B 231 7.53 -12.31 32.61
N ALA B 232 6.78 -11.37 32.01
CA ALA B 232 7.07 -10.93 30.66
C ALA B 232 8.45 -10.29 30.60
N ALA B 233 8.81 -9.60 31.67
CA ALA B 233 10.15 -9.06 31.76
C ALA B 233 11.15 -10.18 31.99
N SER B 234 10.75 -11.20 32.74
CA SER B 234 11.67 -12.30 33.03
C SER B 234 11.86 -13.26 31.87
N SER B 235 10.79 -13.66 31.17
CA SER B 235 10.80 -14.96 30.51
C SER B 235 10.31 -14.88 29.07
N SER B 236 10.69 -15.90 28.30
CA SER B 236 10.19 -16.11 26.95
C SER B 236 9.21 -17.27 26.79
N SER B 237 8.96 -18.06 27.84
CA SER B 237 7.91 -19.07 27.74
C SER B 237 6.58 -18.44 27.37
N LEU B 238 6.40 -17.18 27.75
CA LEU B 238 5.31 -16.34 27.29
C LEU B 238 5.28 -16.22 25.78
N GLU B 239 6.36 -16.58 25.10
CA GLU B 239 6.53 -16.34 23.69
C GLU B 239 6.62 -17.68 22.98
N LYS B 240 5.82 -17.81 21.93
CA LYS B 240 5.68 -19.03 21.16
C LYS B 240 5.72 -18.72 19.68
N SER B 241 6.04 -19.73 18.89
CA SER B 241 6.37 -19.58 17.49
C SER B 241 5.34 -20.32 16.67
N TYR B 242 4.77 -19.62 15.69
CA TYR B 242 3.60 -20.06 14.98
C TYR B 242 3.65 -19.64 13.53
N GLU B 243 3.09 -20.48 12.67
CA GLU B 243 3.23 -20.26 11.26
C GLU B 243 2.05 -19.45 10.79
N LEU B 244 2.25 -18.71 9.70
CA LEU B 244 1.11 -18.36 8.90
C LEU B 244 0.38 -19.63 8.47
N PRO B 245 -0.91 -19.54 8.24
CA PRO B 245 -1.63 -20.69 7.65
C PRO B 245 -0.96 -21.19 6.41
N ASP B 246 -0.36 -20.29 5.63
CA ASP B 246 0.75 -20.62 4.76
C ASP B 246 1.66 -19.40 4.62
N GLY B 247 2.93 -19.65 4.35
CA GLY B 247 3.94 -18.62 4.48
C GLY B 247 4.70 -18.72 5.80
N GLN B 248 4.81 -17.59 6.49
CA GLN B 248 5.89 -17.39 7.44
C GLN B 248 5.62 -18.08 8.77
N VAL B 249 6.70 -18.25 9.52
CA VAL B 249 6.66 -18.38 10.97
C VAL B 249 6.53 -17.01 11.62
N ILE B 250 5.67 -16.94 12.63
CA ILE B 250 5.35 -15.72 13.36
C ILE B 250 5.48 -16.05 14.83
N THR B 251 5.92 -15.08 15.62
CA THR B 251 6.19 -15.36 17.01
C THR B 251 5.75 -14.19 17.87
N ILE B 252 5.01 -14.51 18.93
CA ILE B 252 4.08 -13.59 19.55
C ILE B 252 4.34 -13.53 21.04
N GLY B 253 4.43 -12.33 21.58
CA GLY B 253 4.79 -12.12 22.97
C GLY B 253 3.59 -12.09 23.87
N ASN B 254 3.64 -11.19 24.86
CA ASN B 254 2.51 -10.91 25.72
C ASN B 254 1.26 -10.64 24.93
N GLU B 255 1.45 -10.20 23.70
CA GLU B 255 0.35 -9.95 22.80
C GLU B 255 -0.65 -11.09 22.72
N ARG B 256 -0.22 -12.34 22.94
CA ARG B 256 -1.25 -13.36 23.12
C ARG B 256 -2.11 -13.14 24.36
N PHE B 257 -1.51 -13.09 25.55
CA PHE B 257 -2.37 -13.19 26.72
C PHE B 257 -3.12 -11.89 26.95
N ARG B 258 -2.52 -10.78 26.53
CA ARG B 258 -3.14 -9.48 26.69
C ARG B 258 -4.53 -9.39 26.09
N CYS B 259 -4.77 -10.08 24.99
CA CYS B 259 -6.08 -10.03 24.35
C CYS B 259 -7.25 -10.34 25.26
N PRO B 260 -7.30 -11.50 25.92
CA PRO B 260 -8.48 -11.80 26.73
C PRO B 260 -8.70 -10.79 27.84
N GLU B 261 -7.63 -10.18 28.33
CA GLU B 261 -7.76 -9.21 29.41
C GLU B 261 -8.79 -8.15 29.09
N THR B 262 -8.98 -7.85 27.80
CA THR B 262 -10.00 -6.89 27.39
C THR B 262 -11.32 -7.19 28.07
N LEU B 263 -11.66 -8.47 28.18
CA LEU B 263 -12.91 -8.82 28.83
C LEU B 263 -12.91 -8.32 30.27
N PHE B 264 -11.79 -8.48 30.95
CA PHE B 264 -11.73 -8.03 32.33
C PHE B 264 -11.56 -6.52 32.40
N GLN B 265 -10.79 -5.94 31.50
CA GLN B 265 -10.62 -4.50 31.42
C GLN B 265 -10.94 -4.05 30.01
N PRO B 266 -12.15 -3.71 29.75
CA PRO B 266 -12.53 -3.12 28.47
C PRO B 266 -12.22 -1.62 28.38
N SER B 267 -11.00 -1.26 28.71
CA SER B 267 -10.40 -0.06 28.14
C SER B 267 -9.90 -0.30 26.72
N PHE B 268 -9.25 -1.43 26.48
CA PHE B 268 -8.27 -1.50 25.40
C PHE B 268 -8.91 -1.32 24.04
N ILE B 269 -10.16 -1.73 23.92
CA ILE B 269 -11.10 -1.15 22.97
C ILE B 269 -12.16 -0.61 23.90
N GLY B 270 -12.35 0.69 23.92
CA GLY B 270 -12.80 1.36 25.10
C GLY B 270 -14.25 1.81 25.03
N MET B 271 -14.92 1.45 26.10
CA MET B 271 -16.32 1.44 26.40
C MET B 271 -16.29 1.63 27.90
N GLU B 272 -17.37 2.10 28.50
CA GLU B 272 -17.49 1.65 29.87
C GLU B 272 -18.75 0.85 30.06
N SER B 273 -18.52 -0.36 30.53
CA SER B 273 -19.35 -1.23 31.33
C SER B 273 -18.25 -2.02 32.00
N ALA B 274 -18.29 -2.16 33.31
CA ALA B 274 -17.02 -2.34 33.98
C ALA B 274 -16.44 -3.72 33.77
N GLY B 275 -17.11 -4.56 32.99
CA GLY B 275 -16.54 -5.76 32.44
C GLY B 275 -17.38 -6.96 32.85
N ILE B 276 -16.93 -8.14 32.44
CA ILE B 276 -17.73 -9.33 32.68
C ILE B 276 -17.97 -9.50 34.17
N HIS B 277 -16.90 -9.51 34.96
CA HIS B 277 -17.03 -10.00 36.32
C HIS B 277 -17.83 -9.01 37.15
N GLU B 278 -17.42 -7.74 37.10
CA GLU B 278 -18.20 -6.70 37.75
C GLU B 278 -19.60 -6.61 37.19
N THR B 279 -19.81 -6.95 35.91
CA THR B 279 -21.18 -6.98 35.42
C THR B 279 -21.95 -8.04 36.17
N THR B 280 -21.30 -9.17 36.41
CA THR B 280 -21.99 -10.31 36.98
C THR B 280 -22.42 -10.01 38.39
N TYR B 281 -21.47 -9.54 39.19
CA TYR B 281 -21.80 -9.20 40.57
C TYR B 281 -22.78 -8.05 40.64
N ASN B 282 -22.68 -7.09 39.73
CA ASN B 282 -23.68 -6.05 39.65
C ASN B 282 -25.06 -6.67 39.45
N SER B 283 -25.15 -7.55 38.47
CA SER B 283 -26.44 -8.05 38.01
C SER B 283 -27.07 -8.95 39.05
N ILE B 284 -26.24 -9.67 39.80
CA ILE B 284 -26.76 -10.34 40.99
C ILE B 284 -27.33 -9.31 41.94
N MET B 285 -26.53 -8.32 42.32
CA MET B 285 -26.98 -7.50 43.43
C MET B 285 -28.22 -6.73 43.06
N LYS B 286 -28.43 -6.50 41.76
CA LYS B 286 -29.77 -6.18 41.29
C LYS B 286 -30.79 -7.22 41.72
N CYS B 287 -30.57 -8.48 41.39
CA CYS B 287 -31.56 -9.49 41.74
C CYS B 287 -31.63 -9.65 43.25
N ASP B 288 -32.69 -10.30 43.72
CA ASP B 288 -33.16 -10.09 45.08
C ASP B 288 -32.36 -10.92 46.08
N ILE B 289 -32.72 -10.80 47.35
CA ILE B 289 -31.72 -11.04 48.39
C ILE B 289 -31.59 -12.52 48.69
N ASP B 290 -32.72 -13.22 48.85
CA ASP B 290 -32.66 -14.58 49.37
C ASP B 290 -32.02 -15.53 48.39
N ILE B 291 -32.37 -15.43 47.12
CA ILE B 291 -31.92 -16.36 46.09
C ILE B 291 -30.41 -16.51 46.06
N ARG B 292 -29.68 -15.46 46.45
CA ARG B 292 -28.33 -15.25 45.95
C ARG B 292 -27.42 -16.44 46.18
N LYS B 293 -27.53 -17.09 47.34
CA LYS B 293 -26.59 -18.17 47.64
C LYS B 293 -26.58 -19.22 46.55
N ASP B 294 -27.77 -19.61 46.09
CA ASP B 294 -27.84 -20.64 45.08
C ASP B 294 -27.02 -20.23 43.87
N LEU B 295 -27.18 -18.98 43.45
CA LEU B 295 -26.51 -18.57 42.23
C LEU B 295 -25.02 -18.50 42.45
N TYR B 296 -24.62 -18.06 43.64
CA TYR B 296 -23.23 -18.16 44.06
C TYR B 296 -22.72 -19.58 43.95
N ALA B 297 -23.57 -20.57 44.23
CA ALA B 297 -23.19 -21.96 44.03
C ALA B 297 -23.18 -22.34 42.57
N ASN B 298 -24.26 -22.05 41.87
CA ASN B 298 -24.47 -22.58 40.54
C ASN B 298 -24.13 -21.49 39.54
N ASN B 299 -23.00 -21.64 38.90
CA ASN B 299 -22.49 -20.62 37.98
C ASN B 299 -21.91 -21.28 36.76
N VAL B 300 -22.38 -20.87 35.60
CA VAL B 300 -22.32 -21.68 34.39
C VAL B 300 -21.97 -20.77 33.22
N MET B 301 -21.19 -21.31 32.31
CA MET B 301 -20.51 -20.55 31.28
C MET B 301 -20.51 -21.40 30.04
N SER B 302 -20.44 -20.77 28.88
CA SER B 302 -20.46 -21.56 27.67
C SER B 302 -19.91 -20.75 26.52
N GLY B 303 -19.65 -21.46 25.42
CA GLY B 303 -19.39 -20.94 24.11
C GLY B 303 -18.14 -20.09 23.95
N GLY B 304 -18.26 -19.14 23.02
CA GLY B 304 -17.11 -18.68 22.27
C GLY B 304 -15.94 -18.18 23.10
N THR B 305 -16.19 -17.28 24.04
CA THR B 305 -15.08 -16.81 24.84
C THR B 305 -14.61 -17.88 25.80
N THR B 306 -15.53 -18.65 26.37
CA THR B 306 -15.17 -19.54 27.45
C THR B 306 -14.11 -20.55 27.03
N MET B 307 -14.00 -20.82 25.73
CA MET B 307 -13.02 -21.77 25.22
C MET B 307 -11.62 -21.51 25.77
N TYR B 308 -11.26 -20.26 25.99
CA TYR B 308 -9.93 -19.94 26.48
C TYR B 308 -9.59 -20.75 27.73
N PRO B 309 -8.38 -21.30 27.82
CA PRO B 309 -7.89 -21.84 29.09
C PRO B 309 -7.76 -20.74 30.13
N GLY B 310 -8.34 -20.96 31.30
CA GLY B 310 -7.99 -20.20 32.47
C GLY B 310 -9.06 -19.26 32.97
N ILE B 311 -10.10 -19.00 32.17
CA ILE B 311 -11.10 -18.01 32.55
C ILE B 311 -11.66 -18.32 33.93
N ALA B 312 -12.03 -19.57 34.16
CA ALA B 312 -12.68 -19.94 35.40
C ALA B 312 -11.86 -19.53 36.63
N ASP B 313 -10.55 -19.64 36.55
CA ASP B 313 -9.74 -19.27 37.70
C ASP B 313 -9.87 -17.80 38.01
N ARG B 314 -9.66 -16.95 37.00
CA ARG B 314 -9.71 -15.54 37.32
C ARG B 314 -11.12 -15.14 37.70
N MET B 315 -12.11 -15.82 37.13
CA MET B 315 -13.49 -15.59 37.52
C MET B 315 -13.63 -15.79 39.02
N GLN B 316 -13.07 -16.89 39.52
CA GLN B 316 -13.17 -17.17 40.94
C GLN B 316 -12.44 -16.11 41.74
N LYS B 317 -11.27 -15.70 41.25
CA LYS B 317 -10.57 -14.59 41.87
C LYS B 317 -11.42 -13.32 41.95
N GLU B 318 -12.17 -13.03 40.89
CA GLU B 318 -12.96 -11.81 40.87
C GLU B 318 -14.15 -11.88 41.80
N ILE B 319 -14.87 -13.00 41.77
CA ILE B 319 -16.01 -13.10 42.66
C ILE B 319 -15.58 -13.18 44.12
N THR B 320 -14.51 -13.93 44.41
CA THR B 320 -13.94 -13.89 45.74
C THR B 320 -13.47 -12.51 46.13
N ALA B 321 -13.08 -11.68 45.17
CA ALA B 321 -12.88 -10.28 45.50
C ALA B 321 -14.18 -9.63 45.91
N LEU B 322 -15.22 -9.77 45.10
CA LEU B 322 -16.38 -8.92 45.33
C LEU B 322 -17.35 -9.52 46.32
N ALA B 323 -17.54 -10.83 46.30
CA ALA B 323 -18.38 -11.46 47.28
C ALA B 323 -17.81 -11.21 48.68
N PRO B 324 -18.66 -11.15 49.70
CA PRO B 324 -18.18 -11.50 51.04
C PRO B 324 -17.68 -12.93 51.01
N SER B 325 -16.41 -13.12 51.33
CA SER B 325 -15.77 -14.40 51.14
C SER B 325 -16.51 -15.52 51.85
N THR B 326 -17.27 -15.17 52.88
CA THR B 326 -17.91 -16.13 53.76
C THR B 326 -18.67 -17.20 53.02
N MET B 327 -19.22 -16.90 51.86
CA MET B 327 -20.14 -17.81 51.20
C MET B 327 -19.56 -18.50 49.98
N LYS B 328 -20.00 -19.73 49.78
CA LYS B 328 -19.52 -20.62 48.74
C LYS B 328 -19.50 -19.95 47.38
N ILE B 329 -18.47 -20.26 46.59
CA ILE B 329 -18.41 -19.86 45.20
C ILE B 329 -17.80 -21.01 44.40
N LYS B 330 -18.36 -21.27 43.23
CA LYS B 330 -17.69 -22.15 42.29
C LYS B 330 -18.25 -21.86 40.91
N ILE B 331 -17.56 -22.36 39.89
CA ILE B 331 -18.03 -22.22 38.53
C ILE B 331 -17.96 -23.57 37.82
N ILE B 332 -18.76 -23.70 36.78
CA ILE B 332 -18.77 -24.89 35.95
C ILE B 332 -18.07 -24.59 34.64
N ALA B 333 -17.26 -25.53 34.17
CA ALA B 333 -16.57 -25.42 32.88
C ALA B 333 -16.70 -26.74 32.14
N PRO B 334 -17.87 -27.01 31.58
CA PRO B 334 -18.13 -28.32 30.99
C PRO B 334 -17.24 -28.55 29.78
N PRO B 335 -17.07 -29.80 29.37
CA PRO B 335 -16.21 -30.05 28.20
C PRO B 335 -16.78 -29.46 26.92
N GLU B 336 -18.09 -29.54 26.75
CA GLU B 336 -18.74 -29.43 25.44
C GLU B 336 -19.18 -28.02 25.07
N ARG B 337 -18.64 -27.00 25.73
CA ARG B 337 -19.31 -25.70 25.84
C ARG B 337 -19.68 -25.15 24.48
N LYS B 338 -18.77 -25.24 23.52
CA LYS B 338 -19.00 -24.69 22.19
C LYS B 338 -20.23 -25.26 21.49
N TYR B 339 -20.55 -26.51 21.70
CA TYR B 339 -21.82 -27.05 21.23
C TYR B 339 -23.01 -26.79 22.14
N SER B 340 -22.78 -26.25 23.35
CA SER B 340 -23.74 -26.45 24.42
C SER B 340 -25.12 -26.03 23.96
N VAL B 341 -25.19 -24.87 23.32
CA VAL B 341 -26.48 -24.26 23.04
C VAL B 341 -27.33 -25.22 22.25
N TRP B 342 -26.78 -25.72 21.14
CA TRP B 342 -27.56 -26.58 20.29
C TRP B 342 -27.90 -27.84 21.02
N ILE B 343 -27.01 -28.29 21.91
CA ILE B 343 -27.31 -29.52 22.65
C ILE B 343 -28.57 -29.31 23.46
N GLY B 344 -28.58 -28.22 24.22
CA GLY B 344 -29.75 -27.90 24.99
C GLY B 344 -30.96 -27.79 24.11
N GLY B 345 -30.79 -27.15 22.96
CA GLY B 345 -31.89 -27.06 22.02
C GLY B 345 -32.43 -28.43 21.67
N SER B 346 -31.55 -29.41 21.51
CA SER B 346 -32.01 -30.75 21.18
C SER B 346 -32.91 -31.29 22.28
N ILE B 347 -32.47 -31.14 23.52
CA ILE B 347 -33.33 -31.53 24.63
C ILE B 347 -34.65 -30.79 24.55
N LEU B 348 -34.58 -29.48 24.34
CA LEU B 348 -35.77 -28.64 24.28
C LEU B 348 -36.73 -29.15 23.23
N ALA B 349 -36.18 -29.61 22.12
CA ALA B 349 -37.01 -30.09 21.03
C ALA B 349 -37.67 -31.39 21.43
N SER B 350 -37.00 -32.18 22.27
CA SER B 350 -37.38 -33.57 22.40
C SER B 350 -38.75 -33.70 23.07
N LEU B 351 -38.99 -32.93 24.13
CA LEU B 351 -40.10 -33.24 25.01
C LEU B 351 -41.44 -32.88 24.38
N SER B 352 -42.40 -33.80 24.51
CA SER B 352 -43.68 -33.70 23.84
C SER B 352 -44.42 -32.40 24.13
N THR B 353 -44.19 -31.80 25.29
CA THR B 353 -44.81 -30.53 25.64
C THR B 353 -44.69 -29.44 24.57
N PHE B 354 -43.60 -29.41 23.81
CA PHE B 354 -43.58 -28.49 22.69
C PHE B 354 -44.66 -28.73 21.65
N GLN B 355 -45.16 -29.97 21.52
CA GLN B 355 -46.36 -30.15 20.72
C GLN B 355 -47.49 -29.27 21.23
N GLN B 356 -47.62 -29.16 22.55
CA GLN B 356 -48.49 -28.13 23.10
C GLN B 356 -48.01 -26.75 22.71
N MET B 357 -46.69 -26.56 22.61
CA MET B 357 -46.09 -25.24 22.63
C MET B 357 -45.75 -24.62 21.29
N TRP B 358 -45.43 -25.40 20.25
CA TRP B 358 -45.01 -24.77 19.00
C TRP B 358 -46.06 -23.79 18.50
N ILE B 359 -45.58 -22.78 17.78
CA ILE B 359 -46.45 -22.13 16.82
C ILE B 359 -46.78 -23.11 15.71
N THR B 360 -47.98 -23.00 15.16
CA THR B 360 -48.35 -23.71 13.95
C THR B 360 -48.73 -22.75 12.84
N LYS B 361 -48.70 -23.30 11.61
CA LYS B 361 -49.00 -22.51 10.42
C LYS B 361 -50.35 -21.84 10.58
N GLN B 362 -51.28 -22.51 11.26
CA GLN B 362 -52.66 -22.04 11.34
C GLN B 362 -52.69 -20.64 11.92
N GLU B 363 -51.98 -20.44 13.03
CA GLU B 363 -51.97 -19.11 13.63
C GLU B 363 -51.42 -18.12 12.63
N TYR B 364 -50.31 -18.47 11.98
CA TYR B 364 -49.70 -17.54 11.04
C TYR B 364 -50.68 -17.17 9.95
N ASP B 365 -51.60 -18.08 9.63
CA ASP B 365 -52.69 -17.75 8.73
C ASP B 365 -53.61 -16.74 9.39
N GLU B 366 -54.00 -16.99 10.63
CA GLU B 366 -55.14 -16.30 11.23
C GLU B 366 -54.73 -15.02 11.94
N ALA B 367 -53.43 -14.82 12.17
CA ALA B 367 -52.89 -13.62 12.78
C ALA B 367 -51.44 -13.49 12.33
N GLY B 368 -50.86 -12.34 12.57
CA GLY B 368 -49.70 -11.94 11.81
C GLY B 368 -48.41 -12.49 12.37
N PRO B 369 -47.28 -11.88 12.00
CA PRO B 369 -46.08 -11.98 12.84
C PRO B 369 -46.30 -11.61 14.28
N SER B 370 -47.30 -10.77 14.58
CA SER B 370 -47.56 -10.38 15.95
C SER B 370 -47.65 -11.58 16.87
N ILE B 371 -48.10 -12.72 16.33
CA ILE B 371 -48.31 -13.92 17.12
C ILE B 371 -47.08 -14.22 17.97
N VAL B 372 -45.92 -14.17 17.34
CA VAL B 372 -44.71 -14.60 18.00
C VAL B 372 -44.59 -13.94 19.34
N HIS B 373 -44.78 -12.63 19.36
CA HIS B 373 -44.21 -11.88 20.45
C HIS B 373 -45.02 -12.12 21.69
N ARG B 374 -46.31 -12.41 21.54
CA ARG B 374 -47.04 -13.03 22.63
C ARG B 374 -46.49 -14.42 22.92
N LYS B 375 -46.42 -15.26 21.89
CA LYS B 375 -46.45 -16.69 22.15
C LYS B 375 -45.14 -17.18 22.77
N CYS B 376 -44.01 -16.73 22.25
CA CYS B 376 -42.73 -17.09 22.83
C CYS B 376 -42.33 -16.06 23.87
N PHE B 377 -41.33 -16.39 24.67
CA PHE B 377 -40.59 -15.37 25.38
C PHE B 377 -39.91 -14.48 24.34
N THR C 7 -27.04 40.26 57.77
CA THR C 7 -26.83 39.31 56.69
C THR C 7 -28.13 38.66 56.22
N THR C 8 -27.97 37.54 55.51
CA THR C 8 -28.97 37.01 54.62
C THR C 8 -28.78 35.50 54.59
N ALA C 9 -29.77 34.79 54.07
CA ALA C 9 -29.88 33.37 54.33
C ALA C 9 -30.05 32.63 53.02
N LEU C 10 -29.38 31.49 52.91
CA LEU C 10 -29.09 30.89 51.62
C LEU C 10 -29.45 29.42 51.70
N VAL C 11 -29.99 28.87 50.61
CA VAL C 11 -30.45 27.50 50.63
C VAL C 11 -29.91 26.74 49.43
N CYS C 12 -29.31 25.59 49.71
CA CYS C 12 -28.97 24.60 48.70
C CYS C 12 -30.09 23.57 48.67
N ASP C 13 -30.55 23.25 47.48
CA ASP C 13 -31.26 22.00 47.28
C ASP C 13 -30.26 20.96 46.82
N ASN C 14 -30.16 19.86 47.55
CA ASN C 14 -29.47 18.68 47.09
C ASN C 14 -30.38 17.47 46.96
N GLY C 15 -31.69 17.70 46.86
CA GLY C 15 -32.50 16.73 46.18
C GLY C 15 -31.84 16.50 44.84
N SER C 16 -31.69 15.23 44.46
CA SER C 16 -30.75 14.89 43.42
C SER C 16 -31.37 15.18 42.06
N GLY C 17 -30.60 14.99 41.02
CA GLY C 17 -30.90 15.68 39.79
C GLY C 17 -30.24 17.04 39.86
N LEU C 18 -30.73 17.95 39.04
CA LEU C 18 -30.11 19.26 39.05
C LEU C 18 -30.30 19.93 40.40
N VAL C 19 -29.30 20.71 40.78
CA VAL C 19 -29.10 21.14 42.16
C VAL C 19 -29.35 22.64 42.25
N LYS C 20 -30.06 23.05 43.29
CA LYS C 20 -30.81 24.28 43.24
C LYS C 20 -30.38 25.11 44.42
N ALA C 21 -30.04 26.37 44.17
CA ALA C 21 -29.39 27.19 45.18
C ALA C 21 -29.72 28.65 44.96
N GLY C 22 -30.02 29.35 46.05
CA GLY C 22 -30.55 30.69 45.94
C GLY C 22 -30.81 31.34 47.28
N PHE C 23 -30.77 32.66 47.30
CA PHE C 23 -30.95 33.38 48.54
C PHE C 23 -32.42 33.37 48.95
N ALA C 24 -32.65 33.58 50.23
CA ALA C 24 -34.01 33.77 50.70
C ALA C 24 -34.63 34.98 50.01
N GLY C 25 -35.77 34.76 49.36
CA GLY C 25 -36.67 35.83 48.99
C GLY C 25 -36.66 36.17 47.53
N ASP C 26 -35.62 35.82 46.79
CA ASP C 26 -35.78 35.66 45.36
C ASP C 26 -36.86 34.62 45.07
N ASP C 27 -37.58 34.85 43.98
CA ASP C 27 -38.67 33.96 43.60
C ASP C 27 -38.16 32.62 43.08
N ALA C 28 -36.95 32.58 42.54
CA ALA C 28 -36.45 31.36 41.94
C ALA C 28 -34.94 31.38 42.00
N PRO C 29 -34.29 30.23 42.11
CA PRO C 29 -32.85 30.21 42.39
C PRO C 29 -32.07 30.80 41.23
N ARG C 30 -30.87 31.28 41.55
CA ARG C 30 -30.09 32.03 40.58
C ARG C 30 -29.69 31.16 39.40
N ALA C 31 -29.23 29.94 39.68
CA ALA C 31 -28.94 28.99 38.63
C ALA C 31 -28.84 27.61 39.27
N VAL C 32 -28.63 26.59 38.41
CA VAL C 32 -28.99 25.23 38.72
C VAL C 32 -28.02 24.31 38.01
N PHE C 33 -27.65 23.22 38.68
CA PHE C 33 -26.57 22.39 38.23
C PHE C 33 -26.93 20.94 38.41
N PRO C 34 -26.53 20.08 37.48
CA PRO C 34 -27.09 18.72 37.44
C PRO C 34 -26.69 17.91 38.64
N SER C 35 -25.58 18.26 39.29
CA SER C 35 -24.82 17.38 40.17
C SER C 35 -24.25 16.18 39.45
N ILE C 36 -24.05 16.27 38.13
CA ILE C 36 -23.10 15.37 37.51
C ILE C 36 -21.74 15.60 38.13
N VAL C 37 -20.99 14.54 38.32
CA VAL C 37 -19.54 14.63 38.37
C VAL C 37 -18.96 13.64 37.39
N GLY C 38 -17.85 14.03 36.80
CA GLY C 38 -17.28 13.30 35.68
C GLY C 38 -15.79 13.47 35.67
N ARG C 39 -15.11 12.50 35.11
CA ARG C 39 -13.66 12.59 35.09
C ARG C 39 -13.15 12.14 33.73
N PRO C 40 -11.89 12.42 33.41
CA PRO C 40 -11.36 12.02 32.12
C PRO C 40 -11.48 10.53 31.92
N ARG C 41 -11.52 10.13 30.66
CA ARG C 41 -11.53 8.73 30.30
C ARG C 41 -10.37 8.36 29.40
N HIS C 42 -9.67 9.32 28.84
CA HIS C 42 -8.73 9.02 27.79
C HIS C 42 -7.44 9.79 28.01
N GLN C 43 -6.34 9.24 27.50
CA GLN C 43 -5.07 9.93 27.53
C GLN C 43 -5.22 11.36 27.02
N GLY C 44 -4.65 12.30 27.76
CA GLY C 44 -4.72 13.68 27.34
C GLY C 44 -3.59 13.99 26.40
N VAL C 45 -3.94 14.30 25.15
CA VAL C 45 -3.00 14.18 24.05
C VAL C 45 -2.76 15.50 23.34
N MET C 46 -3.58 16.52 23.54
CA MET C 46 -3.10 17.87 23.38
C MET C 46 -2.31 18.22 24.64
N VAL C 47 -0.99 18.25 24.50
CA VAL C 47 -0.14 18.82 25.54
C VAL C 47 -0.41 20.30 25.75
N GLY C 48 -0.85 21.00 24.72
CA GLY C 48 -1.29 22.37 24.93
C GLY C 48 -2.41 22.50 25.92
N MET C 49 -3.30 21.52 25.99
CA MET C 49 -4.40 21.58 26.94
C MET C 49 -3.88 21.57 28.37
N GLY C 50 -4.45 22.42 29.22
CA GLY C 50 -4.33 22.21 30.66
C GLY C 50 -5.20 21.03 31.04
N GLN C 51 -4.64 20.05 31.73
CA GLN C 51 -5.47 18.99 32.28
C GLN C 51 -6.03 19.42 33.63
N LYS C 52 -7.36 19.51 33.68
CA LYS C 52 -8.13 19.56 34.91
C LYS C 52 -8.83 18.22 35.05
N ASP C 53 -8.77 17.64 36.23
CA ASP C 53 -9.07 16.23 36.37
C ASP C 53 -10.49 15.96 36.83
N SER C 54 -11.25 17.00 37.15
CA SER C 54 -12.59 16.82 37.67
C SER C 54 -13.51 17.91 37.14
N TYR C 55 -14.74 17.55 36.83
CA TYR C 55 -15.67 18.46 36.19
C TYR C 55 -17.09 18.20 36.64
N VAL C 56 -17.84 19.29 36.70
CA VAL C 56 -19.11 19.38 37.40
C VAL C 56 -19.92 20.39 36.63
N GLY C 57 -21.23 20.27 36.70
CA GLY C 57 -22.04 21.39 36.28
C GLY C 57 -22.10 21.46 34.77
N ASP C 58 -22.79 22.49 34.28
CA ASP C 58 -22.94 22.65 32.84
C ASP C 58 -21.60 22.59 32.13
N GLU C 59 -20.51 22.92 32.83
CA GLU C 59 -19.19 22.75 32.25
C GLU C 59 -19.01 21.32 31.81
N ALA C 60 -19.29 20.39 32.72
CA ALA C 60 -19.27 18.97 32.36
C ALA C 60 -20.34 18.66 31.33
N GLN C 61 -21.52 19.24 31.50
CA GLN C 61 -22.64 18.98 30.62
C GLN C 61 -22.29 19.26 29.17
N SER C 62 -21.41 20.23 28.93
CA SER C 62 -20.90 20.46 27.59
C SER C 62 -19.88 19.38 27.22
N LYS C 63 -18.91 19.18 28.10
CA LYS C 63 -17.69 18.43 27.85
C LYS C 63 -17.92 16.94 27.76
N ARG C 64 -19.16 16.50 27.98
CA ARG C 64 -19.44 15.16 28.49
C ARG C 64 -18.64 14.08 27.80
N GLY C 65 -18.56 14.14 26.48
CA GLY C 65 -18.39 12.93 25.71
C GLY C 65 -17.21 12.08 26.13
N ILE C 66 -16.05 12.71 26.31
CA ILE C 66 -14.91 12.00 26.89
C ILE C 66 -14.94 11.89 28.41
N LEU C 67 -15.59 12.79 29.11
CA LEU C 67 -15.85 12.52 30.51
C LEU C 67 -16.77 11.32 30.66
N THR C 68 -16.65 10.64 31.79
CA THR C 68 -17.68 9.68 32.18
C THR C 68 -18.18 10.03 33.56
N LEU C 69 -19.43 9.68 33.78
CA LEU C 69 -20.18 10.19 34.89
C LEU C 69 -20.07 9.27 36.10
N LYS C 70 -19.99 9.89 37.27
CA LYS C 70 -20.43 9.21 38.46
C LYS C 70 -21.63 10.04 38.87
N TYR C 71 -22.52 9.45 39.64
CA TYR C 71 -23.75 10.13 39.94
C TYR C 71 -23.84 10.12 41.45
N PRO C 72 -23.58 11.24 42.11
CA PRO C 72 -23.09 11.19 43.49
C PRO C 72 -24.16 10.96 44.53
N ILE C 73 -25.42 10.90 44.11
CA ILE C 73 -26.50 10.54 45.00
C ILE C 73 -27.19 9.33 44.40
N GLU C 74 -27.05 8.19 45.05
CA GLU C 74 -28.01 7.11 44.89
C GLU C 74 -29.14 7.23 45.89
N GLY C 76 -31.55 9.12 46.99
CA GLY C 76 -31.38 10.22 47.92
C GLY C 76 -30.29 10.22 48.97
N ILE C 77 -29.61 9.10 49.23
CA ILE C 77 -28.47 9.12 50.14
C ILE C 77 -27.20 9.42 49.37
N ILE C 78 -26.48 10.44 49.81
CA ILE C 78 -25.35 10.94 49.04
C ILE C 78 -24.19 9.97 49.20
N THR C 79 -23.67 9.49 48.08
CA THR C 79 -22.92 8.24 48.13
C THR C 79 -21.47 8.46 48.54
N ASN C 80 -20.81 9.48 48.02
CA ASN C 80 -19.35 9.58 48.11
C ASN C 80 -18.91 11.00 48.38
N TRP C 81 -18.36 11.21 49.56
CA TRP C 81 -18.34 12.55 50.15
C TRP C 81 -17.50 13.51 49.33
N ASP C 82 -16.28 13.12 48.97
CA ASP C 82 -15.38 14.06 48.33
C ASP C 82 -15.97 14.58 47.04
N ASP C 83 -16.73 13.74 46.33
CA ASP C 83 -17.42 14.23 45.16
C ASP C 83 -18.41 15.31 45.56
N MET C 84 -19.18 15.06 46.61
CA MET C 84 -20.12 16.07 47.07
C MET C 84 -19.36 17.35 47.31
N GLU C 85 -18.21 17.24 47.96
CA GLU C 85 -17.45 18.40 48.36
C GLU C 85 -17.05 19.19 47.14
N LYS C 86 -16.71 18.48 46.06
CA LYS C 86 -16.43 19.18 44.83
C LYS C 86 -17.67 19.94 44.40
N ILE C 87 -18.80 19.25 44.37
CA ILE C 87 -20.01 19.87 43.83
C ILE C 87 -20.32 21.12 44.62
N TRP C 88 -20.27 20.96 45.92
CA TRP C 88 -20.77 21.94 46.85
C TRP C 88 -19.88 23.16 46.77
N HIS C 89 -18.57 22.91 46.81
CA HIS C 89 -17.58 23.96 46.76
C HIS C 89 -17.76 24.74 45.49
N HIS C 90 -17.86 24.01 44.38
CA HIS C 90 -17.99 24.66 43.09
C HIS C 90 -19.20 25.56 43.11
N THR C 91 -20.33 25.03 43.56
CA THR C 91 -21.55 25.79 43.40
C THR C 91 -21.43 27.10 44.15
N PHE C 92 -20.95 27.05 45.41
CA PHE C 92 -20.82 28.30 46.15
C PHE C 92 -19.93 29.25 45.38
N TYR C 93 -18.72 28.82 45.06
CA TYR C 93 -17.75 29.83 44.69
C TYR C 93 -18.04 30.31 43.29
N ASN C 94 -18.29 29.38 42.39
CA ASN C 94 -18.43 29.73 40.98
C ASN C 94 -19.76 30.40 40.70
N GLU C 95 -20.90 29.80 41.08
CA GLU C 95 -22.11 30.56 40.82
C GLU C 95 -22.28 31.70 41.82
N LEU C 96 -22.23 31.37 43.10
CA LEU C 96 -22.83 32.26 44.08
C LEU C 96 -21.96 33.44 44.41
N ARG C 97 -20.65 33.33 44.20
CA ARG C 97 -19.71 34.33 44.67
C ARG C 97 -19.99 34.62 46.14
N VAL C 98 -20.03 33.57 46.94
CA VAL C 98 -20.41 33.67 48.34
C VAL C 98 -19.38 32.98 49.20
N ALA C 99 -19.16 33.53 50.39
CA ALA C 99 -18.13 32.97 51.25
C ALA C 99 -18.80 32.31 52.44
N PRO C 100 -18.26 31.19 52.93
CA PRO C 100 -19.06 30.31 53.80
C PRO C 100 -19.44 30.97 55.10
N GLU C 101 -18.65 31.90 55.59
CA GLU C 101 -19.01 32.63 56.80
C GLU C 101 -20.28 33.45 56.61
N GLU C 102 -20.68 33.70 55.37
CA GLU C 102 -21.47 34.90 55.12
C GLU C 102 -22.92 34.75 55.56
N HIS C 103 -23.43 33.52 55.59
CA HIS C 103 -24.86 33.29 55.74
C HIS C 103 -25.08 31.98 56.46
N PRO C 104 -26.26 31.79 57.04
CA PRO C 104 -26.76 30.43 57.23
C PRO C 104 -27.06 29.76 55.90
N THR C 105 -26.97 28.43 55.94
CA THR C 105 -27.21 27.59 54.78
C THR C 105 -28.14 26.45 55.16
N LEU C 106 -29.04 26.10 54.26
CA LEU C 106 -30.20 25.33 54.61
C LEU C 106 -30.20 24.10 53.72
N LEU C 107 -30.50 22.96 54.31
CA LEU C 107 -30.31 21.68 53.66
C LEU C 107 -31.60 20.91 53.57
N THR C 108 -31.71 20.13 52.51
CA THR C 108 -32.99 19.63 52.06
C THR C 108 -32.84 18.13 51.92
N GLU C 109 -33.69 17.40 52.61
CA GLU C 109 -33.38 16.01 52.91
C GLU C 109 -34.53 15.12 52.50
N ALA C 110 -34.19 13.99 51.91
CA ALA C 110 -35.11 12.87 51.95
C ALA C 110 -35.48 12.56 53.39
N PRO C 111 -36.74 12.33 53.69
CA PRO C 111 -37.13 11.92 55.04
C PRO C 111 -36.82 10.45 55.27
N LEU C 112 -36.79 10.10 56.56
CA LEU C 112 -36.72 8.72 56.99
C LEU C 112 -35.60 7.95 56.29
N ASN C 113 -34.41 8.52 56.31
CA ASN C 113 -33.35 7.80 55.64
C ASN C 113 -32.07 7.94 56.46
N PRO C 114 -31.02 7.17 56.18
CA PRO C 114 -30.06 6.84 57.24
C PRO C 114 -29.36 8.05 57.83
N LYS C 115 -29.10 7.97 59.13
CA LYS C 115 -28.59 9.11 59.90
C LYS C 115 -27.32 9.69 59.30
N ALA C 116 -26.50 8.82 58.69
CA ALA C 116 -25.16 9.22 58.29
C ALA C 116 -25.19 10.48 57.45
N ASN C 117 -26.16 10.60 56.56
CA ASN C 117 -26.16 11.80 55.72
C ASN C 117 -26.30 13.04 56.58
N ARG C 118 -27.13 12.98 57.61
CA ARG C 118 -27.21 14.10 58.52
C ARG C 118 -25.87 14.37 59.14
N GLU C 119 -25.29 13.35 59.75
CA GLU C 119 -24.16 13.60 60.64
C GLU C 119 -22.95 14.11 59.86
N LYS C 120 -22.56 13.40 58.81
CA LYS C 120 -21.46 13.91 58.00
C LYS C 120 -21.79 15.23 57.33
N MET C 121 -23.01 15.41 56.81
CA MET C 121 -23.27 16.68 56.15
C MET C 121 -22.95 17.83 57.09
N THR C 122 -23.49 17.75 58.30
CA THR C 122 -23.20 18.81 59.25
C THR C 122 -21.72 18.85 59.58
N GLN C 123 -21.09 17.69 59.71
CA GLN C 123 -19.69 17.70 60.14
C GLN C 123 -18.87 18.48 59.13
N ILE C 124 -19.04 18.15 57.86
CA ILE C 124 -18.31 18.80 56.79
C ILE C 124 -18.59 20.30 56.82
N MET C 125 -19.87 20.65 56.86
CA MET C 125 -20.21 22.05 56.60
C MET C 125 -19.84 22.94 57.77
N PHE C 126 -19.84 22.43 58.99
CA PHE C 126 -19.27 23.21 60.07
C PHE C 126 -17.75 23.19 60.04
N GLU C 127 -17.12 22.08 59.66
CA GLU C 127 -15.66 22.09 59.66
C GLU C 127 -15.05 22.60 58.36
N THR C 128 -15.44 22.05 57.21
CA THR C 128 -14.70 22.32 55.99
C THR C 128 -15.00 23.73 55.52
N PHE C 129 -16.27 24.03 55.44
CA PHE C 129 -16.78 25.37 55.48
C PHE C 129 -17.05 25.66 56.94
N ASN C 130 -16.99 26.92 57.31
CA ASN C 130 -17.34 27.30 58.68
C ASN C 130 -18.43 28.36 58.58
N VAL C 131 -19.63 27.99 59.01
CA VAL C 131 -20.84 28.61 58.48
C VAL C 131 -21.83 28.88 59.59
N PRO C 132 -22.42 30.07 59.63
CA PRO C 132 -23.09 30.52 60.85
C PRO C 132 -24.16 29.56 61.35
N ALA C 133 -25.00 29.05 60.45
CA ALA C 133 -26.13 28.27 60.91
C ALA C 133 -26.51 27.21 59.88
N MET C 134 -26.96 26.07 60.40
CA MET C 134 -27.25 24.89 59.60
C MET C 134 -28.64 24.41 59.98
N TYR C 135 -29.36 23.89 59.00
CA TYR C 135 -30.62 23.23 59.26
C TYR C 135 -30.87 22.18 58.21
N VAL C 136 -31.57 21.14 58.62
CA VAL C 136 -31.98 20.08 57.70
C VAL C 136 -33.47 19.92 57.87
N ALA C 137 -34.18 19.89 56.76
CA ALA C 137 -35.63 20.01 56.74
C ALA C 137 -36.17 18.96 55.79
N ILE C 138 -37.33 18.45 56.11
CA ILE C 138 -37.89 17.35 55.35
C ILE C 138 -38.75 17.92 54.24
N GLN C 139 -38.65 17.28 53.08
CA GLN C 139 -39.11 17.86 51.83
C GLN C 139 -40.55 18.31 51.95
N ALA C 140 -41.39 17.42 52.48
CA ALA C 140 -42.83 17.66 52.44
C ALA C 140 -43.18 18.95 53.13
N VAL C 141 -42.46 19.27 54.19
CA VAL C 141 -42.74 20.49 54.94
C VAL C 141 -42.61 21.69 54.02
N LEU C 142 -41.48 21.76 53.32
CA LEU C 142 -41.28 22.85 52.40
C LEU C 142 -42.36 22.82 51.34
N SER C 143 -42.69 21.63 50.85
CA SER C 143 -43.65 21.53 49.77
C SER C 143 -44.97 22.14 50.19
N LEU C 144 -45.38 21.88 51.43
CA LEU C 144 -46.57 22.52 51.93
C LEU C 144 -46.40 24.03 51.99
N TYR C 145 -45.31 24.50 52.59
CA TYR C 145 -45.24 25.94 52.78
C TYR C 145 -45.37 26.65 51.46
N ALA C 146 -44.68 26.15 50.44
CA ALA C 146 -44.75 26.81 49.15
C ALA C 146 -46.15 26.67 48.60
N SER C 147 -46.70 25.47 48.67
CA SER C 147 -48.03 25.27 48.13
C SER C 147 -49.09 25.92 49.00
N GLY C 148 -48.75 26.28 50.23
CA GLY C 148 -49.62 27.04 51.11
C GLY C 148 -50.97 26.42 51.36
N ARG C 149 -51.00 25.17 51.81
CA ARG C 149 -52.20 24.60 52.45
C ARG C 149 -51.73 23.81 53.66
N THR C 150 -52.11 24.25 54.85
CA THR C 150 -51.44 23.74 56.03
C THR C 150 -51.60 22.24 56.19
N THR C 151 -52.74 21.70 55.79
CA THR C 151 -52.85 20.26 55.67
C THR C 151 -52.27 19.79 54.35
N GLY C 152 -51.93 18.52 54.28
CA GLY C 152 -51.91 17.88 52.98
C GLY C 152 -51.26 16.51 53.01
N ILE C 153 -51.14 15.95 51.81
CA ILE C 153 -50.30 14.81 51.51
C ILE C 153 -49.46 15.21 50.32
N VAL C 154 -48.22 14.77 50.30
CA VAL C 154 -47.31 15.19 49.26
C VAL C 154 -46.77 13.95 48.58
N LEU C 155 -46.63 14.06 47.26
CA LEU C 155 -45.84 13.16 46.45
C LEU C 155 -44.82 14.02 45.75
N ASP C 156 -43.54 13.75 45.98
CA ASP C 156 -42.52 14.41 45.19
C ASP C 156 -41.40 13.43 44.93
N SER C 157 -41.25 13.07 43.67
CA SER C 157 -40.45 11.93 43.25
C SER C 157 -39.34 12.51 42.40
N GLY C 158 -38.17 12.70 42.96
CA GLY C 158 -37.22 13.47 42.20
C GLY C 158 -36.39 12.57 41.33
N ASP C 159 -35.14 12.95 41.17
CA ASP C 159 -34.10 11.98 40.88
C ASP C 159 -34.12 10.85 41.90
N GLY C 160 -34.43 11.19 43.15
CA GLY C 160 -34.28 10.26 44.25
C GLY C 160 -35.57 9.92 44.96
N VAL C 161 -35.40 9.21 46.08
CA VAL C 161 -36.43 8.38 46.67
C VAL C 161 -37.72 9.15 46.91
N THR C 162 -38.84 8.48 46.69
CA THR C 162 -40.11 9.08 46.32
C THR C 162 -41.06 8.95 47.49
N HIS C 163 -41.91 9.95 47.70
CA HIS C 163 -42.37 10.19 49.05
C HIS C 163 -43.88 10.18 49.11
N ASN C 164 -44.41 9.66 50.21
CA ASN C 164 -45.68 10.13 50.71
C ASN C 164 -45.50 10.49 52.16
N VAL C 165 -45.87 11.72 52.50
CA VAL C 165 -46.10 12.10 53.89
C VAL C 165 -47.46 12.79 53.89
N PRO C 166 -48.44 12.31 54.63
CA PRO C 166 -49.48 13.22 55.07
C PRO C 166 -48.88 14.14 56.09
N ILE C 167 -49.07 15.43 55.92
CA ILE C 167 -48.99 16.36 57.03
C ILE C 167 -50.37 16.87 57.35
N TYR C 168 -50.77 16.74 58.60
CA TYR C 168 -51.91 17.52 58.99
C TYR C 168 -51.41 18.91 59.32
N GLU C 169 -52.31 19.87 59.26
CA GLU C 169 -51.94 21.19 59.75
C GLU C 169 -51.19 21.07 61.06
N GLY C 170 -50.03 21.70 61.07
CA GLY C 170 -49.15 21.79 62.20
C GLY C 170 -48.53 20.53 62.76
N TYR C 171 -48.67 19.37 62.14
CA TYR C 171 -48.08 18.18 62.75
C TYR C 171 -47.74 17.10 61.73
N ALA C 172 -46.84 16.22 62.16
CA ALA C 172 -46.36 15.03 61.47
C ALA C 172 -47.11 13.78 61.92
N LEU C 173 -47.19 12.81 61.03
CA LEU C 173 -47.73 11.49 61.35
C LEU C 173 -46.71 10.43 60.96
N PRO C 174 -45.53 10.48 61.56
CA PRO C 174 -44.38 9.72 61.03
C PRO C 174 -44.62 8.25 60.82
N HIS C 175 -45.54 7.63 61.54
CA HIS C 175 -45.93 6.28 61.22
C HIS C 175 -46.52 6.20 59.82
N ALA C 176 -47.21 7.26 59.40
CA ALA C 176 -47.94 7.28 58.15
C ALA C 176 -47.07 7.12 56.91
N ILE C 177 -45.80 7.30 57.01
CA ILE C 177 -45.05 7.78 55.86
C ILE C 177 -44.62 6.58 55.05
N MET C 178 -44.60 6.73 53.74
CA MET C 178 -44.09 5.68 52.88
C MET C 178 -42.98 6.21 51.98
N ARG C 179 -42.02 5.34 51.73
CA ARG C 179 -40.75 5.72 51.12
C ARG C 179 -40.37 4.68 50.08
N LEU C 180 -40.14 5.12 48.84
CA LEU C 180 -39.99 4.18 47.74
C LEU C 180 -38.85 4.57 46.83
N ASP C 181 -38.08 3.57 46.39
CA ASP C 181 -37.08 3.74 45.34
C ASP C 181 -37.70 3.44 43.99
N LEU C 182 -38.38 4.45 43.44
CA LEU C 182 -38.96 4.35 42.11
C LEU C 182 -38.66 5.59 41.29
N ALA C 183 -37.69 6.40 41.71
CA ALA C 183 -37.57 7.74 41.21
C ALA C 183 -37.10 7.74 39.76
N GLY C 184 -37.20 8.92 39.14
CA GLY C 184 -37.14 8.99 37.70
C GLY C 184 -35.87 8.43 37.11
N ARG C 185 -34.78 8.48 37.88
CA ARG C 185 -33.51 7.94 37.41
C ARG C 185 -33.67 6.48 37.04
N ASP C 186 -34.15 5.67 37.98
CA ASP C 186 -34.25 4.25 37.74
C ASP C 186 -35.23 4.01 36.60
N LEU C 187 -36.30 4.80 36.57
CA LEU C 187 -37.24 4.70 35.48
C LEU C 187 -36.52 4.89 34.15
N THR C 188 -35.68 5.92 34.09
CA THR C 188 -35.00 6.23 32.84
C THR C 188 -34.13 5.07 32.43
N ASP C 189 -33.48 4.44 33.40
CA ASP C 189 -32.63 3.32 33.02
C ASP C 189 -33.46 2.14 32.56
N TYR C 190 -34.67 2.00 33.07
CA TYR C 190 -35.63 1.08 32.46
C TYR C 190 -35.93 1.45 31.01
N LEU C 191 -35.94 2.75 30.72
CA LEU C 191 -36.34 3.15 29.37
C LEU C 191 -35.50 2.44 28.34
N MET C 192 -34.20 2.32 28.58
CA MET C 192 -33.34 1.73 27.57
C MET C 192 -33.72 0.28 27.31
N LYS C 193 -34.05 -0.45 28.36
CA LYS C 193 -34.46 -1.84 28.20
C LYS C 193 -35.77 -1.94 27.43
N ILE C 194 -36.58 -0.89 27.47
CA ILE C 194 -37.59 -0.82 26.42
C ILE C 194 -36.95 -0.55 25.07
N LEU C 195 -36.13 0.50 25.00
CA LEU C 195 -35.92 1.19 23.75
C LEU C 195 -35.20 0.30 22.76
N THR C 196 -34.36 -0.60 23.27
CA THR C 196 -33.70 -1.52 22.37
C THR C 196 -34.67 -2.39 21.59
N GLU C 197 -35.94 -2.45 21.97
CA GLU C 197 -36.89 -3.12 21.08
C GLU C 197 -36.87 -2.49 19.70
N ARG C 198 -37.02 -1.17 19.63
CA ARG C 198 -36.76 -0.50 18.37
C ARG C 198 -35.28 -0.50 18.06
N GLY C 199 -34.45 -0.57 19.08
CA GLY C 199 -33.09 -0.99 18.85
C GLY C 199 -32.32 0.07 18.11
N TYR C 200 -32.49 1.30 18.54
CA TYR C 200 -31.49 2.33 18.39
C TYR C 200 -30.95 2.39 19.80
N SER C 201 -29.69 2.06 19.98
CA SER C 201 -29.37 1.55 21.30
C SER C 201 -27.95 1.89 21.68
N PHE C 202 -27.83 2.30 22.93
CA PHE C 202 -26.66 2.96 23.46
C PHE C 202 -26.65 2.82 24.97
N VAL C 203 -25.55 2.35 25.53
CA VAL C 203 -25.40 2.39 26.98
C VAL C 203 -24.00 2.86 27.31
N THR C 204 -23.91 3.96 28.06
CA THR C 204 -22.80 4.55 28.80
C THR C 204 -23.47 5.64 29.62
N THR C 205 -22.71 6.26 30.50
CA THR C 205 -23.34 7.20 31.40
C THR C 205 -23.88 8.39 30.63
N ALA C 206 -23.05 9.01 29.79
CA ALA C 206 -23.51 10.17 29.07
C ALA C 206 -24.69 9.78 28.19
N GLU C 207 -24.62 8.58 27.64
CA GLU C 207 -25.68 8.12 26.79
C GLU C 207 -26.96 8.00 27.58
N ARG C 208 -26.85 7.54 28.83
CA ARG C 208 -28.06 7.50 29.65
C ARG C 208 -28.61 8.87 29.91
N GLU C 209 -27.77 9.87 30.14
CA GLU C 209 -28.40 11.16 30.34
C GLU C 209 -29.06 11.66 29.07
N ILE C 210 -28.58 11.25 27.89
CA ILE C 210 -29.26 11.67 26.67
C ILE C 210 -30.73 11.34 26.71
N VAL C 211 -31.07 10.20 27.31
CA VAL C 211 -32.46 9.81 27.48
C VAL C 211 -33.26 10.86 28.22
N ARG C 212 -32.67 11.50 29.23
CA ARG C 212 -33.40 12.51 30.00
C ARG C 212 -34.09 13.51 29.10
N ASP C 213 -33.43 13.95 28.03
CA ASP C 213 -34.07 14.88 27.13
C ASP C 213 -35.34 14.27 26.54
N ILE C 214 -35.25 13.02 26.08
CA ILE C 214 -36.43 12.37 25.51
C ILE C 214 -37.55 12.31 26.53
N LYS C 215 -37.20 12.09 27.79
CA LYS C 215 -38.22 12.12 28.82
C LYS C 215 -38.84 13.49 28.97
N GLU C 216 -38.06 14.53 28.71
CA GLU C 216 -38.65 15.85 28.64
C GLU C 216 -39.66 15.93 27.52
N LYS C 217 -39.23 15.64 26.30
CA LYS C 217 -40.04 16.03 25.16
C LYS C 217 -41.20 15.08 24.93
N LEU C 218 -40.90 13.80 24.82
CA LEU C 218 -41.79 12.88 24.12
C LEU C 218 -42.78 12.16 25.01
N CYS C 219 -42.65 12.24 26.33
CA CYS C 219 -43.49 11.43 27.19
C CYS C 219 -44.82 12.11 27.48
N TYR C 220 -45.81 11.28 27.77
CA TYR C 220 -47.07 11.70 28.39
C TYR C 220 -47.73 10.49 29.01
N VAL C 221 -48.61 10.76 29.96
CA VAL C 221 -49.08 9.71 30.86
C VAL C 221 -50.27 8.98 30.27
N ALA C 222 -50.26 7.66 30.41
CA ALA C 222 -51.40 6.86 29.98
C ALA C 222 -52.64 7.25 30.77
N LEU C 223 -53.70 7.62 30.06
CA LEU C 223 -54.98 7.80 30.73
C LEU C 223 -55.59 6.46 31.11
N ASP C 224 -55.65 5.52 30.16
CA ASP C 224 -56.05 4.15 30.39
C ASP C 224 -55.17 3.25 29.55
N PHE C 225 -54.65 2.19 30.15
CA PHE C 225 -53.56 1.47 29.52
C PHE C 225 -54.06 0.61 28.36
N GLU C 226 -55.10 -0.20 28.61
CA GLU C 226 -55.68 -1.00 27.55
C GLU C 226 -56.10 -0.13 26.39
N ASN C 227 -56.89 0.90 26.67
CA ASN C 227 -57.46 1.70 25.60
C ASN C 227 -56.35 2.33 24.79
N GLU C 228 -55.31 2.80 25.46
CA GLU C 228 -54.18 3.33 24.74
C GLU C 228 -53.58 2.29 23.82
N MET C 229 -53.43 1.05 24.30
CA MET C 229 -52.93 -0.01 23.41
C MET C 229 -53.85 -0.19 22.21
N ALA C 230 -55.16 -0.02 22.41
CA ALA C 230 -56.07 -0.16 21.27
C ALA C 230 -55.81 0.92 20.25
N THR C 231 -55.61 2.15 20.72
CA THR C 231 -55.20 3.21 19.82
C THR C 231 -53.85 2.90 19.19
N ALA C 232 -52.98 2.22 19.92
CA ALA C 232 -51.67 1.87 19.39
C ALA C 232 -51.82 0.98 18.18
N ALA C 233 -52.81 0.11 18.23
CA ALA C 233 -53.12 -0.71 17.06
C ALA C 233 -53.74 0.15 15.97
N SER C 234 -54.53 1.15 16.36
CA SER C 234 -55.19 1.98 15.36
C SER C 234 -54.25 3.01 14.72
N SER C 235 -53.41 3.69 15.49
CA SER C 235 -52.98 5.03 15.10
C SER C 235 -51.48 5.21 15.21
N SER C 236 -50.97 6.20 14.49
CA SER C 236 -49.59 6.66 14.58
C SER C 236 -49.41 8.01 15.27
N SER C 237 -50.48 8.72 15.64
CA SER C 237 -50.30 9.93 16.44
C SER C 237 -49.56 9.63 17.72
N LEU C 238 -49.69 8.40 18.21
CA LEU C 238 -48.86 7.86 19.28
C LEU C 238 -47.39 7.92 18.95
N GLU C 239 -47.04 8.12 17.69
CA GLU C 239 -45.68 7.99 17.22
C GLU C 239 -45.22 9.35 16.73
N LYS C 240 -44.05 9.76 17.20
CA LYS C 240 -43.47 11.07 16.93
C LYS C 240 -42.00 10.91 16.58
N SER C 241 -41.48 11.91 15.90
CA SER C 241 -40.18 11.85 15.26
C SER C 241 -39.27 12.88 15.91
N TYR C 242 -38.10 12.42 16.33
CA TYR C 242 -37.21 13.17 17.21
C TYR C 242 -35.76 12.91 16.86
N GLU C 243 -34.96 13.93 17.04
CA GLU C 243 -33.59 13.86 16.58
C GLU C 243 -32.74 13.35 17.74
N LEU C 244 -31.63 12.71 17.41
CA LEU C 244 -30.55 12.70 18.36
C LEU C 244 -30.17 14.12 18.72
N PRO C 245 -29.65 14.35 19.91
CA PRO C 245 -29.11 15.67 20.24
C PRO C 245 -28.13 16.14 19.20
N ASP C 246 -27.37 15.23 18.61
CA ASP C 246 -26.83 15.42 17.27
C ASP C 246 -26.71 14.06 16.60
N GLY C 247 -26.78 14.07 15.27
CA GLY C 247 -26.96 12.84 14.52
C GLY C 247 -28.41 12.64 14.12
N GLN C 248 -28.94 11.45 14.37
CA GLN C 248 -30.06 10.91 13.61
C GLN C 248 -31.38 11.50 14.08
N VAL C 249 -32.37 11.36 13.21
CA VAL C 249 -33.77 11.34 13.58
C VAL C 249 -34.16 9.96 14.11
N ILE C 250 -34.93 9.96 15.20
CA ILE C 250 -35.37 8.76 15.89
C ILE C 250 -36.87 8.89 16.08
N THR C 251 -37.57 7.78 16.02
CA THR C 251 -39.02 7.84 16.06
C THR C 251 -39.57 6.71 16.90
N ILE C 252 -40.48 7.04 17.81
CA ILE C 252 -40.73 6.28 19.02
C ILE C 252 -42.21 6.02 19.14
N GLY C 253 -42.56 4.76 19.40
CA GLY C 253 -43.94 4.33 19.44
C GLY C 253 -44.54 4.45 20.82
N ASN C 254 -45.37 3.47 21.17
CA ASN C 254 -45.89 3.34 22.52
C ASN C 254 -44.81 3.42 23.56
N GLU C 255 -43.60 3.08 23.15
CA GLU C 255 -42.45 3.18 24.01
C GLU C 255 -42.34 4.50 24.74
N ARG C 256 -42.83 5.60 24.18
CA ARG C 256 -42.93 6.80 25.01
C ARG C 256 -43.90 6.61 26.18
N PHE C 257 -45.17 6.31 25.92
CA PHE C 257 -46.12 6.46 27.01
C PHE C 257 -45.99 5.33 28.00
N ARG C 258 -45.53 4.17 27.54
CA ARG C 258 -45.35 3.01 28.39
C ARG C 258 -44.45 3.29 29.58
N CYS C 259 -43.46 4.13 29.42
CA CYS C 259 -42.53 4.41 30.50
C CYS C 259 -43.21 4.86 31.79
N PRO C 260 -43.99 5.93 31.81
CA PRO C 260 -44.57 6.38 33.08
C PRO C 260 -45.42 5.33 33.74
N GLU C 261 -46.05 4.46 32.95
CA GLU C 261 -46.91 3.43 33.51
C GLU C 261 -46.20 2.64 34.60
N THR C 262 -44.87 2.52 34.51
CA THR C 262 -44.11 1.85 35.55
C THR C 262 -44.51 2.35 36.93
N LEU C 263 -44.75 3.65 37.06
CA LEU C 263 -45.15 4.18 38.35
C LEU C 263 -46.45 3.54 38.78
N PHE C 264 -47.39 3.39 37.86
CA PHE C 264 -48.65 2.78 38.23
C PHE C 264 -48.53 1.27 38.35
N GLN C 265 -47.73 0.65 37.50
CA GLN C 265 -47.47 -0.78 37.57
C GLN C 265 -45.97 -1.00 37.61
N PRO C 266 -45.40 -1.04 38.75
CA PRO C 266 -44.00 -1.40 38.89
C PRO C 266 -43.75 -2.91 38.84
N SER C 267 -44.28 -3.56 37.82
CA SER C 267 -43.68 -4.78 37.32
C SER C 267 -42.46 -4.50 36.45
N PHE C 268 -42.55 -3.50 35.58
CA PHE C 268 -41.74 -3.52 34.36
C PHE C 268 -40.26 -3.41 34.66
N ILE C 269 -39.92 -2.76 35.75
CA ILE C 269 -38.72 -3.02 36.52
C ILE C 269 -39.29 -3.41 37.86
N GLY C 270 -39.05 -4.65 38.26
CA GLY C 270 -40.01 -5.33 39.11
C GLY C 270 -39.54 -5.45 40.55
N MET C 271 -40.48 -5.09 41.39
CA MET C 271 -40.46 -4.81 42.80
C MET C 271 -41.87 -5.17 43.18
N GLU C 272 -42.14 -5.48 44.43
CA GLU C 272 -43.50 -5.15 44.81
C GLU C 272 -43.53 -4.13 45.92
N SER C 273 -44.21 -3.05 45.61
CA SER C 273 -44.95 -2.14 46.44
C SER C 273 -45.95 -1.66 45.42
N ALA C 274 -47.22 -1.65 45.75
CA ALA C 274 -48.18 -1.82 44.68
C ALA C 274 -48.33 -0.57 43.83
N GLY C 275 -47.56 0.46 44.12
CA GLY C 275 -47.35 1.58 43.23
C GLY C 275 -47.73 2.87 43.92
N ILE C 276 -47.63 3.96 43.18
CA ILE C 276 -47.86 5.26 43.80
C ILE C 276 -49.27 5.32 44.37
N HIS C 277 -50.26 5.02 43.54
CA HIS C 277 -51.62 5.37 43.92
C HIS C 277 -52.09 4.49 45.06
N GLU C 278 -51.93 3.17 44.89
CA GLU C 278 -52.22 2.25 45.96
C GLU C 278 -51.36 2.52 47.18
N THR C 279 -50.14 3.02 47.00
CA THR C 279 -49.37 3.41 48.18
C THR C 279 -50.09 4.51 48.91
N THR C 280 -50.63 5.46 48.16
CA THR C 280 -51.20 6.65 48.75
C THR C 280 -52.42 6.27 49.56
N TYR C 281 -53.33 5.54 48.94
CA TYR C 281 -54.53 5.13 49.66
C TYR C 281 -54.20 4.20 50.82
N ASN C 282 -53.19 3.35 50.65
CA ASN C 282 -52.74 2.55 51.78
C ASN C 282 -52.33 3.47 52.93
N SER C 283 -51.50 4.45 52.62
CA SER C 283 -50.86 5.25 53.65
C SER C 283 -51.86 6.15 54.33
N ILE C 284 -52.88 6.60 53.61
CA ILE C 284 -54.01 7.22 54.27
C ILE C 284 -54.65 6.24 55.24
N MET C 285 -55.02 5.06 54.75
CA MET C 285 -55.87 4.25 55.60
C MET C 285 -55.11 3.79 56.82
N LYS C 286 -53.79 3.77 56.75
CA LYS C 286 -52.97 3.78 57.95
C LYS C 286 -53.34 4.95 58.86
N CYS C 287 -53.25 6.17 58.34
CA CYS C 287 -53.53 7.31 59.19
C CYS C 287 -55.00 7.33 59.60
N ASP C 288 -55.31 8.12 60.62
CA ASP C 288 -56.49 7.87 61.44
C ASP C 288 -57.74 8.40 60.78
N ILE C 289 -58.88 8.23 61.45
CA ILE C 289 -60.13 8.14 60.74
C ILE C 289 -60.68 9.51 60.41
N ASP C 290 -60.69 10.41 61.40
CA ASP C 290 -61.42 11.66 61.24
C ASP C 290 -60.78 12.57 60.21
N ILE C 291 -59.44 12.67 60.25
CA ILE C 291 -58.71 13.59 59.41
C ILE C 291 -59.03 13.43 57.93
N ARG C 292 -59.40 12.22 57.51
CA ARG C 292 -59.19 11.78 56.14
C ARG C 292 -59.80 12.73 55.12
N LYS C 293 -61.00 13.26 55.40
CA LYS C 293 -61.66 14.08 54.39
C LYS C 293 -60.78 15.21 53.93
N ASP C 294 -60.13 15.88 54.88
CA ASP C 294 -59.30 17.02 54.51
C ASP C 294 -58.25 16.59 53.50
N LEU C 295 -57.63 15.45 53.76
CA LEU C 295 -56.54 15.03 52.91
C LEU C 295 -57.07 14.64 51.55
N TYR C 296 -58.23 13.99 51.54
CA TYR C 296 -58.95 13.76 50.30
C TYR C 296 -59.19 15.04 49.53
N ALA C 297 -59.42 16.14 50.25
CA ALA C 297 -59.53 17.44 49.59
C ALA C 297 -58.18 17.97 49.15
N ASN C 298 -57.22 17.99 50.06
CA ASN C 298 -55.97 18.69 49.83
C ASN C 298 -54.93 17.68 49.46
N ASN C 299 -54.57 17.65 48.18
CA ASN C 299 -53.66 16.65 47.66
C ASN C 299 -52.71 17.30 46.68
N VAL C 300 -51.41 17.13 46.92
CA VAL C 300 -50.40 18.04 46.42
C VAL C 300 -49.22 17.22 45.95
N MET C 301 -48.60 17.67 44.88
CA MET C 301 -47.63 16.90 44.12
C MET C 301 -46.57 17.87 43.66
N SER C 302 -45.37 17.36 43.42
CA SER C 302 -44.32 18.26 43.00
C SER C 302 -43.20 17.49 42.33
N GLY C 303 -42.33 18.24 41.68
CA GLY C 303 -41.03 17.82 41.21
C GLY C 303 -41.03 16.75 40.13
N GLY C 304 -39.96 15.95 40.18
CA GLY C 304 -39.43 15.34 38.97
C GLY C 304 -40.41 14.54 38.15
N THR C 305 -41.10 13.61 38.79
CA THR C 305 -42.06 12.83 38.01
C THR C 305 -43.26 13.67 37.62
N THR C 306 -43.71 14.55 38.50
CA THR C 306 -44.98 15.22 38.25
C THR C 306 -44.96 16.02 36.97
N MET C 307 -43.77 16.41 36.50
CA MET C 307 -43.65 17.18 35.28
C MET C 307 -44.45 16.59 34.12
N TYR C 308 -44.54 15.26 34.04
CA TYR C 308 -45.27 14.63 32.96
C TYR C 308 -46.67 15.20 32.80
N PRO C 309 -47.11 15.47 31.58
CA PRO C 309 -48.52 15.76 31.33
C PRO C 309 -49.38 14.55 31.66
N GLY C 310 -50.41 14.76 32.46
CA GLY C 310 -51.51 13.82 32.55
C GLY C 310 -51.61 13.08 33.87
N ILE C 311 -50.57 13.13 34.69
CA ILE C 311 -50.55 12.33 35.92
C ILE C 311 -51.80 12.60 36.74
N ALA C 312 -52.13 13.87 36.93
CA ALA C 312 -53.26 14.23 37.79
C ALA C 312 -54.54 13.53 37.39
N ASP C 313 -54.78 13.36 36.09
CA ASP C 313 -56.00 12.72 35.68
C ASP C 313 -56.04 11.28 36.14
N ARG C 314 -54.99 10.52 35.85
CA ARG C 314 -55.07 9.12 36.21
C ARG C 314 -55.05 8.99 37.72
N MET C 315 -54.39 9.92 38.40
CA MET C 315 -54.43 9.94 39.86
C MET C 315 -55.87 9.99 40.32
N GLN C 316 -56.65 10.89 39.73
CA GLN C 316 -58.04 11.03 40.12
C GLN C 316 -58.80 9.77 39.81
N LYS C 317 -58.53 9.17 38.66
CA LYS C 317 -59.12 7.88 38.34
C LYS C 317 -58.80 6.83 39.39
N GLU C 318 -57.57 6.81 39.89
CA GLU C 318 -57.18 5.79 40.84
C GLU C 318 -57.82 6.01 42.20
N ILE C 319 -57.81 7.24 42.69
CA ILE C 319 -58.43 7.49 43.97
C ILE C 319 -59.94 7.32 43.90
N THR C 320 -60.57 7.79 42.83
CA THR C 320 -61.98 7.50 42.61
C THR C 320 -62.25 6.00 42.52
N ALA C 321 -61.28 5.22 42.05
CA ALA C 321 -61.42 3.78 42.18
C ALA C 321 -61.43 3.38 43.66
N LEU C 322 -60.43 3.82 44.41
CA LEU C 322 -60.27 3.21 45.72
C LEU C 322 -61.10 3.89 46.79
N ALA C 323 -61.24 5.20 46.72
CA ALA C 323 -62.10 5.88 47.67
C ALA C 323 -63.53 5.37 47.52
N PRO C 324 -64.32 5.38 48.58
CA PRO C 324 -65.77 5.47 48.39
C PRO C 324 -66.07 6.77 47.68
N SER C 325 -66.69 6.64 46.50
CA SER C 325 -66.84 7.79 45.61
C SER C 325 -67.54 8.94 46.30
N THR C 326 -68.30 8.65 47.35
CA THR C 326 -69.16 9.62 48.00
C THR C 326 -68.46 10.91 48.36
N MET C 327 -67.16 10.85 48.64
CA MET C 327 -66.47 12.00 49.20
C MET C 327 -65.52 12.67 48.22
N LYS C 328 -65.42 13.99 48.38
CA LYS C 328 -64.67 14.87 47.50
C LYS C 328 -63.26 14.36 47.26
N ILE C 329 -62.78 14.53 46.04
CA ILE C 329 -61.39 14.28 45.69
C ILE C 329 -60.94 15.35 44.71
N LYS C 330 -59.73 15.86 44.91
CA LYS C 330 -59.11 16.68 43.89
C LYS C 330 -57.61 16.66 44.13
N ILE C 331 -56.86 17.12 43.12
CA ILE C 331 -55.42 17.21 43.25
C ILE C 331 -54.96 18.59 42.78
N ILE C 332 -53.81 19.01 43.27
CA ILE C 332 -53.19 20.26 42.85
C ILE C 332 -52.03 19.95 41.91
N ALA C 333 -51.91 20.74 40.86
CA ALA C 333 -50.81 20.64 39.90
C ALA C 333 -50.26 22.03 39.62
N PRO C 334 -49.51 22.60 40.54
CA PRO C 334 -49.09 23.99 40.41
C PRO C 334 -48.16 24.17 39.23
N PRO C 335 -47.99 25.39 38.74
CA PRO C 335 -47.09 25.57 37.59
C PRO C 335 -45.64 25.25 37.90
N GLU C 336 -45.19 25.62 39.11
CA GLU C 336 -43.77 25.79 39.41
C GLU C 336 -43.10 24.55 40.00
N ARG C 337 -43.71 23.38 39.83
CA ARG C 337 -43.46 22.25 40.71
C ARG C 337 -41.97 21.93 40.84
N LYS C 338 -41.27 21.93 39.71
CA LYS C 338 -39.85 21.59 39.70
C LYS C 338 -39.00 22.47 40.59
N TYR C 339 -39.33 23.74 40.73
CA TYR C 339 -38.68 24.59 41.73
C TYR C 339 -39.24 24.47 43.14
N SER C 340 -40.37 23.77 43.31
CA SER C 340 -41.23 24.05 44.45
C SER C 340 -40.41 23.98 45.73
N VAL C 341 -39.60 22.94 45.84
CA VAL C 341 -38.95 22.64 47.11
C VAL C 341 -38.15 23.84 47.54
N TRP C 342 -37.29 24.33 46.67
CA TRP C 342 -36.41 25.41 47.05
C TRP C 342 -37.25 26.64 47.32
N ILE C 343 -38.37 26.79 46.62
CA ILE C 343 -39.20 27.97 46.87
C ILE C 343 -39.68 27.94 48.31
N GLY C 344 -40.23 26.81 48.70
CA GLY C 344 -40.67 26.66 50.06
C GLY C 344 -39.53 26.89 51.02
N GLY C 345 -38.36 26.36 50.68
CA GLY C 345 -37.20 26.62 51.52
C GLY C 345 -36.95 28.09 51.70
N SER C 346 -37.16 28.87 50.65
CA SER C 346 -36.93 30.31 50.77
C SER C 346 -37.87 30.89 51.80
N ILE C 347 -39.14 30.52 51.72
CA ILE C 347 -40.08 30.96 52.75
C ILE C 347 -39.60 30.53 54.11
N LEU C 348 -39.21 29.26 54.23
CA LEU C 348 -38.76 28.70 55.49
C LEU C 348 -37.61 29.51 56.06
N ALA C 349 -36.74 29.97 55.18
CA ALA C 349 -35.58 30.73 55.62
C ALA C 349 -36.02 32.08 56.10
N SER C 350 -37.10 32.61 55.54
CA SER C 350 -37.36 34.04 55.69
C SER C 350 -37.72 34.36 57.13
N LEU C 351 -38.57 33.56 57.76
CA LEU C 351 -39.22 33.99 58.99
C LEU C 351 -38.25 33.99 60.16
N SER C 352 -38.31 35.07 60.94
CA SER C 352 -37.36 35.32 62.03
C SER C 352 -37.27 34.18 63.04
N THR C 353 -38.35 33.41 63.21
CA THR C 353 -38.35 32.27 64.11
C THR C 353 -37.18 31.31 63.92
N PHE C 354 -36.69 31.14 62.71
CA PHE C 354 -35.47 30.35 62.57
C PHE C 354 -34.27 30.94 63.30
N GLN C 355 -34.22 32.24 63.52
CA GLN C 355 -33.21 32.76 64.44
C GLN C 355 -33.32 32.09 65.79
N GLN C 356 -34.54 31.86 66.26
CA GLN C 356 -34.72 30.98 67.40
C GLN C 356 -34.24 29.58 67.09
N MET C 357 -34.40 29.13 65.85
CA MET C 357 -34.35 27.71 65.51
C MET C 357 -33.03 27.20 64.96
N TRP C 358 -32.23 28.01 64.27
CA TRP C 358 -31.02 27.44 63.67
C TRP C 358 -30.16 26.76 64.71
N ILE C 359 -29.41 25.75 64.26
CA ILE C 359 -28.19 25.40 64.97
C ILE C 359 -27.20 26.54 64.83
N THR C 360 -26.39 26.75 65.86
CA THR C 360 -25.25 27.64 65.77
C THR C 360 -23.95 26.92 66.03
N LYS C 361 -22.86 27.58 65.61
CA LYS C 361 -21.53 27.00 65.74
C LYS C 361 -21.27 26.61 67.18
N GLN C 362 -21.83 27.39 68.12
CA GLN C 362 -21.53 27.21 69.52
C GLN C 362 -21.86 25.79 69.95
N GLU C 363 -23.06 25.33 69.59
CA GLU C 363 -23.42 23.97 69.96
C GLU C 363 -22.43 23.00 69.36
N TYR C 364 -22.11 23.17 68.08
CA TYR C 364 -21.20 22.25 67.43
C TYR C 364 -19.87 22.21 68.16
N ASP C 365 -19.51 23.32 68.79
CA ASP C 365 -18.35 23.33 69.68
C ASP C 365 -18.62 22.45 70.89
N GLU C 366 -19.77 22.65 71.52
CA GLU C 366 -19.99 22.16 72.87
C GLU C 366 -20.56 20.75 72.89
N ALA C 367 -21.04 20.26 71.75
CA ALA C 367 -21.56 18.91 71.59
C ALA C 367 -21.42 18.54 70.13
N GLY C 368 -21.61 17.26 69.83
CA GLY C 368 -21.07 16.72 68.61
C GLY C 368 -21.98 16.92 67.43
N PRO C 369 -21.79 16.14 66.37
CA PRO C 369 -22.88 15.90 65.42
C PRO C 369 -24.16 15.43 66.05
N SER C 370 -24.09 14.79 67.22
CA SER C 370 -25.29 14.31 67.88
C SER C 370 -26.34 15.40 67.99
N ILE C 371 -25.90 16.65 68.08
CA ILE C 371 -26.80 17.78 68.26
C ILE C 371 -27.93 17.72 67.25
N VAL C 372 -27.57 17.50 65.99
CA VAL C 372 -28.55 17.60 64.91
C VAL C 372 -29.76 16.78 65.26
N HIS C 373 -29.53 15.55 65.67
CA HIS C 373 -30.60 14.59 65.53
C HIS C 373 -31.66 14.85 66.59
N ARG C 374 -31.26 15.41 67.71
CA ARG C 374 -32.26 16.05 68.57
C ARG C 374 -32.86 17.26 67.87
N LYS C 375 -32.02 18.17 67.39
CA LYS C 375 -32.48 19.54 67.24
C LYS C 375 -33.44 19.68 66.07
N CYS C 376 -33.12 19.06 64.94
CA CYS C 376 -34.02 19.08 63.80
C CYS C 376 -34.96 17.88 63.86
N PHE C 377 -36.00 17.92 63.04
CA PHE C 377 -36.69 16.69 62.70
C PHE C 377 -35.71 15.79 61.95
N THR D 7 -19.35 -23.79 -39.69
CA THR D 7 -17.95 -23.42 -39.87
C THR D 7 -17.08 -23.74 -38.67
N THR D 8 -15.91 -23.12 -38.62
CA THR D 8 -14.78 -23.58 -37.84
C THR D 8 -13.97 -22.35 -37.48
N ALA D 9 -13.07 -22.51 -36.53
CA ALA D 9 -12.52 -21.37 -35.83
C ALA D 9 -11.00 -21.45 -35.83
N LEU D 10 -10.37 -20.30 -36.04
CA LEU D 10 -8.99 -20.25 -36.50
C LEU D 10 -8.24 -19.28 -35.62
N VAL D 11 -6.98 -19.58 -35.32
CA VAL D 11 -6.22 -18.74 -34.40
C VAL D 11 -4.87 -18.42 -34.98
N CYS D 12 -4.55 -17.13 -35.00
CA CYS D 12 -3.20 -16.65 -35.26
C CYS D 12 -2.52 -16.41 -33.92
N ASP D 13 -1.30 -16.90 -33.79
CA ASP D 13 -0.40 -16.37 -32.78
C ASP D 13 0.45 -15.30 -33.43
N ASN D 14 0.40 -14.09 -32.88
CA ASN D 14 1.36 -13.05 -33.20
C ASN D 14 2.19 -12.63 -32.00
N GLY D 15 2.28 -13.48 -30.98
CA GLY D 15 3.45 -13.41 -30.14
C GLY D 15 4.63 -13.49 -31.07
N SER D 16 5.60 -12.62 -30.86
CA SER D 16 6.58 -12.36 -31.90
C SER D 16 7.62 -13.46 -31.91
N GLY D 17 8.54 -13.39 -32.85
CA GLY D 17 9.22 -14.59 -33.25
C GLY D 17 8.39 -15.29 -34.29
N LEU D 18 8.63 -16.58 -34.47
CA LEU D 18 7.88 -17.27 -35.48
C LEU D 18 6.40 -17.28 -35.12
N VAL D 19 5.57 -17.24 -36.14
CA VAL D 19 4.16 -16.89 -36.03
C VAL D 19 3.32 -18.11 -36.33
N LYS D 20 2.29 -18.32 -35.52
CA LYS D 20 1.74 -19.64 -35.33
C LYS D 20 0.26 -19.57 -35.61
N ALA D 21 -0.23 -20.47 -36.46
CA ALA D 21 -1.57 -20.34 -36.98
C ALA D 21 -2.15 -21.71 -37.31
N GLY D 22 -3.41 -21.92 -36.95
CA GLY D 22 -3.97 -23.25 -37.00
C GLY D 22 -5.41 -23.30 -36.57
N PHE D 23 -6.15 -24.27 -37.09
CA PHE D 23 -7.56 -24.38 -36.79
C PHE D 23 -7.75 -24.90 -35.37
N ALA D 24 -8.92 -24.62 -34.83
CA ALA D 24 -9.29 -25.22 -33.56
C ALA D 24 -9.30 -26.73 -33.68
N GLY D 25 -8.53 -27.39 -32.82
CA GLY D 25 -8.71 -28.80 -32.55
C GLY D 25 -7.65 -29.69 -33.15
N ASP D 26 -6.95 -29.24 -34.18
CA ASP D 26 -5.63 -29.80 -34.45
C ASP D 26 -4.74 -29.66 -33.22
N ASP D 27 -3.88 -30.66 -33.02
CA ASP D 27 -2.98 -30.66 -31.88
C ASP D 27 -1.89 -29.61 -32.01
N ALA D 28 -1.51 -29.23 -33.22
CA ALA D 28 -0.41 -28.31 -33.41
C ALA D 28 -0.62 -27.58 -34.72
N PRO D 29 -0.15 -26.33 -34.82
CA PRO D 29 -0.52 -25.53 -35.99
C PRO D 29 0.08 -26.08 -37.26
N ARG D 30 -0.57 -25.74 -38.37
CA ARG D 30 -0.22 -26.35 -39.65
C ARG D 30 1.20 -26.00 -40.07
N ALA D 31 1.58 -24.74 -39.93
CA ALA D 31 2.94 -24.31 -40.18
C ALA D 31 3.13 -22.94 -39.56
N VAL D 32 4.36 -22.43 -39.66
CA VAL D 32 4.87 -21.42 -38.74
C VAL D 32 5.87 -20.56 -39.48
N PHE D 33 5.84 -19.27 -39.19
CA PHE D 33 6.57 -18.31 -39.97
C PHE D 33 7.23 -17.29 -39.07
N PRO D 34 8.42 -16.85 -39.41
CA PRO D 34 9.23 -16.11 -38.44
C PRO D 34 8.62 -14.77 -38.11
N SER D 35 7.78 -14.22 -38.99
CA SER D 35 7.44 -12.80 -39.04
C SER D 35 8.63 -11.94 -39.34
N ILE D 36 9.68 -12.47 -39.97
CA ILE D 36 10.59 -11.59 -40.67
C ILE D 36 9.82 -10.85 -41.75
N VAL D 37 10.15 -9.59 -41.96
CA VAL D 37 9.92 -8.94 -43.23
C VAL D 37 11.22 -8.33 -43.69
N GLY D 38 11.41 -8.34 -45.00
CA GLY D 38 12.69 -7.99 -45.60
C GLY D 38 12.46 -7.41 -46.96
N ARG D 39 13.38 -6.58 -47.39
CA ARG D 39 13.22 -5.97 -48.69
C ARG D 39 14.55 -5.96 -49.42
N PRO D 40 14.56 -5.70 -50.72
CA PRO D 40 15.82 -5.71 -51.46
C PRO D 40 16.78 -4.71 -50.88
N ARG D 41 18.06 -4.96 -51.11
CA ARG D 41 19.11 -4.06 -50.71
C ARG D 41 19.96 -3.60 -51.88
N HIS D 42 19.84 -4.24 -53.03
CA HIS D 42 20.81 -4.01 -54.08
C HIS D 42 20.09 -3.88 -55.41
N GLN D 43 20.70 -3.16 -56.33
CA GLN D 43 20.19 -3.06 -57.68
C GLN D 43 19.88 -4.44 -58.24
N GLY D 44 18.70 -4.57 -58.84
CA GLY D 44 18.33 -5.84 -59.42
C GLY D 44 18.84 -5.94 -60.83
N VAL D 45 19.77 -6.87 -61.04
CA VAL D 45 20.67 -6.81 -62.18
C VAL D 45 20.54 -8.01 -63.10
N MET D 46 19.91 -9.10 -62.68
CA MET D 46 19.27 -9.96 -63.65
C MET D 46 17.96 -9.31 -64.05
N VAL D 47 17.94 -8.76 -65.27
CA VAL D 47 16.68 -8.34 -65.86
C VAL D 47 15.74 -9.50 -66.10
N GLY D 48 16.27 -10.70 -66.32
CA GLY D 48 15.41 -11.86 -66.37
C GLY D 48 14.61 -12.09 -65.10
N MET D 49 15.16 -11.73 -63.95
CA MET D 49 14.42 -11.89 -62.71
C MET D 49 13.18 -11.01 -62.69
N GLY D 50 12.07 -11.57 -62.23
CA GLY D 50 10.96 -10.74 -61.78
C GLY D 50 11.36 -10.09 -60.46
N GLN D 51 11.24 -8.78 -60.37
CA GLN D 51 11.41 -8.13 -59.08
C GLN D 51 10.11 -8.15 -58.30
N LYS D 52 10.14 -8.83 -57.17
CA LYS D 52 9.15 -8.72 -56.11
C LYS D 52 9.80 -7.97 -54.97
N ASP D 53 9.12 -6.97 -54.43
CA ASP D 53 9.79 -5.99 -53.61
C ASP D 53 9.67 -6.27 -52.12
N SER D 54 8.92 -7.29 -51.73
CA SER D 54 8.71 -7.58 -50.31
C SER D 54 8.65 -9.08 -50.10
N TYR D 55 9.23 -9.52 -48.98
CA TYR D 55 9.36 -10.95 -48.72
C TYR D 55 9.26 -11.24 -47.24
N VAL D 56 8.70 -12.40 -46.95
CA VAL D 56 8.18 -12.77 -45.65
C VAL D 56 8.36 -14.27 -45.57
N GLY D 57 8.49 -14.78 -44.35
CA GLY D 57 8.32 -16.21 -44.20
C GLY D 57 9.56 -16.94 -44.67
N ASP D 58 9.48 -18.27 -44.61
CA ASP D 58 10.62 -19.08 -45.00
C ASP D 58 11.13 -18.69 -46.37
N GLU D 59 10.26 -18.14 -47.21
CA GLU D 59 10.72 -17.61 -48.50
C GLU D 59 11.84 -16.61 -48.28
N ALA D 60 11.60 -15.65 -47.40
CA ALA D 60 12.64 -14.72 -47.02
C ALA D 60 13.77 -15.44 -46.31
N GLN D 61 13.42 -16.38 -45.42
CA GLN D 61 14.43 -17.08 -44.65
C GLN D 61 15.46 -17.76 -45.54
N SER D 62 15.06 -18.19 -46.73
CA SER D 62 16.02 -18.69 -47.70
C SER D 62 16.80 -17.53 -48.31
N LYS D 63 16.09 -16.54 -48.80
CA LYS D 63 16.57 -15.48 -49.67
C LYS D 63 17.47 -14.49 -48.95
N ARG D 64 17.64 -14.66 -47.64
CA ARG D 64 17.94 -13.55 -46.74
C ARG D 64 19.02 -12.63 -47.28
N GLY D 65 20.09 -13.22 -47.80
CA GLY D 65 21.38 -12.54 -47.76
C GLY D 65 21.36 -11.14 -48.34
N ILE D 66 20.77 -10.98 -49.52
CA ILE D 66 20.55 -9.64 -50.06
C ILE D 66 19.34 -8.92 -49.50
N LEU D 67 18.33 -9.62 -49.04
CA LEU D 67 17.32 -8.93 -48.25
C LEU D 67 17.91 -8.40 -46.96
N THR D 68 17.31 -7.34 -46.44
CA THR D 68 17.59 -6.92 -45.08
C THR D 68 16.29 -6.84 -44.31
N LEU D 69 16.41 -7.08 -43.03
CA LEU D 69 15.28 -7.35 -42.19
C LEU D 69 14.74 -6.08 -41.56
N LYS D 70 13.42 -6.00 -41.48
CA LYS D 70 12.81 -5.19 -40.45
C LYS D 70 12.13 -6.22 -39.58
N TYR D 71 11.89 -5.86 -38.33
CA TYR D 71 11.39 -6.86 -37.41
C TYR D 71 10.13 -6.23 -36.84
N PRO D 72 8.96 -6.68 -37.25
CA PRO D 72 7.78 -5.81 -37.22
C PRO D 72 7.14 -5.72 -35.85
N ILE D 73 7.63 -6.45 -34.86
CA ILE D 73 7.18 -6.31 -33.50
C ILE D 73 8.39 -5.97 -32.66
N GLU D 74 8.44 -4.75 -32.15
CA GLU D 74 9.23 -4.46 -30.98
C GLU D 74 8.43 -4.66 -29.70
N GLY D 76 6.73 -6.79 -27.93
CA GLY D 76 5.34 -7.15 -28.18
C GLY D 76 4.35 -6.18 -28.79
N ILE D 77 4.67 -4.88 -28.89
CA ILE D 77 3.78 -3.97 -29.58
C ILE D 77 4.15 -3.91 -31.06
N ILE D 78 3.17 -4.16 -31.91
CA ILE D 78 3.45 -4.33 -33.33
C ILE D 78 3.73 -2.96 -33.95
N THR D 79 4.89 -2.83 -34.58
CA THR D 79 5.43 -1.49 -34.77
C THR D 79 4.83 -0.78 -35.97
N ASN D 80 4.67 -1.46 -37.10
CA ASN D 80 4.40 -0.81 -38.37
C ASN D 80 3.38 -1.56 -39.18
N TRP D 81 2.22 -0.95 -39.36
CA TRP D 81 1.01 -1.71 -39.66
C TRP D 81 1.11 -2.39 -41.02
N ASP D 82 1.51 -1.66 -42.06
CA ASP D 82 1.46 -2.23 -43.39
C ASP D 82 2.33 -3.46 -43.50
N ASP D 83 3.43 -3.48 -42.76
CA ASP D 83 4.23 -4.70 -42.72
C ASP D 83 3.41 -5.83 -42.11
N MET D 84 2.73 -5.55 -41.00
CA MET D 84 1.89 -6.57 -40.41
C MET D 84 0.93 -7.09 -41.45
N GLU D 85 0.34 -6.16 -42.20
CA GLU D 85 -0.69 -6.52 -43.16
C GLU D 85 -0.11 -7.46 -44.19
N LYS D 86 1.14 -7.21 -44.59
CA LYS D 86 1.78 -8.15 -45.49
C LYS D 86 1.85 -9.50 -44.83
N ILE D 87 2.34 -9.54 -43.60
CA ILE D 87 2.60 -10.82 -42.95
C ILE D 87 1.29 -11.57 -42.88
N TRP D 88 0.27 -10.88 -42.42
CA TRP D 88 -0.99 -11.47 -42.04
C TRP D 88 -1.65 -12.01 -43.29
N HIS D 89 -1.68 -11.17 -44.33
CA HIS D 89 -2.29 -11.52 -45.59
C HIS D 89 -1.61 -12.74 -46.14
N HIS D 90 -0.28 -12.72 -46.15
CA HIS D 90 0.47 -13.82 -46.70
C HIS D 90 0.09 -15.09 -45.97
N THR D 91 0.11 -15.04 -44.64
CA THR D 91 -0.06 -16.27 -43.90
C THR D 91 -1.40 -16.89 -44.23
N PHE D 92 -2.47 -16.08 -44.22
CA PHE D 92 -3.77 -16.66 -44.55
C PHE D 92 -3.72 -17.28 -45.93
N TYR D 93 -3.34 -16.51 -46.93
CA TYR D 93 -3.66 -16.98 -48.27
C TYR D 93 -2.70 -18.09 -48.64
N ASN D 94 -1.42 -17.89 -48.38
CA ASN D 94 -0.42 -18.82 -48.84
C ASN D 94 -0.41 -20.10 -48.02
N GLU D 95 -0.30 -20.01 -46.69
CA GLU D 95 -0.38 -21.29 -46.00
C GLU D 95 -1.81 -21.81 -45.93
N LEU D 96 -2.71 -20.99 -45.44
CA LEU D 96 -3.95 -21.54 -44.92
C LEU D 96 -4.95 -21.88 -46.00
N ARG D 97 -4.84 -21.24 -47.16
CA ARG D 97 -5.84 -21.37 -48.21
C ARG D 97 -7.21 -21.10 -47.58
N VAL D 98 -7.32 -19.96 -46.91
CA VAL D 98 -8.51 -19.62 -46.15
C VAL D 98 -8.98 -18.22 -46.52
N ALA D 99 -10.29 -18.03 -46.52
CA ALA D 99 -10.80 -16.74 -46.93
C ALA D 99 -11.40 -16.03 -45.72
N PRO D 100 -11.27 -14.71 -45.62
CA PRO D 100 -11.45 -14.05 -44.32
C PRO D 100 -12.86 -14.18 -43.80
N GLU D 101 -13.85 -14.30 -44.67
CA GLU D 101 -15.20 -14.52 -44.23
C GLU D 101 -15.37 -15.83 -43.48
N GLU D 102 -14.42 -16.75 -43.63
CA GLU D 102 -14.78 -18.15 -43.46
C GLU D 102 -14.93 -18.54 -41.99
N HIS D 103 -14.26 -17.84 -41.10
CA HIS D 103 -14.13 -18.29 -39.71
C HIS D 103 -14.02 -17.08 -38.81
N PRO D 104 -14.29 -17.26 -37.52
CA PRO D 104 -13.68 -16.37 -36.52
C PRO D 104 -12.18 -16.57 -36.46
N THR D 105 -11.50 -15.50 -36.03
CA THR D 105 -10.06 -15.46 -35.89
C THR D 105 -9.70 -14.89 -34.55
N LEU D 106 -8.67 -15.44 -33.94
CA LEU D 106 -8.44 -15.25 -32.52
C LEU D 106 -7.04 -14.70 -32.37
N LEU D 107 -6.90 -13.71 -31.50
CA LEU D 107 -5.69 -12.92 -31.41
C LEU D 107 -5.09 -13.00 -30.03
N THR D 108 -3.78 -12.91 -30.00
CA THR D 108 -3.01 -13.34 -28.85
C THR D 108 -2.10 -12.18 -28.48
N GLU D 109 -2.21 -11.73 -27.25
CA GLU D 109 -1.75 -10.40 -26.92
C GLU D 109 -0.82 -10.44 -25.73
N ALA D 110 0.24 -9.67 -25.79
CA ALA D 110 0.89 -9.24 -24.58
C ALA D 110 -0.13 -8.56 -23.66
N PRO D 111 -0.14 -8.86 -22.38
CA PRO D 111 -1.02 -8.15 -21.46
C PRO D 111 -0.46 -6.78 -21.12
N LEU D 112 -1.35 -5.95 -20.59
CA LEU D 112 -1.00 -4.67 -20.01
C LEU D 112 -0.10 -3.85 -20.93
N ASN D 113 -0.52 -3.70 -22.17
CA ASN D 113 0.32 -2.93 -23.06
C ASN D 113 -0.57 -2.08 -23.95
N PRO D 114 -0.02 -1.09 -24.68
CA PRO D 114 -0.82 0.07 -25.06
C PRO D 114 -2.03 -0.26 -25.91
N LYS D 115 -3.11 0.49 -25.69
CA LYS D 115 -4.41 0.20 -26.29
C LYS D 115 -4.32 0.10 -27.80
N ALA D 116 -3.44 0.90 -28.40
CA ALA D 116 -3.43 1.06 -29.84
C ALA D 116 -3.39 -0.27 -30.56
N ASN D 117 -2.62 -1.22 -30.05
CA ASN D 117 -2.55 -2.50 -30.75
C ASN D 117 -3.91 -3.15 -30.80
N ARG D 118 -4.68 -3.05 -29.72
CA ARG D 118 -6.03 -3.56 -29.76
C ARG D 118 -6.83 -2.84 -30.83
N GLU D 119 -6.85 -1.52 -30.76
CA GLU D 119 -7.84 -0.79 -31.54
C GLU D 119 -7.57 -0.94 -33.03
N LYS D 120 -6.33 -0.67 -33.47
CA LYS D 120 -6.03 -0.86 -34.88
C LYS D 120 -6.14 -2.32 -35.30
N MET D 121 -5.69 -3.27 -34.48
CA MET D 121 -5.78 -4.65 -34.92
C MET D 121 -7.21 -4.97 -35.30
N THR D 122 -8.13 -4.65 -34.41
CA THR D 122 -9.53 -4.90 -34.73
C THR D 122 -9.96 -4.09 -35.94
N GLN D 123 -9.51 -2.84 -36.03
CA GLN D 123 -10.01 -2.00 -37.10
C GLN D 123 -9.65 -2.63 -38.43
N ILE D 124 -8.39 -3.00 -38.57
CA ILE D 124 -7.90 -3.62 -39.80
C ILE D 124 -8.71 -4.87 -40.08
N MET D 125 -8.81 -5.75 -39.10
CA MET D 125 -9.31 -7.08 -39.39
C MET D 125 -10.80 -7.09 -39.66
N PHE D 126 -11.55 -6.18 -39.07
CA PHE D 126 -12.93 -6.03 -39.50
C PHE D 126 -13.03 -5.31 -40.83
N GLU D 127 -12.18 -4.31 -41.10
CA GLU D 127 -12.33 -3.62 -42.36
C GLU D 127 -11.56 -4.27 -43.51
N THR D 128 -10.26 -4.53 -43.34
CA THR D 128 -9.45 -4.90 -44.49
C THR D 128 -9.77 -6.33 -44.90
N PHE D 129 -9.74 -7.20 -43.92
CA PHE D 129 -10.45 -8.47 -43.95
C PHE D 129 -11.80 -8.18 -43.35
N ASN D 130 -12.80 -8.95 -43.74
CA ASN D 130 -14.11 -8.83 -43.12
C ASN D 130 -14.49 -10.20 -42.59
N VAL D 131 -14.54 -10.30 -41.26
CA VAL D 131 -14.31 -11.59 -40.62
C VAL D 131 -15.30 -11.80 -39.48
N PRO D 132 -15.92 -12.98 -39.40
CA PRO D 132 -17.12 -13.12 -38.58
C PRO D 132 -16.93 -12.69 -37.14
N ALA D 133 -15.83 -13.09 -36.50
CA ALA D 133 -15.68 -12.83 -35.08
C ALA D 133 -14.22 -12.65 -34.70
N MET D 134 -14.00 -11.77 -33.73
CA MET D 134 -12.69 -11.35 -33.30
C MET D 134 -12.62 -11.50 -31.79
N TYR D 135 -11.45 -11.86 -31.30
CA TYR D 135 -11.20 -11.84 -29.87
C TYR D 135 -9.73 -11.61 -29.62
N VAL D 136 -9.46 -10.99 -28.49
CA VAL D 136 -8.09 -10.77 -28.05
C VAL D 136 -8.01 -11.30 -26.63
N ALA D 137 -6.98 -12.08 -26.37
CA ALA D 137 -6.90 -12.87 -25.15
C ALA D 137 -5.49 -12.76 -24.61
N ILE D 138 -5.39 -12.78 -23.32
CA ILE D 138 -4.11 -12.54 -22.67
C ILE D 138 -3.38 -13.86 -22.49
N GLN D 139 -2.08 -13.81 -22.72
CA GLN D 139 -1.29 -15.02 -22.95
C GLN D 139 -1.51 -16.00 -21.81
N ALA D 140 -1.39 -15.52 -20.59
CA ALA D 140 -1.35 -16.40 -19.43
C ALA D 140 -2.60 -17.25 -19.36
N VAL D 141 -3.73 -16.69 -19.77
CA VAL D 141 -4.97 -17.45 -19.71
C VAL D 141 -4.85 -18.69 -20.58
N LEU D 142 -4.41 -18.50 -21.80
CA LEU D 142 -4.23 -19.63 -22.68
C LEU D 142 -3.22 -20.59 -22.08
N SER D 143 -2.15 -20.04 -21.52
CA SER D 143 -1.10 -20.89 -20.99
C SER D 143 -1.65 -21.82 -19.92
N LEU D 144 -2.52 -21.28 -19.08
CA LEU D 144 -3.16 -22.13 -18.10
C LEU D 144 -4.03 -23.17 -18.78
N TYR D 145 -4.89 -22.76 -19.71
CA TYR D 145 -5.83 -23.73 -20.24
C TYR D 145 -5.07 -24.91 -20.81
N ALA D 146 -4.03 -24.63 -21.57
CA ALA D 146 -3.28 -25.73 -22.16
C ALA D 146 -2.62 -26.52 -21.07
N SER D 147 -1.97 -25.84 -20.13
CA SER D 147 -1.30 -26.57 -19.08
C SER D 147 -2.27 -27.20 -18.10
N GLY D 148 -3.54 -26.78 -18.13
CA GLY D 148 -4.60 -27.41 -17.36
C GLY D 148 -4.35 -27.47 -15.87
N ARG D 149 -4.06 -26.33 -15.24
CA ARG D 149 -4.19 -26.19 -13.79
C ARG D 149 -4.82 -24.85 -13.50
N THR D 150 -6.02 -24.86 -12.94
CA THR D 150 -6.82 -23.63 -12.97
C THR D 150 -6.14 -22.50 -12.23
N THR D 151 -5.41 -22.81 -11.17
CA THR D 151 -4.53 -21.81 -10.58
C THR D 151 -3.22 -21.75 -11.34
N GLY D 152 -2.51 -20.63 -11.20
CA GLY D 152 -1.08 -20.69 -11.42
C GLY D 152 -0.44 -19.32 -11.47
N ILE D 153 0.86 -19.36 -11.75
CA ILE D 153 1.64 -18.21 -12.17
C ILE D 153 2.35 -18.63 -13.45
N VAL D 154 2.49 -17.71 -14.37
CA VAL D 154 3.05 -18.02 -15.65
C VAL D 154 4.24 -17.12 -15.91
N LEU D 155 5.27 -17.69 -16.50
CA LEU D 155 6.36 -16.98 -17.12
C LEU D 155 6.40 -17.44 -18.56
N ASP D 156 6.23 -16.53 -19.50
CA ASP D 156 6.46 -16.89 -20.88
C ASP D 156 7.08 -15.71 -21.59
N SER D 157 8.32 -15.90 -22.01
CA SER D 157 9.20 -14.83 -22.43
C SER D 157 9.51 -15.11 -23.88
N GLY D 158 8.83 -14.44 -24.79
CA GLY D 158 8.97 -14.89 -26.14
C GLY D 158 10.11 -14.19 -26.82
N ASP D 159 9.92 -13.95 -28.11
CA ASP D 159 10.58 -12.83 -28.76
C ASP D 159 10.32 -11.55 -27.99
N GLY D 160 9.12 -11.41 -27.44
CA GLY D 160 8.67 -10.16 -26.87
C GLY D 160 8.38 -10.21 -25.39
N VAL D 161 7.81 -9.11 -24.91
CA VAL D 161 7.84 -8.71 -23.51
C VAL D 161 7.35 -9.81 -22.59
N THR D 162 8.01 -9.94 -21.44
CA THR D 162 8.11 -11.16 -20.67
C THR D 162 7.27 -11.02 -19.41
N HIS D 163 6.65 -12.10 -18.97
CA HIS D 163 5.43 -11.93 -18.21
C HIS D 163 5.52 -12.61 -16.88
N ASN D 164 4.93 -12.00 -15.87
CA ASN D 164 4.38 -12.75 -14.76
C ASN D 164 2.94 -12.33 -14.57
N VAL D 165 2.03 -13.29 -14.59
CA VAL D 165 0.69 -13.10 -14.08
C VAL D 165 0.45 -14.27 -13.15
N PRO D 166 0.17 -14.06 -11.87
CA PRO D 166 -0.58 -15.08 -11.14
C PRO D 166 -1.99 -15.04 -11.68
N ILE D 167 -2.51 -16.20 -12.03
CA ILE D 167 -3.94 -16.38 -12.09
C ILE D 167 -4.35 -17.30 -10.96
N TYR D 168 -5.31 -16.86 -10.16
CA TYR D 168 -5.95 -17.84 -9.32
C TYR D 168 -7.02 -18.51 -10.15
N GLU D 169 -7.40 -19.71 -9.73
CA GLU D 169 -8.54 -20.34 -10.38
C GLU D 169 -9.64 -19.32 -10.56
N GLY D 170 -10.09 -19.23 -11.80
CA GLY D 170 -11.17 -18.40 -12.23
C GLY D 170 -11.04 -16.89 -12.13
N TYR D 171 -9.87 -16.34 -11.78
CA TYR D 171 -9.82 -14.88 -11.67
C TYR D 171 -8.42 -14.33 -11.89
N ALA D 172 -8.39 -13.05 -12.22
CA ALA D 172 -7.22 -12.20 -12.44
C ALA D 172 -6.87 -11.42 -11.19
N LEU D 173 -5.60 -11.09 -11.05
CA LEU D 173 -5.11 -10.20 -9.99
C LEU D 173 -4.31 -9.08 -10.63
N PRO D 174 -4.96 -8.27 -11.49
CA PRO D 174 -4.21 -7.38 -12.38
C PRO D 174 -3.23 -6.46 -11.70
N HIS D 175 -3.43 -6.12 -10.43
CA HIS D 175 -2.39 -5.41 -9.71
C HIS D 175 -1.12 -6.24 -9.63
N ALA D 176 -1.26 -7.56 -9.55
CA ALA D 176 -0.16 -8.46 -9.33
C ALA D 176 0.89 -8.45 -10.42
N ILE D 177 0.59 -7.94 -11.58
CA ILE D 177 1.23 -8.44 -12.78
C ILE D 177 2.51 -7.66 -12.97
N MET D 178 3.54 -8.34 -13.48
CA MET D 178 4.77 -7.66 -13.82
C MET D 178 5.14 -7.92 -15.27
N ARG D 179 5.73 -6.90 -15.89
CA ARG D 179 5.92 -6.84 -17.32
C ARG D 179 7.32 -6.31 -17.61
N LEU D 180 8.09 -7.06 -18.38
CA LEU D 180 9.51 -6.75 -18.53
C LEU D 180 9.96 -6.90 -19.97
N ASP D 181 10.79 -5.96 -20.41
CA ASP D 181 11.48 -6.04 -21.70
C ASP D 181 12.84 -6.71 -21.48
N LEU D 182 12.84 -8.03 -21.44
CA LEU D 182 14.06 -8.82 -21.34
C LEU D 182 14.07 -9.97 -22.32
N ALA D 183 13.19 -9.93 -23.32
CA ALA D 183 12.89 -11.13 -24.07
C ALA D 183 14.06 -11.52 -24.96
N GLY D 184 13.97 -12.74 -25.49
CA GLY D 184 15.13 -13.39 -26.05
C GLY D 184 15.79 -12.59 -27.16
N ARG D 185 15.03 -11.78 -27.87
CA ARG D 185 15.60 -10.97 -28.93
C ARG D 185 16.70 -10.07 -28.38
N ASP D 186 16.38 -9.29 -27.36
CA ASP D 186 17.35 -8.36 -26.83
C ASP D 186 18.53 -9.13 -26.26
N LEU D 187 18.23 -10.26 -25.63
CA LEU D 187 19.30 -11.11 -25.13
C LEU D 187 20.24 -11.49 -26.25
N THR D 188 19.67 -11.89 -27.38
CA THR D 188 20.48 -12.33 -28.51
C THR D 188 21.37 -11.21 -28.97
N ASP D 189 20.83 -9.99 -28.99
CA ASP D 189 21.66 -8.89 -29.44
C ASP D 189 22.76 -8.59 -28.45
N TYR D 190 22.52 -8.85 -27.16
CA TYR D 190 23.62 -8.86 -26.21
C TYR D 190 24.66 -9.92 -26.55
N LEU D 191 24.22 -11.04 -27.10
CA LEU D 191 25.16 -12.11 -27.35
C LEU D 191 26.34 -11.61 -28.16
N MET D 192 26.08 -10.80 -29.17
CA MET D 192 27.17 -10.36 -30.04
C MET D 192 28.19 -9.56 -29.25
N LYS D 193 27.72 -8.69 -28.36
CA LYS D 193 28.64 -7.91 -27.55
C LYS D 193 29.46 -8.78 -26.63
N ILE D 194 28.95 -9.97 -26.29
CA ILE D 194 29.89 -10.96 -25.78
C ILE D 194 30.82 -11.43 -26.88
N LEU D 195 30.23 -11.86 -27.99
CA LEU D 195 30.92 -12.84 -28.84
C LEU D 195 32.15 -12.24 -29.46
N THR D 196 32.12 -10.93 -29.71
CA THR D 196 33.30 -10.29 -30.24
C THR D 196 34.51 -10.42 -29.33
N GLU D 197 34.35 -10.84 -28.08
CA GLU D 197 35.53 -11.16 -27.30
C GLU D 197 36.36 -12.22 -27.99
N ARG D 198 35.73 -13.33 -28.37
CA ARG D 198 36.41 -14.26 -29.25
C ARG D 198 36.54 -13.69 -30.64
N GLY D 199 35.63 -12.80 -31.01
CA GLY D 199 35.92 -11.92 -32.12
C GLY D 199 35.91 -12.68 -33.41
N TYR D 200 34.90 -13.52 -33.57
CA TYR D 200 34.39 -13.89 -34.87
C TYR D 200 33.13 -13.07 -34.90
N SER D 201 33.03 -12.13 -35.82
CA SER D 201 32.17 -11.02 -35.49
C SER D 201 31.53 -10.42 -36.72
N PHE D 202 30.25 -10.15 -36.56
CA PHE D 202 29.35 -9.87 -37.65
C PHE D 202 28.15 -9.11 -37.11
N VAL D 203 27.82 -7.97 -37.72
CA VAL D 203 26.56 -7.31 -37.39
C VAL D 203 25.90 -6.85 -38.68
N THR D 204 24.69 -7.33 -38.91
CA THR D 204 23.65 -6.92 -39.84
C THR D 204 22.45 -7.73 -39.39
N THR D 205 21.29 -7.45 -40.00
CA THR D 205 20.09 -8.09 -39.49
C THR D 205 20.17 -9.59 -39.70
N ALA D 206 20.47 -10.02 -40.93
CA ALA D 206 20.50 -11.45 -41.19
C ALA D 206 21.54 -12.09 -40.30
N GLU D 207 22.65 -11.38 -40.10
CA GLU D 207 23.71 -11.91 -39.30
C GLU D 207 23.23 -12.08 -37.88
N ARG D 208 22.41 -11.15 -37.39
CA ARG D 208 21.86 -11.33 -36.07
C ARG D 208 20.96 -12.55 -35.99
N GLU D 209 20.15 -12.79 -37.01
CA GLU D 209 19.36 -14.01 -36.87
C GLU D 209 20.23 -15.25 -36.90
N ILE D 210 21.38 -15.20 -37.54
CA ILE D 210 22.25 -16.39 -37.51
C ILE D 210 22.54 -16.82 -36.09
N VAL D 211 22.66 -15.86 -35.19
CA VAL D 211 22.85 -16.14 -33.78
C VAL D 211 21.74 -17.02 -33.21
N ARG D 212 20.50 -16.79 -33.63
CA ARG D 212 19.39 -17.59 -33.12
C ARG D 212 19.68 -19.07 -33.17
N ASP D 213 20.29 -19.54 -34.26
CA ASP D 213 20.60 -20.95 -34.33
C ASP D 213 21.54 -21.35 -33.20
N ILE D 214 22.58 -20.55 -32.96
CA ILE D 214 23.51 -20.87 -31.89
C ILE D 214 22.79 -20.91 -30.56
N LYS D 215 21.81 -20.04 -30.37
CA LYS D 215 21.03 -20.11 -29.15
C LYS D 215 20.24 -21.39 -29.06
N GLU D 216 19.84 -21.92 -30.21
CA GLU D 216 19.25 -23.24 -30.20
C GLU D 216 20.24 -24.27 -29.71
N LYS D 217 21.37 -24.37 -30.38
CA LYS D 217 22.20 -25.55 -30.19
C LYS D 217 23.02 -25.48 -28.91
N LEU D 218 23.77 -24.39 -28.74
CA LEU D 218 24.92 -24.42 -27.86
C LEU D 218 24.65 -23.97 -26.43
N CYS D 219 23.48 -23.40 -26.16
CA CYS D 219 23.26 -22.83 -24.84
C CYS D 219 22.78 -23.84 -23.83
N TYR D 220 23.08 -23.57 -22.57
CA TYR D 220 22.45 -24.23 -21.43
C TYR D 220 22.62 -23.35 -20.21
N VAL D 221 21.78 -23.58 -19.23
CA VAL D 221 21.61 -22.61 -18.14
C VAL D 221 22.62 -22.88 -17.04
N ALA D 222 23.19 -21.81 -16.51
CA ALA D 222 24.08 -21.92 -15.37
C ALA D 222 23.34 -22.48 -14.17
N LEU D 223 23.84 -23.58 -13.61
CA LEU D 223 23.29 -24.04 -12.34
C LEU D 223 23.74 -23.15 -11.20
N ASP D 224 25.04 -22.87 -11.12
CA ASP D 224 25.61 -21.91 -10.19
C ASP D 224 26.72 -21.16 -10.91
N PHE D 225 26.73 -19.85 -10.78
CA PHE D 225 27.55 -19.04 -11.67
C PHE D 225 29.03 -19.13 -11.29
N GLU D 226 29.33 -18.91 -10.02
CA GLU D 226 30.72 -19.01 -9.56
C GLU D 226 31.28 -20.39 -9.90
N ASN D 227 30.56 -21.43 -9.50
CA ASN D 227 31.09 -22.78 -9.63
C ASN D 227 31.33 -23.09 -11.09
N GLU D 228 30.41 -22.65 -11.96
CA GLU D 228 30.63 -22.82 -13.38
C GLU D 228 31.91 -22.13 -13.82
N MET D 229 32.15 -20.90 -13.34
CA MET D 229 33.42 -20.25 -13.67
C MET D 229 34.61 -21.07 -13.21
N ALA D 230 34.48 -21.73 -12.06
CA ALA D 230 35.59 -22.55 -11.58
C ALA D 230 35.85 -23.70 -12.54
N THR D 231 34.78 -24.33 -13.00
CA THR D 231 34.94 -25.34 -14.04
C THR D 231 35.50 -24.73 -15.31
N ALA D 232 35.17 -23.47 -15.59
CA ALA D 232 35.68 -22.80 -16.78
C ALA D 232 37.18 -22.72 -16.72
N ALA D 233 37.70 -22.50 -15.51
CA ALA D 233 39.15 -22.53 -15.33
C ALA D 233 39.67 -23.95 -15.47
N SER D 234 38.88 -24.93 -15.01
CA SER D 234 39.34 -26.32 -15.07
C SER D 234 39.25 -26.92 -16.47
N SER D 235 38.15 -26.71 -17.20
CA SER D 235 37.74 -27.69 -18.19
C SER D 235 37.40 -27.06 -19.52
N SER D 236 37.44 -27.89 -20.57
CA SER D 236 36.98 -27.54 -21.91
C SER D 236 35.66 -28.18 -22.34
N SER D 237 35.08 -29.08 -21.54
CA SER D 237 33.76 -29.58 -21.87
C SER D 237 32.76 -28.43 -22.00
N LEU D 238 33.01 -27.35 -21.26
CA LEU D 238 32.32 -26.08 -21.44
C LEU D 238 32.43 -25.55 -22.86
N GLU D 239 33.36 -26.08 -23.64
CA GLU D 239 33.68 -25.54 -24.95
C GLU D 239 33.33 -26.57 -26.00
N LYS D 240 32.62 -26.12 -27.02
CA LYS D 240 32.09 -26.95 -28.09
C LYS D 240 32.34 -26.27 -29.42
N SER D 241 32.32 -27.08 -30.46
CA SER D 241 32.77 -26.68 -31.78
C SER D 241 31.59 -26.74 -32.73
N TYR D 242 31.38 -25.66 -33.45
CA TYR D 242 30.16 -25.43 -34.21
C TYR D 242 30.45 -24.68 -35.49
N GLU D 243 29.68 -25.00 -36.52
CA GLU D 243 29.98 -24.47 -37.83
C GLU D 243 29.20 -23.18 -38.01
N LEU D 244 29.71 -22.30 -38.85
CA LEU D 244 28.81 -21.36 -39.47
C LEU D 244 27.72 -22.13 -40.21
N PRO D 245 26.54 -21.52 -40.35
CA PRO D 245 25.51 -22.13 -41.20
C PRO D 245 26.04 -22.47 -42.56
N ASP D 246 26.97 -21.67 -43.08
CA ASP D 246 27.94 -22.13 -44.06
C ASP D 246 29.21 -21.33 -43.90
N GLY D 247 30.33 -21.93 -44.27
CA GLY D 247 31.63 -21.40 -43.91
C GLY D 247 32.23 -22.13 -42.71
N GLN D 248 32.69 -21.35 -41.73
CA GLN D 248 33.71 -21.80 -40.81
C GLN D 248 33.13 -22.69 -39.71
N VAL D 249 34.04 -23.43 -39.09
CA VAL D 249 33.87 -23.93 -37.72
C VAL D 249 34.19 -22.84 -36.72
N ILE D 250 33.35 -22.74 -35.69
CA ILE D 250 33.43 -21.73 -34.65
C ILE D 250 33.35 -22.47 -33.33
N THR D 251 34.06 -21.99 -32.33
CA THR D 251 34.12 -22.72 -31.07
C THR D 251 34.08 -21.75 -29.90
N ILE D 252 33.21 -22.05 -28.94
CA ILE D 252 32.62 -21.07 -28.05
C ILE D 252 32.80 -21.53 -26.62
N GLY D 253 33.28 -20.62 -25.77
CA GLY D 253 33.61 -20.95 -24.40
C GLY D 253 32.44 -20.74 -23.46
N ASN D 254 32.74 -20.23 -22.28
CA ASN D 254 31.72 -19.81 -21.33
C ASN D 254 30.72 -18.90 -21.96
N GLU D 255 31.12 -18.24 -23.02
CA GLU D 255 30.25 -17.38 -23.78
C GLU D 255 28.91 -18.01 -24.12
N ARG D 256 28.84 -19.34 -24.27
CA ARG D 256 27.52 -19.94 -24.34
C ARG D 256 26.71 -19.78 -23.06
N PHE D 257 27.22 -20.27 -21.93
CA PHE D 257 26.31 -20.37 -20.80
C PHE D 257 26.06 -19.00 -20.17
N ARG D 258 27.03 -18.11 -20.31
CA ARG D 258 26.91 -16.76 -19.76
C ARG D 258 25.68 -16.03 -20.25
N CYS D 259 25.28 -16.26 -21.49
CA CYS D 259 24.13 -15.57 -22.04
C CYS D 259 22.86 -15.68 -21.19
N PRO D 260 22.36 -16.87 -20.89
CA PRO D 260 21.10 -16.94 -20.14
C PRO D 260 21.19 -16.26 -18.80
N GLU D 261 22.37 -16.23 -18.19
CA GLU D 261 22.52 -15.63 -16.88
C GLU D 261 21.96 -14.21 -16.86
N THR D 262 21.98 -13.53 -18.00
CA THR D 262 21.38 -12.20 -18.07
C THR D 262 20.01 -12.18 -17.46
N LEU D 263 19.23 -13.23 -17.69
CA LEU D 263 17.90 -13.27 -17.10
C LEU D 263 18.00 -13.22 -15.60
N PHE D 264 18.93 -13.96 -15.03
CA PHE D 264 19.06 -13.94 -13.59
C PHE D 264 19.76 -12.68 -13.10
N GLN D 265 20.74 -12.19 -13.85
CA GLN D 265 21.41 -10.93 -13.52
C GLN D 265 21.35 -10.04 -14.75
N PRO D 266 20.36 -9.24 -14.84
CA PRO D 266 20.31 -8.22 -15.90
C PRO D 266 21.11 -6.97 -15.58
N SER D 267 22.38 -7.17 -15.22
CA SER D 267 23.39 -6.16 -15.46
C SER D 267 23.86 -6.17 -16.91
N PHE D 268 24.07 -7.34 -17.49
CA PHE D 268 25.03 -7.47 -18.57
C PHE D 268 24.59 -6.71 -19.80
N ILE D 269 23.29 -6.59 -19.98
CA ILE D 269 22.66 -5.48 -20.68
C ILE D 269 21.81 -4.87 -19.61
N GLY D 270 22.10 -3.64 -19.23
CA GLY D 270 21.83 -3.21 -17.88
C GLY D 270 20.65 -2.27 -17.76
N MET D 271 19.83 -2.63 -16.80
CA MET D 271 18.50 -2.23 -16.45
C MET D 271 18.50 -2.48 -14.97
N GLU D 272 17.63 -1.84 -14.22
CA GLU D 272 17.28 -2.57 -13.03
C GLU D 272 15.80 -2.88 -13.01
N SER D 273 15.55 -4.18 -12.91
CA SER D 273 14.43 -4.87 -12.32
C SER D 273 15.13 -6.16 -11.96
N ALA D 274 14.96 -6.62 -10.75
CA ALA D 274 16.05 -7.43 -10.20
C ALA D 274 16.11 -8.81 -10.81
N GLY D 275 15.24 -9.10 -11.76
CA GLY D 275 15.37 -10.24 -12.64
C GLY D 275 14.15 -11.11 -12.55
N ILE D 276 14.17 -12.22 -13.29
CA ILE D 276 12.98 -13.06 -13.35
C ILE D 276 12.61 -13.53 -11.97
N HIS D 277 13.56 -14.14 -11.25
CA HIS D 277 13.17 -14.90 -10.07
C HIS D 277 12.73 -13.96 -8.97
N GLU D 278 13.56 -12.96 -8.68
CA GLU D 278 13.17 -11.92 -7.74
C GLU D 278 11.93 -11.19 -8.19
N THR D 279 11.69 -11.07 -9.51
CA THR D 279 10.43 -10.48 -9.93
C THR D 279 9.29 -11.35 -9.46
N THR D 280 9.47 -12.66 -9.59
CA THR D 280 8.40 -13.59 -9.32
C THR D 280 8.02 -13.54 -7.86
N TYR D 281 9.02 -13.69 -7.00
CA TYR D 281 8.75 -13.65 -5.57
C TYR D 281 8.24 -12.28 -5.14
N ASN D 282 8.72 -11.21 -5.76
CA ASN D 282 8.16 -9.90 -5.50
C ASN D 282 6.68 -9.91 -5.82
N SER D 283 6.33 -10.40 -7.00
CA SER D 283 4.99 -10.26 -7.51
C SER D 283 4.02 -11.12 -6.74
N ILE D 284 4.48 -12.27 -6.25
CA ILE D 284 3.69 -13.00 -5.28
C ILE D 284 3.47 -12.15 -4.05
N MET D 285 4.54 -11.64 -3.46
CA MET D 285 4.35 -11.06 -2.14
C MET D 285 3.49 -9.82 -2.23
N LYS D 286 3.44 -9.20 -3.40
CA LYS D 286 2.35 -8.30 -3.72
C LYS D 286 0.99 -8.97 -3.54
N CYS D 287 0.77 -10.09 -4.23
CA CYS D 287 -0.54 -10.72 -4.12
C CYS D 287 -0.74 -11.26 -2.71
N ASP D 288 -1.99 -11.58 -2.40
CA ASP D 288 -2.44 -11.60 -1.02
C ASP D 288 -2.05 -12.91 -0.32
N ILE D 289 -2.42 -13.02 0.95
CA ILE D 289 -1.65 -13.87 1.84
C ILE D 289 -2.06 -15.32 1.72
N ASP D 290 -3.37 -15.58 1.72
CA ASP D 290 -3.83 -16.96 1.85
C ASP D 290 -3.51 -17.78 0.62
N ILE D 291 -3.73 -17.21 -0.56
CA ILE D 291 -3.58 -17.92 -1.83
C ILE D 291 -2.21 -18.59 -1.97
N ARG D 292 -1.19 -18.03 -1.33
CA ARG D 292 0.18 -18.18 -1.81
C ARG D 292 0.59 -19.64 -1.96
N LYS D 293 0.19 -20.49 -1.02
CA LYS D 293 0.67 -21.88 -1.07
C LYS D 293 0.37 -22.52 -2.41
N ASP D 294 -0.85 -22.31 -2.90
CA ASP D 294 -1.22 -22.94 -4.15
C ASP D 294 -0.24 -22.54 -5.24
N LEU D 295 0.09 -21.25 -5.29
CA LEU D 295 0.93 -20.78 -6.37
C LEU D 295 2.33 -21.31 -6.20
N TYR D 296 2.79 -21.38 -4.97
CA TYR D 296 4.02 -22.08 -4.65
C TYR D 296 4.01 -23.51 -5.16
N ALA D 297 2.84 -24.16 -5.13
CA ALA D 297 2.72 -25.48 -5.71
C ALA D 297 2.68 -25.42 -7.23
N ASN D 298 1.81 -24.60 -7.77
CA ASN D 298 1.51 -24.64 -9.19
C ASN D 298 2.27 -23.50 -9.86
N ASN D 299 3.32 -23.86 -10.57
CA ASN D 299 4.21 -22.88 -11.18
C ASN D 299 4.59 -23.35 -12.57
N VAL D 300 4.37 -22.50 -13.55
CA VAL D 300 4.22 -22.91 -14.93
C VAL D 300 4.94 -21.92 -15.82
N MET D 301 5.53 -22.43 -16.88
CA MET D 301 6.49 -21.70 -17.69
C MET D 301 6.27 -22.13 -19.11
N SER D 302 6.63 -21.27 -20.06
CA SER D 302 6.40 -21.64 -21.44
C SER D 302 7.28 -20.80 -22.34
N GLY D 303 7.34 -21.22 -23.60
CA GLY D 303 7.85 -20.49 -24.73
C GLY D 303 9.31 -20.13 -24.70
N GLY D 304 9.60 -18.99 -25.32
CA GLY D 304 10.89 -18.78 -25.96
C GLY D 304 12.10 -19.00 -25.08
N THR D 305 12.13 -18.34 -23.92
CA THR D 305 13.28 -18.55 -23.06
C THR D 305 13.28 -19.94 -22.46
N THR D 306 12.11 -20.44 -22.09
CA THR D 306 12.08 -21.67 -21.31
C THR D 306 12.73 -22.83 -22.03
N MET D 307 12.81 -22.75 -23.36
CA MET D 307 13.42 -23.81 -24.16
C MET D 307 14.78 -24.24 -23.61
N TYR D 308 15.56 -23.30 -23.08
CA TYR D 308 16.88 -23.64 -22.58
C TYR D 308 16.84 -24.82 -21.61
N PRO D 309 17.76 -25.76 -21.72
CA PRO D 309 17.94 -26.77 -20.68
C PRO D 309 18.39 -26.11 -19.39
N GLY D 310 17.70 -26.42 -18.29
CA GLY D 310 18.22 -26.19 -16.97
C GLY D 310 17.53 -25.11 -16.18
N ILE D 311 16.71 -24.29 -16.83
CA ILE D 311 16.09 -23.15 -16.16
C ILE D 311 15.39 -23.60 -14.90
N ALA D 312 14.59 -24.65 -15.01
CA ALA D 312 13.77 -25.10 -13.89
C ALA D 312 14.59 -25.35 -12.63
N ASP D 313 15.79 -25.89 -12.80
CA ASP D 313 16.60 -26.17 -11.63
C ASP D 313 16.99 -24.88 -10.91
N ARG D 314 17.54 -23.93 -11.66
CA ARG D 314 17.98 -22.73 -10.95
C ARG D 314 16.79 -21.98 -10.42
N MET D 315 15.65 -22.08 -11.11
CA MET D 315 14.42 -21.49 -10.61
C MET D 315 14.13 -22.03 -9.22
N GLN D 316 14.24 -23.35 -9.08
CA GLN D 316 13.96 -23.94 -7.78
C GLN D 316 14.97 -23.47 -6.76
N LYS D 317 16.23 -23.39 -7.16
CA LYS D 317 17.23 -22.82 -6.28
C LYS D 317 16.88 -21.42 -5.83
N GLU D 318 16.35 -20.60 -6.73
CA GLU D 318 16.05 -19.21 -6.38
C GLU D 318 14.86 -19.11 -5.46
N ILE D 319 13.79 -19.83 -5.76
CA ILE D 319 12.64 -19.77 -4.89
C ILE D 319 12.93 -20.39 -3.53
N THR D 320 13.64 -21.51 -3.51
CA THR D 320 14.10 -22.06 -2.24
C THR D 320 15.01 -21.09 -1.49
N ALA D 321 15.72 -20.24 -2.21
CA ALA D 321 16.39 -19.14 -1.52
C ALA D 321 15.38 -18.20 -0.88
N LEU D 322 14.41 -17.74 -1.66
CA LEU D 322 13.61 -16.63 -1.15
C LEU D 322 12.43 -17.09 -0.33
N ALA D 323 11.80 -18.19 -0.71
CA ALA D 323 10.73 -18.72 0.11
C ALA D 323 11.27 -19.07 1.49
N PRO D 324 10.43 -19.00 2.52
CA PRO D 324 10.67 -19.85 3.69
C PRO D 324 10.62 -21.30 3.25
N SER D 325 11.73 -22.00 3.45
CA SER D 325 11.88 -23.33 2.87
C SER D 325 10.76 -24.26 3.28
N THR D 326 10.10 -23.95 4.40
CA THR D 326 9.12 -24.82 5.01
C THR D 326 8.06 -25.31 4.03
N MET D 327 7.74 -24.53 3.02
CA MET D 327 6.59 -24.83 2.19
C MET D 327 6.97 -25.31 0.79
N LYS D 328 6.13 -26.21 0.28
CA LYS D 328 6.32 -26.89 -0.99
C LYS D 328 6.66 -25.92 -2.11
N ILE D 329 7.55 -26.35 -2.99
CA ILE D 329 7.85 -25.64 -4.22
C ILE D 329 8.06 -26.67 -5.33
N LYS D 330 7.52 -26.38 -6.50
CA LYS D 330 7.88 -27.15 -7.68
C LYS D 330 7.55 -26.31 -8.89
N ILE D 331 8.07 -26.73 -10.04
CA ILE D 331 7.78 -26.06 -11.30
C ILE D 331 7.41 -27.09 -12.34
N ILE D 332 6.67 -26.65 -13.35
CA ILE D 332 6.30 -27.48 -14.48
C ILE D 332 7.14 -27.10 -15.68
N ALA D 333 7.59 -28.09 -16.43
CA ALA D 333 8.35 -27.90 -17.66
C ALA D 333 7.80 -28.82 -18.74
N PRO D 334 6.65 -28.50 -19.29
CA PRO D 334 5.99 -29.42 -20.21
C PRO D 334 6.79 -29.61 -21.47
N PRO D 335 6.54 -30.67 -22.23
CA PRO D 335 7.32 -30.88 -23.45
C PRO D 335 7.09 -29.81 -24.50
N GLU D 336 5.84 -29.36 -24.63
CA GLU D 336 5.36 -28.68 -25.83
C GLU D 336 5.46 -27.16 -25.77
N ARG D 337 6.29 -26.62 -24.87
CA ARG D 337 6.13 -25.25 -24.39
C ARG D 337 6.06 -24.24 -25.53
N LYS D 338 6.94 -24.40 -26.51
CA LYS D 338 7.00 -23.46 -27.62
C LYS D 338 5.70 -23.33 -28.39
N TYR D 339 4.93 -24.40 -28.53
CA TYR D 339 3.58 -24.30 -29.07
C TYR D 339 2.51 -23.88 -28.07
N SER D 340 2.84 -23.81 -26.78
CA SER D 340 1.81 -23.95 -25.76
C SER D 340 0.70 -22.96 -26.04
N VAL D 341 1.09 -21.72 -26.33
CA VAL D 341 0.12 -20.63 -26.38
C VAL D 341 -0.97 -20.98 -27.36
N TRP D 342 -0.56 -21.31 -28.59
CA TRP D 342 -1.55 -21.56 -29.61
C TRP D 342 -2.36 -22.78 -29.24
N ILE D 343 -1.74 -23.73 -28.54
CA ILE D 343 -2.50 -24.92 -28.18
C ILE D 343 -3.65 -24.52 -27.28
N GLY D 344 -3.32 -23.74 -26.25
CA GLY D 344 -4.35 -23.25 -25.36
C GLY D 344 -5.39 -22.48 -26.13
N GLY D 345 -4.93 -21.66 -27.07
CA GLY D 345 -5.87 -20.93 -27.89
C GLY D 345 -6.84 -21.86 -28.59
N SER D 346 -6.35 -23.00 -29.05
CA SER D 346 -7.23 -23.95 -29.72
C SER D 346 -8.33 -24.40 -28.78
N ILE D 347 -7.94 -24.76 -27.57
CA ILE D 347 -8.95 -25.11 -26.57
C ILE D 347 -9.92 -23.96 -26.38
N LEU D 348 -9.38 -22.75 -26.23
CA LEU D 348 -10.18 -21.56 -26.00
C LEU D 348 -11.19 -21.39 -27.11
N ALA D 349 -10.78 -21.69 -28.33
CA ALA D 349 -11.65 -21.53 -29.48
C ALA D 349 -12.76 -22.57 -29.42
N SER D 350 -12.46 -23.73 -28.86
CA SER D 350 -13.32 -24.89 -29.10
C SER D 350 -14.67 -24.68 -28.44
N LEU D 351 -14.69 -24.20 -27.20
CA LEU D 351 -15.90 -24.32 -26.39
C LEU D 351 -16.99 -23.34 -26.84
N SER D 352 -18.20 -23.87 -26.93
CA SER D 352 -19.34 -23.13 -27.49
C SER D 352 -19.59 -21.79 -26.82
N THR D 353 -19.22 -21.65 -25.55
CA THR D 353 -19.38 -20.39 -24.84
C THR D 353 -18.82 -19.17 -25.57
N PHE D 354 -17.74 -19.32 -26.33
CA PHE D 354 -17.32 -18.19 -27.16
C PHE D 354 -18.36 -17.75 -28.18
N GLN D 355 -19.24 -18.64 -28.62
CA GLN D 355 -20.38 -18.15 -29.39
C GLN D 355 -21.15 -17.11 -28.61
N GLN D 356 -21.32 -17.32 -27.30
CA GLN D 356 -21.80 -16.23 -26.46
C GLN D 356 -20.83 -15.07 -26.47
N MET D 357 -19.52 -15.34 -26.57
CA MET D 357 -18.50 -14.38 -26.20
C MET D 357 -17.88 -13.59 -27.34
N TRP D 358 -17.80 -14.12 -28.56
CA TRP D 358 -17.11 -13.37 -29.61
C TRP D 358 -17.71 -11.98 -29.78
N ILE D 359 -16.86 -11.04 -30.21
CA ILE D 359 -17.38 -9.89 -30.91
C ILE D 359 -17.96 -10.35 -32.23
N THR D 360 -19.02 -9.67 -32.68
CA THR D 360 -19.53 -9.84 -34.03
C THR D 360 -19.48 -8.55 -34.82
N LYS D 361 -19.57 -8.70 -36.14
CA LYS D 361 -19.50 -7.58 -37.05
C LYS D 361 -20.54 -6.53 -36.66
N GLN D 362 -21.68 -6.99 -36.16
CA GLN D 362 -22.80 -6.10 -35.89
C GLN D 362 -22.37 -5.00 -34.94
N GLU D 363 -21.72 -5.37 -33.85
CA GLU D 363 -21.27 -4.35 -32.92
C GLU D 363 -20.34 -3.38 -33.63
N TYR D 364 -19.39 -3.92 -34.39
CA TYR D 364 -18.43 -3.05 -35.06
C TYR D 364 -19.14 -2.08 -35.97
N ASP D 365 -20.31 -2.48 -36.47
CA ASP D 365 -21.16 -1.55 -37.19
C ASP D 365 -21.68 -0.48 -36.25
N GLU D 366 -22.23 -0.92 -35.12
CA GLU D 366 -23.07 -0.06 -34.30
C GLU D 366 -22.28 0.75 -33.28
N ALA D 367 -21.02 0.40 -33.06
CA ALA D 367 -20.12 1.12 -32.16
C ALA D 367 -18.71 0.82 -32.63
N GLY D 368 -17.75 1.58 -32.10
CA GLY D 368 -16.48 1.74 -32.76
C GLY D 368 -15.51 0.63 -32.44
N PRO D 369 -14.23 0.88 -32.67
CA PRO D 369 -13.20 0.13 -31.94
C PRO D 369 -13.35 0.14 -30.44
N SER D 370 -14.01 1.16 -29.89
CA SER D 370 -14.19 1.24 -28.45
C SER D 370 -14.76 -0.06 -27.90
N ILE D 371 -15.55 -0.76 -28.71
CA ILE D 371 -16.22 -1.98 -28.27
C ILE D 371 -15.24 -2.91 -27.60
N VAL D 372 -14.09 -3.11 -28.24
CA VAL D 372 -13.16 -4.13 -27.78
C VAL D 372 -12.90 -3.93 -26.30
N HIS D 373 -12.60 -2.70 -25.92
CA HIS D 373 -11.87 -2.53 -24.70
C HIS D 373 -12.79 -2.80 -23.52
N ARG D 374 -14.09 -2.55 -23.70
CA ARG D 374 -15.06 -3.15 -22.79
C ARG D 374 -15.05 -4.65 -22.93
N LYS D 375 -15.22 -5.16 -24.15
CA LYS D 375 -15.78 -6.49 -24.29
C LYS D 375 -14.77 -7.57 -23.89
N CYS D 376 -13.52 -7.42 -24.31
CA CYS D 376 -12.49 -8.36 -23.91
C CYS D 376 -11.82 -7.86 -22.63
N PHE D 377 -11.05 -8.74 -22.01
CA PHE D 377 -10.04 -8.28 -21.08
C PHE D 377 -9.03 -7.45 -21.84
N THR E 7 61.54 8.66 -12.00
CA THR E 7 61.34 8.49 -13.44
C THR E 7 60.07 9.15 -13.94
N THR E 8 59.64 8.73 -15.12
CA THR E 8 58.74 9.50 -15.98
C THR E 8 57.96 8.48 -16.80
N ALA E 9 56.89 8.94 -17.41
CA ALA E 9 55.87 8.03 -17.90
C ALA E 9 55.55 8.35 -19.35
N LEU E 10 55.37 7.30 -20.13
CA LEU E 10 55.50 7.38 -21.58
C LEU E 10 54.30 6.71 -22.20
N VAL E 11 53.80 7.25 -23.30
CA VAL E 11 52.58 6.71 -23.90
C VAL E 11 52.77 6.50 -25.38
N CYS E 12 52.46 5.31 -25.84
CA CYS E 12 52.31 5.00 -27.25
C CYS E 12 50.84 5.10 -27.61
N ASP E 13 50.54 5.80 -28.70
CA ASP E 13 49.27 5.59 -29.37
C ASP E 13 49.49 4.56 -30.47
N ASN E 14 48.72 3.48 -30.41
CA ASN E 14 48.60 2.56 -31.53
C ASN E 14 47.20 2.48 -32.09
N GLY E 15 46.38 3.49 -31.83
CA GLY E 15 45.31 3.77 -32.76
C GLY E 15 45.94 3.87 -34.13
N SER E 16 45.36 3.21 -35.10
CA SER E 16 46.08 2.93 -36.32
C SER E 16 46.08 4.16 -37.20
N GLY E 17 46.77 4.08 -38.33
CA GLY E 17 47.23 5.28 -38.96
C GLY E 17 48.56 5.64 -38.32
N LEU E 18 48.94 6.90 -38.47
CA LEU E 18 50.22 7.28 -37.91
C LEU E 18 50.19 7.13 -36.40
N VAL E 19 51.34 6.78 -35.85
CA VAL E 19 51.47 6.24 -34.50
C VAL E 19 52.20 7.24 -33.62
N LYS E 20 51.70 7.42 -32.41
CA LYS E 20 51.91 8.66 -31.70
C LYS E 20 52.49 8.31 -30.35
N ALA E 21 53.58 8.96 -29.99
CA ALA E 21 54.36 8.54 -28.83
C ALA E 21 55.07 9.73 -28.22
N GLY E 22 55.04 9.80 -26.89
CA GLY E 22 55.49 10.99 -26.21
C GLY E 22 55.41 10.89 -24.71
N PHE E 23 56.26 11.64 -24.02
CA PHE E 23 56.31 11.57 -22.58
C PHE E 23 55.11 12.29 -21.98
N ALA E 24 54.78 11.93 -20.75
CA ALA E 24 53.78 12.68 -20.02
C ALA E 24 54.20 14.13 -19.88
N GLY E 25 53.36 15.04 -20.34
CA GLY E 25 53.42 16.43 -19.95
C GLY E 25 53.95 17.36 -21.02
N ASP E 26 54.68 16.84 -21.99
CA ASP E 26 54.76 17.55 -23.25
C ASP E 26 53.36 17.76 -23.83
N ASP E 27 53.19 18.89 -24.51
CA ASP E 27 51.91 19.24 -25.09
C ASP E 27 51.58 18.36 -26.29
N ALA E 28 52.58 17.85 -26.99
CA ALA E 28 52.32 17.09 -28.20
C ALA E 28 53.47 16.12 -28.41
N PRO E 29 53.21 14.97 -29.01
CA PRO E 29 54.22 13.92 -29.04
C PRO E 29 55.43 14.34 -29.86
N ARG E 30 56.57 13.71 -29.55
CA ARG E 30 57.83 14.15 -30.14
C ARG E 30 57.84 13.94 -31.64
N ALA E 31 57.37 12.79 -32.11
CA ALA E 31 57.23 12.55 -33.53
C ALA E 31 56.30 11.35 -33.72
N VAL E 32 56.02 11.04 -34.97
CA VAL E 32 54.82 10.30 -35.35
C VAL E 32 55.14 9.48 -36.58
N PHE E 33 54.60 8.27 -36.64
CA PHE E 33 55.00 7.32 -37.64
C PHE E 33 53.78 6.59 -38.16
N PRO E 34 53.75 6.28 -39.45
CA PRO E 34 52.50 5.85 -40.06
C PRO E 34 52.04 4.52 -39.54
N SER E 35 52.95 3.71 -39.01
CA SER E 35 52.79 2.27 -38.85
C SER E 35 52.64 1.55 -40.18
N ILE E 36 53.12 2.11 -41.27
CA ILE E 36 53.41 1.28 -42.42
C ILE E 36 54.45 0.26 -42.02
N VAL E 37 54.30 -0.95 -42.54
CA VAL E 37 55.44 -1.84 -42.70
C VAL E 37 55.48 -2.32 -44.13
N GLY E 38 56.69 -2.50 -44.64
CA GLY E 38 56.91 -2.74 -46.05
C GLY E 38 58.14 -3.58 -46.23
N ARG E 39 58.17 -4.32 -47.32
CA ARG E 39 59.32 -5.16 -47.55
C ARG E 39 59.72 -5.07 -49.01
N PRO E 40 60.90 -5.56 -49.36
CA PRO E 40 61.34 -5.49 -50.75
C PRO E 40 60.37 -6.20 -51.66
N ARG E 41 60.36 -5.80 -52.91
CA ARG E 41 59.56 -6.46 -53.92
C ARG E 41 60.40 -6.97 -55.08
N HIS E 42 61.66 -6.56 -55.18
CA HIS E 42 62.40 -6.81 -56.39
C HIS E 42 63.79 -7.29 -56.04
N GLN E 43 64.39 -8.05 -56.95
CA GLN E 43 65.77 -8.46 -56.79
C GLN E 43 66.65 -7.25 -56.47
N GLY E 44 67.51 -7.43 -55.48
CA GLY E 44 68.40 -6.35 -55.12
C GLY E 44 69.66 -6.42 -55.95
N VAL E 45 69.84 -5.40 -56.78
CA VAL E 45 70.72 -5.51 -57.94
C VAL E 45 71.88 -4.53 -57.90
N MET E 46 71.84 -3.50 -57.08
CA MET E 46 73.08 -2.92 -56.61
C MET E 46 73.62 -3.82 -55.52
N VAL E 47 74.67 -4.57 -55.86
CA VAL E 47 75.43 -5.28 -54.84
C VAL E 47 76.10 -4.34 -53.86
N GLY E 48 76.43 -3.13 -54.29
CA GLY E 48 76.91 -2.14 -53.34
C GLY E 48 75.93 -1.84 -52.24
N MET E 49 74.63 -1.89 -52.53
CA MET E 49 73.64 -1.63 -51.50
C MET E 49 73.72 -2.69 -50.40
N GLY E 50 73.63 -2.23 -49.14
CA GLY E 50 73.27 -3.13 -48.07
C GLY E 50 71.81 -3.47 -48.19
N GLN E 51 71.48 -4.76 -48.20
CA GLN E 51 70.07 -5.14 -48.12
C GLN E 51 69.62 -5.18 -46.68
N LYS E 52 68.67 -4.32 -46.34
CA LYS E 52 67.86 -4.40 -45.14
C LYS E 52 66.47 -4.83 -45.57
N ASP E 53 65.90 -5.81 -44.89
CA ASP E 53 64.77 -6.53 -45.44
C ASP E 53 63.44 -6.01 -44.94
N SER E 54 63.43 -5.06 -44.01
CA SER E 54 62.20 -4.58 -43.43
C SER E 54 62.30 -3.09 -43.15
N TYR E 55 61.21 -2.37 -43.38
CA TYR E 55 61.22 -0.92 -43.29
C TYR E 55 59.89 -0.40 -42.79
N VAL E 56 59.98 0.69 -42.05
CA VAL E 56 58.93 1.21 -41.19
C VAL E 56 59.10 2.71 -41.18
N GLY E 57 58.03 3.42 -40.95
CA GLY E 57 58.22 4.82 -40.59
C GLY E 57 58.54 5.64 -41.82
N ASP E 58 58.77 6.93 -41.58
CA ASP E 58 59.06 7.83 -42.70
C ASP E 58 60.18 7.29 -43.56
N GLU E 59 61.06 6.46 -42.99
CA GLU E 59 62.08 5.81 -43.80
C GLU E 59 61.41 5.05 -44.94
N ALA E 60 60.43 4.23 -44.59
CA ALA E 60 59.64 3.55 -45.61
C ALA E 60 58.87 4.55 -46.45
N GLN E 61 58.29 5.56 -45.80
CA GLN E 61 57.47 6.54 -46.49
C GLN E 61 58.24 7.20 -47.63
N SER E 62 59.55 7.35 -47.48
CA SER E 62 60.36 7.81 -48.60
C SER E 62 60.54 6.71 -49.63
N LYS E 63 60.96 5.54 -49.17
CA LYS E 63 61.47 4.45 -49.98
C LYS E 63 60.38 3.75 -50.76
N ARG E 64 59.13 4.17 -50.60
CA ARG E 64 57.98 3.28 -50.78
C ARG E 64 58.06 2.48 -52.06
N GLY E 65 58.44 3.11 -53.15
CA GLY E 65 57.99 2.67 -54.45
C GLY E 65 58.26 1.20 -54.73
N ILE E 66 59.48 0.75 -54.47
CA ILE E 66 59.78 -0.68 -54.54
C ILE E 66 59.35 -1.48 -53.32
N LEU E 67 59.28 -0.87 -52.14
CA LEU E 67 58.61 -1.56 -51.06
C LEU E 67 57.14 -1.77 -51.38
N THR E 68 56.56 -2.80 -50.78
CA THR E 68 55.12 -2.92 -50.76
C THR E 68 54.65 -3.08 -49.34
N LEU E 69 53.45 -2.60 -49.10
CA LEU E 69 52.96 -2.37 -47.78
C LEU E 69 52.22 -3.58 -47.25
N LYS E 70 52.41 -3.84 -45.96
CA LYS E 70 51.40 -4.55 -45.22
C LYS E 70 50.92 -3.51 -44.24
N TYR E 71 49.71 -3.68 -43.74
CA TYR E 71 49.14 -2.63 -42.91
C TYR E 71 48.75 -3.33 -41.63
N PRO E 72 49.49 -3.15 -40.55
CA PRO E 72 49.54 -4.17 -39.50
C PRO E 72 48.36 -4.14 -38.57
N ILE E 73 47.47 -3.17 -38.71
CA ILE E 73 46.23 -3.15 -37.95
C ILE E 73 45.09 -3.14 -38.96
N GLU E 74 44.35 -4.22 -39.02
CA GLU E 74 42.99 -4.19 -39.52
C GLU E 74 42.00 -3.89 -38.41
N GLY E 76 41.13 -1.77 -36.10
CA GLY E 76 41.73 -1.69 -34.79
C GLY E 76 42.32 -2.90 -34.10
N ILE E 77 42.09 -4.12 -34.57
CA ILE E 77 42.76 -5.27 -33.98
C ILE E 77 44.07 -5.52 -34.71
N ILE E 78 45.16 -5.59 -33.95
CA ILE E 78 46.48 -5.62 -34.55
C ILE E 78 46.73 -7.01 -35.11
N THR E 79 47.05 -7.08 -36.40
CA THR E 79 46.84 -8.32 -37.12
C THR E 79 47.97 -9.32 -36.92
N ASN E 80 49.22 -8.87 -36.96
CA ASN E 80 50.37 -9.77 -37.10
C ASN E 80 51.51 -9.34 -36.21
N TRP E 81 51.82 -10.14 -35.21
CA TRP E 81 52.52 -9.65 -34.04
C TRP E 81 53.93 -9.21 -34.39
N ASP E 82 54.69 -10.03 -35.11
CA ASP E 82 56.09 -9.71 -35.33
C ASP E 82 56.25 -8.40 -36.06
N ASP E 83 55.31 -8.07 -36.94
CA ASP E 83 55.34 -6.76 -37.56
C ASP E 83 55.18 -5.68 -36.50
N MET E 84 54.21 -5.87 -35.60
CA MET E 84 54.04 -4.91 -34.54
C MET E 84 55.35 -4.73 -33.81
N GLU E 85 56.01 -5.85 -33.53
CA GLU E 85 57.21 -5.83 -32.73
C GLU E 85 58.27 -5.01 -33.44
N LYS E 86 58.32 -5.11 -34.76
CA LYS E 86 59.23 -4.27 -35.51
C LYS E 86 58.86 -2.82 -35.26
N ILE E 87 57.58 -2.50 -35.42
CA ILE E 87 57.17 -1.11 -35.36
C ILE E 87 57.54 -0.56 -34.01
N TRP E 88 57.20 -1.31 -33.00
CA TRP E 88 57.24 -0.86 -31.62
C TRP E 88 58.68 -0.66 -31.24
N HIS E 89 59.51 -1.67 -31.56
CA HIS E 89 60.91 -1.64 -31.24
C HIS E 89 61.54 -0.43 -31.89
N HIS E 90 61.25 -0.25 -33.17
CA HIS E 90 61.83 0.85 -33.90
C HIS E 90 61.48 2.14 -33.23
N THR E 91 60.20 2.32 -32.92
CA THR E 91 59.78 3.62 -32.44
C THR E 91 60.52 3.96 -31.16
N PHE E 92 60.58 3.01 -30.22
CA PHE E 92 61.30 3.31 -28.99
C PHE E 92 62.73 3.69 -29.30
N TYR E 93 63.44 2.82 -30.00
CA TYR E 93 64.88 2.99 -29.97
C TYR E 93 65.26 4.16 -30.87
N ASN E 94 64.68 4.21 -32.05
CA ASN E 94 65.09 5.19 -33.04
C ASN E 94 64.58 6.58 -32.69
N GLU E 95 63.27 6.74 -32.47
CA GLU E 95 62.88 8.09 -32.10
C GLU E 95 63.24 8.39 -30.65
N LEU E 96 62.80 7.54 -29.75
CA LEU E 96 62.69 7.97 -28.36
C LEU E 96 64.01 7.95 -27.64
N ARG E 97 64.96 7.15 -28.09
CA ARG E 97 66.20 6.93 -27.37
C ARG E 97 65.85 6.56 -25.93
N VAL E 98 65.00 5.56 -25.79
CA VAL E 98 64.47 5.17 -24.48
C VAL E 98 64.64 3.68 -24.28
N ALA E 99 64.90 3.28 -23.05
CA ALA E 99 65.13 1.89 -22.79
C ALA E 99 63.96 1.31 -21.99
N PRO E 100 63.57 0.06 -22.25
CA PRO E 100 62.23 -0.38 -21.82
C PRO E 100 62.06 -0.39 -20.32
N GLU E 101 63.15 -0.58 -19.58
CA GLU E 101 63.07 -0.50 -18.12
C GLU E 101 62.67 0.88 -17.65
N GLU E 102 62.78 1.90 -18.49
CA GLU E 102 62.98 3.24 -17.96
C GLU E 102 61.70 3.85 -17.40
N HIS E 103 60.55 3.43 -17.91
CA HIS E 103 59.30 4.12 -17.65
C HIS E 103 58.16 3.12 -17.65
N PRO E 104 57.02 3.47 -17.06
CA PRO E 104 55.76 2.88 -17.50
C PRO E 104 55.41 3.31 -18.90
N THR E 105 54.64 2.46 -19.57
CA THR E 105 54.19 2.67 -20.94
C THR E 105 52.70 2.39 -21.01
N LEU E 106 52.00 3.19 -21.80
CA LEU E 106 50.56 3.30 -21.70
C LEU E 106 49.99 3.00 -23.06
N LEU E 107 48.94 2.21 -23.09
CA LEU E 107 48.42 1.65 -24.32
C LEU E 107 46.99 2.05 -24.56
N THR E 108 46.65 2.18 -25.82
CA THR E 108 45.48 2.92 -26.23
C THR E 108 44.68 1.99 -27.13
N GLU E 109 43.44 1.75 -26.78
CA GLU E 109 42.75 0.58 -27.29
C GLU E 109 41.42 0.97 -27.89
N ALA E 110 41.10 0.38 -29.00
CA ALA E 110 39.70 0.27 -29.39
C ALA E 110 38.91 -0.39 -28.25
N PRO E 111 37.76 0.12 -27.89
CA PRO E 111 36.93 -0.55 -26.91
C PRO E 111 36.19 -1.74 -27.51
N LEU E 112 35.73 -2.59 -26.61
CA LEU E 112 34.82 -3.68 -26.95
C LEU E 112 35.34 -4.49 -28.13
N ASN E 113 36.59 -4.91 -28.04
CA ASN E 113 37.08 -5.69 -29.16
C ASN E 113 37.96 -6.81 -28.62
N PRO E 114 38.33 -7.81 -29.43
CA PRO E 114 38.63 -9.13 -28.88
C PRO E 114 39.78 -9.14 -27.90
N LYS E 115 39.65 -9.99 -26.88
CA LYS E 115 40.56 -10.02 -25.74
C LYS E 115 42.01 -10.18 -26.18
N ALA E 116 42.22 -10.91 -27.27
CA ALA E 116 43.57 -11.33 -27.66
C ALA E 116 44.51 -10.15 -27.71
N ASN E 117 44.06 -9.01 -28.24
CA ASN E 117 44.97 -7.89 -28.34
C ASN E 117 45.45 -7.48 -26.96
N ARG E 118 44.56 -7.50 -25.97
CA ARG E 118 45.01 -7.22 -24.62
C ARG E 118 46.06 -8.23 -24.20
N GLU E 119 45.72 -9.51 -24.30
CA GLU E 119 46.54 -10.50 -23.62
C GLU E 119 47.93 -10.58 -24.24
N LYS E 120 48.01 -10.73 -25.56
CA LYS E 120 49.33 -10.73 -26.17
C LYS E 120 50.05 -9.40 -26.02
N MET E 121 49.36 -8.26 -26.14
CA MET E 121 50.09 -7.01 -26.01
C MET E 121 50.84 -7.00 -24.70
N THR E 122 50.13 -7.30 -23.62
CA THR E 122 50.79 -7.32 -22.33
C THR E 122 51.87 -8.39 -22.30
N GLN E 123 51.61 -9.55 -22.88
CA GLN E 123 52.56 -10.63 -22.77
C GLN E 123 53.88 -10.20 -23.36
N ILE E 124 53.81 -9.65 -24.58
CA ILE E 124 55.01 -9.19 -25.27
C ILE E 124 55.71 -8.15 -24.43
N MET E 125 54.97 -7.14 -24.01
CA MET E 125 55.63 -5.97 -23.45
C MET E 125 56.22 -6.24 -22.08
N PHE E 126 55.63 -7.14 -21.30
CA PHE E 126 56.31 -7.58 -20.10
C PHE E 126 57.47 -8.53 -20.41
N GLU E 127 57.32 -9.41 -21.40
CA GLU E 127 58.43 -10.32 -21.65
C GLU E 127 59.49 -9.77 -22.60
N THR E 128 59.09 -9.29 -23.78
CA THR E 128 60.09 -8.99 -24.81
C THR E 128 60.83 -7.73 -24.43
N PHE E 129 60.07 -6.70 -24.13
CA PHE E 129 60.52 -5.59 -23.31
C PHE E 129 60.19 -5.97 -21.88
N ASN E 130 60.93 -5.44 -20.94
CA ASN E 130 60.61 -5.66 -19.54
C ASN E 130 60.46 -4.30 -18.90
N VAL E 131 59.24 -3.98 -18.50
CA VAL E 131 58.83 -2.58 -18.43
C VAL E 131 58.01 -2.33 -17.18
N PRO E 132 58.30 -1.27 -16.43
CA PRO E 132 57.81 -1.18 -15.06
C PRO E 132 56.31 -1.32 -14.93
N ALA E 133 55.54 -0.65 -15.79
CA ALA E 133 54.10 -0.63 -15.61
C ALA E 133 53.38 -0.50 -16.94
N MET E 134 52.23 -1.17 -17.02
CA MET E 134 51.44 -1.30 -18.23
C MET E 134 50.02 -0.88 -17.90
N TYR E 135 49.37 -0.26 -18.87
CA TYR E 135 47.95 0.01 -18.76
C TYR E 135 47.33 0.06 -20.13
N VAL E 136 46.07 -0.31 -20.19
CA VAL E 136 45.30 -0.24 -21.42
C VAL E 136 44.04 0.53 -21.10
N ALA E 137 43.72 1.51 -21.93
CA ALA E 137 42.71 2.50 -21.62
C ALA E 137 41.86 2.70 -22.85
N ILE E 138 40.60 2.95 -22.64
CA ILE E 138 39.65 3.03 -23.74
C ILE E 138 39.60 4.47 -24.24
N GLN E 139 39.53 4.58 -25.57
CA GLN E 139 39.82 5.84 -26.25
C GLN E 139 38.99 6.95 -25.65
N ALA E 140 37.68 6.71 -25.51
CA ALA E 140 36.75 7.78 -25.17
C ALA E 140 37.14 8.43 -23.87
N VAL E 141 37.66 7.64 -22.94
CA VAL E 141 38.04 8.18 -21.64
C VAL E 141 39.08 9.26 -21.82
N LEU E 142 40.12 8.93 -22.58
CA LEU E 142 41.15 9.92 -22.85
C LEU E 142 40.54 11.10 -23.56
N SER E 143 39.66 10.83 -24.52
CA SER E 143 39.12 11.92 -25.31
C SER E 143 38.40 12.91 -24.42
N LEU E 144 37.67 12.41 -23.42
CA LEU E 144 37.05 13.30 -22.47
C LEU E 144 38.11 14.07 -21.69
N TYR E 145 39.10 13.36 -21.13
CA TYR E 145 40.01 14.08 -20.25
C TYR E 145 40.63 15.24 -20.99
N ALA E 146 41.07 14.99 -22.21
CA ALA E 146 41.69 16.07 -22.96
C ALA E 146 40.67 17.15 -23.24
N SER E 147 39.49 16.74 -23.71
CA SER E 147 38.48 17.74 -24.02
C SER E 147 37.90 18.36 -22.77
N GLY E 148 38.12 17.76 -21.61
CA GLY E 148 37.75 18.33 -20.33
C GLY E 148 36.28 18.69 -20.20
N ARG E 149 35.38 17.74 -20.44
CA ARG E 149 34.00 17.84 -19.98
C ARG E 149 33.59 16.48 -19.44
N THR E 150 33.32 16.40 -18.14
CA THR E 150 33.27 15.09 -17.53
C THR E 150 32.19 14.21 -18.13
N THR E 151 31.08 14.80 -18.54
CA THR E 151 30.12 14.08 -19.34
C THR E 151 30.55 14.08 -20.80
N GLY E 152 30.03 13.14 -21.57
CA GLY E 152 29.93 13.37 -22.99
C GLY E 152 29.56 12.14 -23.77
N ILE E 153 29.55 12.32 -25.09
CA ILE E 153 29.55 11.26 -26.07
C ILE E 153 30.69 11.56 -27.02
N VAL E 154 31.35 10.51 -27.48
CA VAL E 154 32.52 10.69 -28.31
C VAL E 154 32.31 9.96 -29.61
N LEU E 155 32.76 10.58 -30.69
CA LEU E 155 32.97 9.94 -31.96
C LEU E 155 34.43 10.15 -32.30
N ASP E 156 35.17 9.07 -32.47
CA ASP E 156 36.52 9.21 -32.99
C ASP E 156 36.82 8.05 -33.89
N SER E 157 36.98 8.35 -35.18
CA SER E 157 36.96 7.37 -36.24
C SER E 157 38.34 7.45 -36.86
N GLY E 158 39.22 6.53 -36.51
CA GLY E 158 40.57 6.76 -36.92
C GLY E 158 40.84 6.14 -38.27
N ASP E 159 42.05 5.65 -38.42
CA ASP E 159 42.30 4.55 -39.35
C ASP E 159 41.36 3.39 -39.05
N GLY E 160 41.07 3.17 -37.78
CA GLY E 160 40.37 1.99 -37.35
C GLY E 160 39.02 2.23 -36.69
N VAL E 161 38.47 1.16 -36.14
CA VAL E 161 37.05 1.03 -35.87
C VAL E 161 36.51 2.18 -35.05
N THR E 162 35.30 2.61 -35.39
CA THR E 162 34.78 3.95 -35.16
C THR E 162 33.73 3.89 -34.07
N HIS E 163 33.68 4.92 -33.24
CA HIS E 163 33.18 4.69 -31.91
C HIS E 163 32.03 5.61 -31.59
N ASN E 164 31.08 5.10 -30.82
CA ASN E 164 30.29 5.93 -29.94
C ASN E 164 30.34 5.32 -28.56
N VAL E 165 30.76 6.12 -27.59
CA VAL E 165 30.53 5.82 -26.19
C VAL E 165 29.93 7.07 -25.60
N PRO E 166 28.73 7.05 -25.04
CA PRO E 166 28.41 8.04 -24.02
C PRO E 166 29.22 7.70 -22.80
N ILE E 167 29.90 8.68 -22.25
CA ILE E 167 30.32 8.63 -20.88
C ILE E 167 29.52 9.65 -20.10
N TYR E 168 28.88 9.21 -19.03
CA TYR E 168 28.42 10.21 -18.11
C TYR E 168 29.57 10.55 -17.21
N GLU E 169 29.51 11.74 -16.61
CA GLU E 169 30.50 12.05 -15.59
C GLU E 169 30.72 10.85 -14.69
N GLY E 170 31.97 10.49 -14.56
CA GLY E 170 32.46 9.43 -13.73
C GLY E 170 32.01 8.01 -13.99
N TYR E 171 31.32 7.71 -15.09
CA TYR E 171 30.89 6.33 -15.28
C TYR E 171 30.70 5.97 -16.75
N ALA E 172 30.75 4.66 -17.00
CA ALA E 172 30.51 4.00 -18.27
C ALA E 172 29.08 3.50 -18.38
N LEU E 173 28.61 3.40 -19.61
CA LEU E 173 27.31 2.80 -19.92
C LEU E 173 27.51 1.71 -20.96
N PRO E 174 28.30 0.69 -20.65
CA PRO E 174 28.80 -0.22 -21.68
C PRO E 174 27.76 -0.84 -22.56
N HIS E 175 26.53 -0.99 -22.09
CA HIS E 175 25.45 -1.39 -23.00
C HIS E 175 25.27 -0.37 -24.11
N ALA E 176 25.49 0.90 -23.80
CA ALA E 176 25.23 1.99 -24.71
C ALA E 176 26.04 1.96 -26.00
N ILE E 177 27.10 1.22 -26.05
CA ILE E 177 28.21 1.60 -26.90
C ILE E 177 27.95 1.00 -28.27
N MET E 178 28.35 1.73 -29.31
CA MET E 178 28.27 1.21 -30.66
C MET E 178 29.62 1.26 -31.33
N ARG E 179 29.87 0.25 -32.17
CA ARG E 179 31.19 -0.02 -32.72
C ARG E 179 31.05 -0.36 -34.19
N LEU E 180 31.77 0.35 -35.05
CA LEU E 180 31.52 0.24 -36.47
C LEU E 180 32.83 0.21 -37.25
N ASP E 181 32.88 -0.66 -38.26
CA ASP E 181 33.98 -0.68 -39.23
C ASP E 181 33.61 0.20 -40.42
N LEU E 182 33.83 1.50 -40.25
CA LEU E 182 33.63 2.48 -41.31
C LEU E 182 34.80 3.42 -41.44
N ALA E 183 35.94 3.08 -40.84
CA ALA E 183 36.96 4.06 -40.61
C ALA E 183 37.64 4.48 -41.91
N GLY E 184 38.43 5.55 -41.82
CA GLY E 184 38.83 6.27 -43.01
C GLY E 184 39.57 5.41 -44.01
N ARG E 185 40.25 4.37 -43.53
CA ARG E 185 40.98 3.48 -44.43
C ARG E 185 40.03 2.89 -45.46
N ASP E 186 38.97 2.25 -44.98
CA ASP E 186 38.05 1.59 -45.89
C ASP E 186 37.40 2.62 -46.80
N LEU E 187 37.11 3.78 -46.24
CA LEU E 187 36.57 4.86 -47.04
C LEU E 187 37.51 5.17 -48.19
N THR E 188 38.79 5.29 -47.87
CA THR E 188 39.78 5.65 -48.88
C THR E 188 39.81 4.62 -49.97
N ASP E 189 39.68 3.35 -49.60
CA ASP E 189 39.72 2.33 -50.63
C ASP E 189 38.45 2.37 -51.47
N TYR E 190 37.34 2.81 -50.90
CA TYR E 190 36.18 3.17 -51.71
C TYR E 190 36.49 4.29 -52.69
N LEU E 191 37.36 5.22 -52.27
CA LEU E 191 37.60 6.36 -53.13
C LEU E 191 38.01 5.92 -54.51
N MET E 192 38.87 4.91 -54.60
CA MET E 192 39.36 4.51 -55.90
C MET E 192 38.23 4.02 -56.79
N LYS E 193 37.30 3.26 -56.21
CA LYS E 193 36.16 2.79 -56.99
C LYS E 193 35.29 3.93 -57.45
N ILE E 194 35.31 5.05 -56.75
CA ILE E 194 34.82 6.24 -57.42
C ILE E 194 35.77 6.66 -58.53
N LEU E 195 37.04 6.80 -58.20
CA LEU E 195 37.91 7.70 -58.95
C LEU E 195 38.10 7.20 -60.36
N THR E 196 38.07 5.89 -60.53
CA THR E 196 38.19 5.36 -61.88
C THR E 196 37.09 5.84 -62.80
N GLU E 197 36.01 6.43 -62.29
CA GLU E 197 35.07 7.06 -63.21
C GLU E 197 35.77 8.10 -64.05
N ARG E 198 36.49 9.02 -63.42
CA ARG E 198 37.37 9.88 -64.20
C ARG E 198 38.56 9.10 -64.71
N GLY E 199 38.92 8.02 -64.02
CA GLY E 199 39.73 7.03 -64.68
C GLY E 199 41.13 7.54 -64.90
N TYR E 200 41.68 8.17 -63.88
CA TYR E 200 43.10 8.23 -63.67
C TYR E 200 43.24 7.23 -62.55
N SER E 201 43.96 6.14 -62.79
CA SER E 201 43.59 4.98 -61.99
C SER E 201 44.79 4.09 -61.75
N PHE E 202 44.87 3.66 -60.51
CA PHE E 202 46.05 3.04 -59.93
C PHE E 202 45.63 2.21 -58.74
N VAL E 203 46.06 0.96 -58.69
CA VAL E 203 45.88 0.17 -57.48
C VAL E 203 47.16 -0.60 -57.21
N THR E 204 47.75 -0.36 -56.03
CA THR E 204 48.79 -1.08 -55.31
C THR E 204 48.79 -0.40 -53.95
N THR E 205 49.56 -0.95 -53.02
CA THR E 205 49.47 -0.44 -51.67
C THR E 205 49.96 1.00 -51.63
N ALA E 206 51.15 1.26 -52.17
CA ALA E 206 51.69 2.61 -52.11
C ALA E 206 50.74 3.53 -52.83
N GLU E 207 50.17 3.05 -53.92
CA GLU E 207 49.27 3.88 -54.69
C GLU E 207 48.06 4.21 -53.85
N ARG E 208 47.58 3.26 -53.05
CA ARG E 208 46.47 3.59 -52.17
C ARG E 208 46.86 4.63 -51.16
N GLU E 209 48.06 4.57 -50.59
CA GLU E 209 48.34 5.65 -49.67
C GLU E 209 48.43 7.01 -50.37
N ILE E 210 48.78 7.02 -51.65
CA ILE E 210 48.81 8.31 -52.35
C ILE E 210 47.48 9.03 -52.22
N VAL E 211 46.39 8.26 -52.23
CA VAL E 211 45.07 8.82 -52.04
C VAL E 211 44.95 9.60 -50.74
N ARG E 212 45.57 9.10 -49.66
CA ARG E 212 45.49 9.79 -48.38
C ARG E 212 45.78 11.28 -48.51
N ASP E 213 46.78 11.64 -49.30
CA ASP E 213 47.06 13.04 -49.48
C ASP E 213 45.86 13.77 -50.06
N ILE E 214 45.25 13.20 -51.09
CA ILE E 214 44.09 13.83 -51.69
C ILE E 214 42.98 14.00 -50.66
N LYS E 215 42.84 13.03 -49.77
CA LYS E 215 41.86 13.18 -48.70
C LYS E 215 42.21 14.33 -47.79
N GLU E 216 43.50 14.58 -47.61
CA GLU E 216 43.89 15.78 -46.90
C GLU E 216 43.42 17.02 -47.63
N LYS E 217 43.84 17.17 -48.87
CA LYS E 217 43.71 18.48 -49.49
C LYS E 217 42.29 18.76 -49.97
N LEU E 218 41.74 17.85 -50.76
CA LEU E 218 40.66 18.21 -51.66
C LEU E 218 39.26 17.97 -51.09
N CYS E 219 39.14 17.29 -49.97
CA CYS E 219 37.82 16.91 -49.51
C CYS E 219 37.17 18.02 -48.68
N TYR E 220 35.85 18.01 -48.68
CA TYR E 220 35.03 18.75 -47.71
C TYR E 220 33.65 18.14 -47.67
N VAL E 221 32.94 18.39 -46.60
CA VAL E 221 31.75 17.61 -46.28
C VAL E 221 30.53 18.23 -46.94
N ALA E 222 29.68 17.37 -47.49
CA ALA E 222 28.42 17.81 -48.06
C ALA E 222 27.55 18.44 -46.98
N LEU E 223 27.13 19.69 -47.20
CA LEU E 223 26.13 20.27 -46.32
C LEU E 223 24.77 19.67 -46.57
N ASP E 224 24.36 19.62 -47.84
CA ASP E 224 23.14 18.93 -48.27
C ASP E 224 23.43 18.25 -49.59
N PHE E 225 23.02 17.00 -49.71
CA PHE E 225 23.54 16.19 -50.81
C PHE E 225 22.88 16.57 -52.13
N GLU E 226 21.54 16.61 -52.13
CA GLU E 226 20.83 17.02 -53.34
C GLU E 226 21.30 18.38 -53.81
N ASN E 227 21.29 19.36 -52.91
CA ASN E 227 21.58 20.72 -53.30
C ASN E 227 22.99 20.81 -53.86
N GLU E 228 23.92 20.09 -53.24
CA GLU E 228 25.27 20.05 -53.78
C GLU E 228 25.26 19.49 -55.19
N MET E 229 24.50 18.42 -55.44
CA MET E 229 24.40 17.93 -56.82
C MET E 229 23.86 18.99 -57.76
N ALA E 230 22.94 19.81 -57.28
CA ALA E 230 22.40 20.86 -58.14
C ALA E 230 23.50 21.86 -58.50
N THR E 231 24.30 22.23 -57.52
CA THR E 231 25.47 23.05 -57.81
C THR E 231 26.43 22.32 -58.73
N ALA E 232 26.51 21.00 -58.62
CA ALA E 232 27.40 20.23 -59.48
C ALA E 232 26.98 20.39 -60.91
N ALA E 233 25.68 20.46 -61.15
CA ALA E 233 25.19 20.75 -62.49
C ALA E 233 25.50 22.19 -62.86
N SER E 234 25.44 23.10 -61.89
CA SER E 234 25.67 24.51 -62.19
C SER E 234 27.15 24.84 -62.38
N SER E 235 28.05 24.34 -61.53
CA SER E 235 29.28 25.06 -61.26
C SER E 235 30.51 24.15 -61.33
N SER E 236 31.66 24.79 -61.53
CA SER E 236 32.97 24.14 -61.47
C SER E 236 33.80 24.49 -60.24
N SER E 237 33.34 25.41 -59.38
CA SER E 237 34.06 25.64 -58.12
C SER E 237 34.17 24.35 -57.33
N LEU E 238 33.20 23.46 -57.51
CA LEU E 238 33.24 22.08 -57.03
C LEU E 238 34.46 21.34 -57.54
N GLU E 239 35.13 21.86 -58.57
CA GLU E 239 36.18 21.16 -59.27
C GLU E 239 37.47 21.93 -59.06
N LYS E 240 38.51 21.20 -58.67
CA LYS E 240 39.81 21.75 -58.34
C LYS E 240 40.90 20.90 -58.98
N SER E 241 42.06 21.50 -59.13
CA SER E 241 43.14 20.95 -59.94
C SER E 241 44.32 20.66 -59.03
N TYR E 242 44.83 19.45 -59.11
CA TYR E 242 45.77 18.90 -58.16
C TYR E 242 46.78 18.00 -58.83
N GLU E 243 47.99 18.02 -58.30
CA GLU E 243 49.07 17.32 -58.97
C GLU E 243 49.14 15.92 -58.41
N LEU E 244 49.66 14.99 -59.20
CA LEU E 244 50.26 13.83 -58.60
C LEU E 244 51.35 14.28 -57.64
N PRO E 245 51.62 13.48 -56.61
CA PRO E 245 52.78 13.76 -55.76
C PRO E 245 54.03 13.95 -56.57
N ASP E 246 54.17 13.22 -57.67
CA ASP E 246 54.97 13.64 -58.80
C ASP E 246 54.38 13.09 -60.07
N GLY E 247 54.61 13.79 -61.18
CA GLY E 247 53.88 13.54 -62.40
C GLY E 247 52.75 14.55 -62.59
N GLN E 248 51.55 14.04 -62.88
CA GLN E 248 50.53 14.80 -63.59
C GLN E 248 49.80 15.76 -62.67
N VAL E 249 49.16 16.72 -63.30
CA VAL E 249 48.01 17.42 -62.75
C VAL E 249 46.75 16.59 -62.93
N ILE E 250 45.94 16.53 -61.89
CA ILE E 250 44.71 15.76 -61.82
C ILE E 250 43.62 16.69 -61.33
N THR E 251 42.41 16.49 -61.83
CA THR E 251 41.35 17.43 -61.49
C THR E 251 40.05 16.68 -61.27
N ILE E 252 39.38 17.01 -60.17
CA ILE E 252 38.46 16.11 -59.49
C ILE E 252 37.15 16.84 -59.26
N GLY E 253 36.05 16.18 -59.62
CA GLY E 253 34.74 16.78 -59.56
C GLY E 253 34.06 16.56 -58.23
N ASN E 254 32.76 16.31 -58.29
CA ASN E 254 31.99 15.90 -57.11
C ASN E 254 32.63 14.75 -56.40
N GLU E 255 33.42 13.99 -57.12
CA GLU E 255 34.16 12.89 -56.56
C GLU E 255 34.90 13.25 -55.29
N ARG E 256 35.33 14.50 -55.12
CA ARG E 256 35.82 14.87 -53.79
C ARG E 256 34.73 14.80 -52.72
N PHE E 257 33.64 15.56 -52.88
CA PHE E 257 32.79 15.71 -51.71
C PHE E 257 31.96 14.45 -51.47
N ARG E 258 31.69 13.70 -52.53
CA ARG E 258 30.92 12.47 -52.44
C ARG E 258 31.52 11.48 -51.45
N CYS E 259 32.83 11.43 -51.34
CA CYS E 259 33.47 10.48 -50.44
C CYS E 259 32.97 10.54 -49.00
N PRO E 260 33.03 11.67 -48.31
CA PRO E 260 32.61 11.68 -46.91
C PRO E 260 31.16 11.27 -46.73
N GLU E 261 30.32 11.52 -47.74
CA GLU E 261 28.91 11.18 -47.62
C GLU E 261 28.72 9.72 -47.23
N THR E 262 29.67 8.87 -47.60
CA THR E 262 29.60 7.47 -47.20
C THR E 262 29.30 7.34 -45.72
N LEU E 263 29.91 8.20 -44.91
CA LEU E 263 29.66 8.14 -43.49
C LEU E 263 28.19 8.36 -43.21
N PHE E 264 27.60 9.32 -43.89
CA PHE E 264 26.19 9.58 -43.67
C PHE E 264 25.32 8.54 -44.35
N GLN E 265 25.71 8.09 -45.54
CA GLN E 265 24.99 7.02 -46.24
C GLN E 265 25.99 5.93 -46.59
N PRO E 266 26.14 4.98 -45.75
CA PRO E 266 26.96 3.80 -46.06
C PRO E 266 26.21 2.77 -46.90
N SER E 267 25.63 3.23 -48.01
CA SER E 267 25.43 2.36 -49.15
C SER E 267 26.71 2.18 -49.96
N PHE E 268 27.45 3.26 -50.18
CA PHE E 268 28.31 3.34 -51.36
C PHE E 268 29.43 2.32 -51.31
N ILE E 269 29.86 1.97 -50.12
CA ILE E 269 30.43 0.68 -49.82
C ILE E 269 29.48 0.14 -48.80
N GLY E 270 28.79 -0.95 -49.11
CA GLY E 270 27.48 -1.18 -48.57
C GLY E 270 27.43 -2.25 -47.51
N MET E 271 26.77 -1.86 -46.45
CA MET E 271 26.65 -2.40 -45.12
C MET E 271 25.28 -1.90 -44.73
N GLU E 272 24.63 -2.53 -43.78
CA GLU E 272 23.71 -1.67 -43.06
C GLU E 272 24.09 -1.59 -41.60
N SER E 273 24.32 -0.35 -41.20
CA SER E 273 24.15 0.25 -39.90
C SER E 273 23.91 1.68 -40.34
N ALA E 274 22.88 2.31 -39.83
CA ALA E 274 22.29 3.35 -40.65
C ALA E 274 23.14 4.60 -40.71
N GLY E 275 24.30 4.59 -40.07
CA GLY E 275 25.34 5.56 -40.29
C GLY E 275 25.69 6.24 -38.98
N ILE E 276 26.62 7.19 -39.07
CA ILE E 276 27.12 7.82 -37.86
C ILE E 276 25.97 8.46 -37.10
N HIS E 277 25.21 9.31 -37.76
CA HIS E 277 24.33 10.20 -37.03
C HIS E 277 23.18 9.40 -36.44
N GLU E 278 22.52 8.60 -37.27
CA GLU E 278 21.49 7.70 -36.78
C GLU E 278 22.05 6.72 -35.78
N THR E 279 23.32 6.34 -35.88
CA THR E 279 23.88 5.49 -34.84
C THR E 279 23.87 6.26 -33.53
N THR E 280 24.21 7.53 -33.59
CA THR E 280 24.39 8.31 -32.38
C THR E 280 23.07 8.46 -31.67
N TYR E 281 22.06 8.90 -32.41
CA TYR E 281 20.75 9.07 -31.80
C TYR E 281 20.17 7.74 -31.35
N ASN E 282 20.44 6.67 -32.09
CA ASN E 282 20.04 5.35 -31.63
C ASN E 282 20.67 5.07 -30.27
N SER E 283 21.97 5.29 -30.18
CA SER E 283 22.73 4.85 -29.02
C SER E 283 22.39 5.67 -27.81
N ILE E 284 22.05 6.94 -28.00
CA ILE E 284 21.45 7.71 -26.93
C ILE E 284 20.16 7.05 -26.50
N MET E 285 19.25 6.83 -27.44
CA MET E 285 17.92 6.46 -27.00
C MET E 285 17.93 5.10 -26.33
N LYS E 286 18.94 4.28 -26.65
CA LYS E 286 19.30 3.19 -25.76
C LYS E 286 19.56 3.67 -24.34
N CYS E 287 20.49 4.60 -24.17
CA CYS E 287 20.81 5.04 -22.82
C CYS E 287 19.62 5.77 -22.21
N ASP E 288 19.66 5.94 -20.90
CA ASP E 288 18.44 6.13 -20.13
C ASP E 288 17.96 7.57 -20.18
N ILE E 289 16.86 7.85 -19.50
CA ILE E 289 16.01 8.96 -19.94
C ILE E 289 16.52 10.27 -19.40
N ASP E 290 16.86 10.33 -18.12
CA ASP E 290 17.12 11.62 -17.50
C ASP E 290 18.40 12.25 -18.01
N ILE E 291 19.45 11.46 -18.16
CA ILE E 291 20.76 11.96 -18.54
C ILE E 291 20.74 12.79 -19.81
N ARG E 292 19.79 12.52 -20.70
CA ARG E 292 19.98 12.79 -22.12
C ARG E 292 20.32 14.25 -22.39
N LYS E 293 19.69 15.19 -21.68
CA LYS E 293 19.91 16.59 -22.00
C LYS E 293 21.38 16.93 -21.97
N ASP E 294 22.09 16.46 -20.95
CA ASP E 294 23.50 16.80 -20.83
C ASP E 294 24.23 16.37 -22.08
N LEU E 295 23.94 15.16 -22.54
CA LEU E 295 24.69 14.65 -23.67
C LEU E 295 24.34 15.42 -24.93
N TYR E 296 23.06 15.77 -25.05
CA TYR E 296 22.63 16.70 -26.09
C TYR E 296 23.42 18.00 -26.04
N ALA E 297 23.78 18.45 -24.84
CA ALA E 297 24.64 19.62 -24.73
C ALA E 297 26.08 19.29 -25.06
N ASN E 298 26.62 18.26 -24.45
CA ASN E 298 28.05 18.00 -24.50
C ASN E 298 28.29 16.91 -25.52
N ASN E 299 28.80 17.29 -26.68
CA ASN E 299 28.99 16.38 -27.79
C ASN E 299 30.33 16.65 -28.45
N VAL E 300 31.14 15.61 -28.57
CA VAL E 300 32.58 15.76 -28.71
C VAL E 300 33.05 14.75 -29.73
N MET E 301 34.04 15.16 -30.52
CA MET E 301 34.45 14.46 -31.71
C MET E 301 35.95 14.59 -31.80
N SER E 302 36.59 13.65 -32.47
CA SER E 302 38.04 13.73 -32.55
C SER E 302 38.53 12.89 -33.72
N GLY E 303 39.81 13.10 -34.03
CA GLY E 303 40.63 12.27 -34.87
C GLY E 303 40.20 12.15 -36.33
N GLY E 304 40.49 10.99 -36.88
CA GLY E 304 40.78 10.87 -38.30
C GLY E 304 39.71 11.41 -39.22
N THR E 305 38.47 10.99 -39.05
CA THR E 305 37.44 11.52 -39.92
C THR E 305 37.15 12.97 -39.61
N THR E 306 37.15 13.34 -38.34
CA THR E 306 36.67 14.66 -37.99
C THR E 306 37.46 15.77 -38.66
N MET E 307 38.69 15.49 -39.08
CA MET E 307 39.53 16.46 -39.75
C MET E 307 38.80 17.19 -40.87
N TYR E 308 37.93 16.50 -41.58
CA TYR E 308 37.23 17.11 -42.70
C TYR E 308 36.56 18.42 -42.29
N PRO E 309 36.65 19.46 -43.11
CA PRO E 309 35.82 20.64 -42.92
C PRO E 309 34.36 20.30 -43.11
N GLY E 310 33.53 20.69 -42.14
CA GLY E 310 32.10 20.78 -42.35
C GLY E 310 31.28 19.75 -41.59
N ILE E 311 31.92 18.71 -41.05
CA ILE E 311 31.18 17.63 -40.43
C ILE E 311 30.21 18.17 -39.39
N ALA E 312 30.72 19.05 -38.53
CA ALA E 312 29.92 19.55 -37.42
C ALA E 312 28.60 20.14 -37.87
N ASP E 313 28.60 20.82 -39.01
CA ASP E 313 27.36 21.42 -39.47
C ASP E 313 26.34 20.36 -39.81
N ARG E 314 26.72 19.38 -40.62
CA ARG E 314 25.71 18.42 -41.01
C ARG E 314 25.32 17.59 -39.80
N MET E 315 26.25 17.39 -38.87
CA MET E 315 25.92 16.71 -37.63
C MET E 315 24.77 17.43 -36.95
N GLN E 316 24.87 18.75 -36.87
CA GLN E 316 23.82 19.51 -36.22
C GLN E 316 22.52 19.38 -36.99
N LYS E 317 22.61 19.43 -38.32
CA LYS E 317 21.44 19.19 -39.14
C LYS E 317 20.80 17.84 -38.84
N GLU E 318 21.61 16.81 -38.63
CA GLU E 318 21.06 15.48 -38.42
C GLU E 318 20.42 15.35 -37.05
N ILE E 319 21.09 15.84 -36.02
CA ILE E 319 20.50 15.74 -34.70
C ILE E 319 19.26 16.63 -34.57
N THR E 320 19.32 17.84 -35.13
CA THR E 320 18.12 18.66 -35.20
C THR E 320 17.01 17.99 -36.00
N ALA E 321 17.36 17.14 -36.96
CA ALA E 321 16.33 16.30 -37.56
C ALA E 321 15.75 15.34 -36.53
N LEU E 322 16.61 14.61 -35.84
CA LEU E 322 16.08 13.49 -35.08
C LEU E 322 15.64 13.89 -33.68
N ALA E 323 16.37 14.80 -33.04
CA ALA E 323 15.94 15.28 -31.75
C ALA E 323 14.58 15.95 -31.89
N PRO E 324 13.76 15.94 -30.84
CA PRO E 324 12.77 17.00 -30.69
C PRO E 324 13.49 18.33 -30.59
N SER E 325 13.20 19.22 -31.53
CA SER E 325 14.00 20.43 -31.67
C SER E 325 14.03 21.23 -30.38
N THR E 326 13.04 21.02 -29.51
CA THR E 326 12.86 21.83 -28.32
C THR E 326 14.13 21.97 -27.49
N MET E 327 15.01 20.97 -27.50
CA MET E 327 16.11 20.95 -26.57
C MET E 327 17.46 21.24 -27.23
N LYS E 328 18.32 21.88 -26.44
CA LYS E 328 19.62 22.37 -26.88
C LYS E 328 20.41 21.28 -27.58
N ILE E 329 21.15 21.69 -28.61
CA ILE E 329 22.12 20.83 -29.28
C ILE E 329 23.32 21.66 -29.64
N LYS E 330 24.51 21.10 -29.44
CA LYS E 330 25.72 21.70 -29.99
C LYS E 330 26.77 20.62 -30.06
N ILE E 331 27.84 20.91 -30.81
CA ILE E 331 28.96 20.01 -30.91
C ILE E 331 30.26 20.77 -30.69
N ILE E 332 31.29 20.04 -30.27
CA ILE E 332 32.62 20.60 -30.10
C ILE E 332 33.50 20.15 -31.25
N ALA E 333 34.32 21.07 -31.75
CA ALA E 333 35.29 20.78 -32.81
C ALA E 333 36.62 21.40 -32.45
N PRO E 334 37.34 20.81 -31.51
CA PRO E 334 38.55 21.44 -30.99
C PRO E 334 39.61 21.55 -32.07
N PRO E 335 40.61 22.41 -31.89
CA PRO E 335 41.65 22.52 -32.92
C PRO E 335 42.48 21.25 -33.06
N GLU E 336 42.78 20.59 -31.95
CA GLU E 336 43.89 19.66 -31.85
C GLU E 336 43.50 18.20 -32.11
N ARG E 337 42.35 17.96 -32.74
CA ARG E 337 41.65 16.70 -32.62
C ARG E 337 42.54 15.51 -32.95
N LYS E 338 43.32 15.62 -34.02
CA LYS E 338 44.17 14.53 -34.45
C LYS E 338 45.18 14.07 -33.40
N TYR E 339 45.68 14.97 -32.58
CA TYR E 339 46.48 14.56 -31.42
C TYR E 339 45.69 14.16 -30.19
N SER E 340 44.37 14.37 -30.20
CA SER E 340 43.65 14.51 -28.95
C SER E 340 43.94 13.34 -28.05
N VAL E 341 43.88 12.14 -28.63
CA VAL E 341 43.93 10.93 -27.83
C VAL E 341 45.17 10.91 -26.98
N TRP E 342 46.32 11.09 -27.64
CA TRP E 342 47.56 11.00 -26.91
C TRP E 342 47.64 12.13 -25.92
N ILE E 343 47.03 13.28 -26.23
CA ILE E 343 47.09 14.38 -25.27
C ILE E 343 46.41 13.96 -23.99
N GLY E 344 45.19 13.43 -24.14
CA GLY E 344 44.47 12.96 -22.99
C GLY E 344 45.27 11.90 -22.27
N GLY E 345 45.90 11.01 -23.02
CA GLY E 345 46.75 10.01 -22.40
C GLY E 345 47.81 10.65 -21.54
N SER E 346 48.38 11.76 -22.00
CA SER E 346 49.40 12.42 -21.21
C SER E 346 48.85 12.85 -19.87
N ILE E 347 47.67 13.48 -19.91
CA ILE E 347 47.02 13.83 -18.64
C ILE E 347 46.82 12.60 -17.80
N LEU E 348 46.30 11.53 -18.42
CA LEU E 348 46.02 10.29 -17.71
C LEU E 348 47.26 9.77 -17.04
N ALA E 349 48.40 9.92 -17.69
CA ALA E 349 49.65 9.43 -17.15
C ALA E 349 50.05 10.27 -15.97
N SER E 350 49.70 11.55 -15.98
CA SER E 350 50.34 12.50 -15.09
C SER E 350 49.97 12.20 -13.64
N LEU E 351 48.70 11.95 -13.37
CA LEU E 351 48.21 12.02 -12.00
C LEU E 351 48.68 10.83 -11.17
N SER E 352 49.14 11.12 -9.97
CA SER E 352 49.77 10.14 -9.09
C SER E 352 48.91 8.90 -8.84
N THR E 353 47.60 9.05 -8.89
CA THR E 353 46.69 7.91 -8.71
C THR E 353 47.01 6.70 -9.56
N PHE E 354 47.54 6.88 -10.77
CA PHE E 354 48.00 5.70 -11.50
C PHE E 354 49.11 4.93 -10.80
N GLN E 355 49.91 5.58 -9.96
CA GLN E 355 50.79 4.80 -9.10
C GLN E 355 50.01 3.80 -8.28
N GLN E 356 48.85 4.21 -7.77
CA GLN E 356 47.91 3.22 -7.23
C GLN E 356 47.47 2.23 -8.29
N MET E 357 47.34 2.70 -9.54
CA MET E 357 46.57 1.98 -10.55
C MET E 357 47.37 1.11 -11.51
N TRP E 358 48.62 1.42 -11.83
CA TRP E 358 49.30 0.61 -12.83
C TRP E 358 49.31 -0.86 -12.45
N ILE E 359 49.35 -1.70 -13.47
CA ILE E 359 49.89 -3.04 -13.28
C ILE E 359 51.38 -2.90 -12.99
N THR E 360 51.90 -3.81 -12.16
CA THR E 360 53.33 -3.95 -11.98
C THR E 360 53.81 -5.34 -12.36
N LYS E 361 55.12 -5.42 -12.58
CA LYS E 361 55.74 -6.68 -12.99
C LYS E 361 55.38 -7.78 -12.02
N GLN E 362 55.25 -7.43 -10.75
CA GLN E 362 55.06 -8.42 -9.70
C GLN E 362 53.84 -9.26 -9.99
N GLU E 363 52.73 -8.61 -10.32
CA GLU E 363 51.53 -9.37 -10.64
C GLU E 363 51.80 -10.29 -11.81
N TYR E 364 52.43 -9.75 -12.86
CA TYR E 364 52.68 -10.56 -14.04
C TYR E 364 53.50 -11.78 -13.67
N ASP E 365 54.33 -11.66 -12.65
CA ASP E 365 55.02 -12.82 -12.11
C ASP E 365 54.01 -13.77 -11.48
N GLU E 366 53.14 -13.25 -10.64
CA GLU E 366 52.36 -14.06 -9.72
C GLU E 366 51.06 -14.55 -10.31
N ALA E 367 50.64 -13.98 -11.44
CA ALA E 367 49.44 -14.38 -12.16
C ALA E 367 49.63 -13.96 -13.60
N GLY E 368 48.76 -14.46 -14.48
CA GLY E 368 49.08 -14.52 -15.88
C GLY E 368 48.78 -13.24 -16.60
N PRO E 369 48.67 -13.32 -17.93
CA PRO E 369 47.90 -12.30 -18.67
C PRO E 369 46.51 -12.08 -18.14
N SER E 370 45.91 -13.08 -17.49
CA SER E 370 44.57 -12.93 -16.97
C SER E 370 44.42 -11.67 -16.14
N ILE E 371 45.52 -11.25 -15.50
CA ILE E 371 45.50 -10.09 -14.62
C ILE E 371 44.84 -8.92 -15.30
N VAL E 372 45.23 -8.65 -16.54
CA VAL E 372 44.80 -7.44 -17.21
C VAL E 372 43.30 -7.33 -17.12
N HIS E 373 42.61 -8.42 -17.45
CA HIS E 373 41.25 -8.26 -17.86
C HIS E 373 40.38 -7.94 -16.66
N ARG E 374 40.79 -8.42 -15.48
CA ARG E 374 40.26 -7.83 -14.26
C ARG E 374 40.69 -6.38 -14.13
N LYS E 375 42.00 -6.12 -14.22
CA LYS E 375 42.53 -4.94 -13.57
C LYS E 375 42.14 -3.68 -14.32
N CYS E 376 42.24 -3.69 -15.64
CA CYS E 376 41.83 -2.55 -16.43
C CYS E 376 40.36 -2.70 -16.82
N PHE E 377 39.78 -1.62 -17.32
CA PHE E 377 38.57 -1.75 -18.10
C PHE E 377 38.91 -2.54 -19.36
N UNK F 1 64.90 -22.62 -67.81
CA UNK F 1 65.99 -23.58 -67.90
C UNK F 1 66.32 -24.13 -66.52
N UNK F 2 65.65 -23.59 -65.51
CA UNK F 2 66.23 -23.52 -64.19
C UNK F 2 65.13 -23.48 -63.13
N UNK F 3 65.58 -23.42 -61.89
CA UNK F 3 64.84 -22.82 -60.79
C UNK F 3 65.87 -21.96 -60.10
N UNK F 4 65.51 -20.70 -59.84
CA UNK F 4 66.49 -19.65 -59.76
C UNK F 4 66.24 -18.77 -58.56
N UNK F 5 67.20 -17.88 -58.34
CA UNK F 5 66.91 -16.67 -57.59
C UNK F 5 65.67 -15.99 -58.11
N UNK F 6 65.62 -15.73 -59.43
CA UNK F 6 64.51 -14.98 -60.00
C UNK F 6 63.17 -15.62 -59.64
N UNK F 7 63.01 -16.91 -59.92
CA UNK F 7 61.77 -17.58 -59.51
C UNK F 7 61.66 -17.64 -58.00
N UNK F 8 62.76 -17.93 -57.30
CA UNK F 8 62.67 -18.03 -55.84
C UNK F 8 62.28 -16.70 -55.25
N UNK F 9 62.84 -15.61 -55.78
CA UNK F 9 62.45 -14.28 -55.34
C UNK F 9 60.98 -14.02 -55.64
N UNK F 10 60.50 -14.49 -56.79
CA UNK F 10 59.08 -14.41 -57.09
C UNK F 10 58.26 -15.01 -55.96
N UNK F 11 58.57 -16.26 -55.60
CA UNK F 11 57.88 -16.93 -54.50
C UNK F 11 57.98 -16.12 -53.22
N UNK F 12 59.18 -15.67 -52.89
CA UNK F 12 59.37 -14.81 -51.73
C UNK F 12 58.38 -13.65 -51.74
N UNK F 13 58.39 -12.87 -52.80
CA UNK F 13 57.49 -11.72 -52.91
C UNK F 13 56.04 -12.11 -52.71
N UNK F 14 55.52 -13.00 -53.55
CA UNK F 14 54.13 -13.45 -53.43
C UNK F 14 53.79 -13.80 -51.99
N UNK F 15 54.64 -14.61 -51.36
CA UNK F 15 54.54 -14.88 -49.93
C UNK F 15 54.38 -13.59 -49.13
N UNK F 16 55.31 -12.66 -49.30
CA UNK F 16 55.21 -11.38 -48.61
C UNK F 16 53.92 -10.65 -48.97
N UNK F 17 53.51 -10.72 -50.22
CA UNK F 17 52.33 -10.02 -50.68
C UNK F 17 51.04 -10.70 -50.27
N UNK F 18 51.08 -12.01 -50.00
CA UNK F 18 49.89 -12.76 -49.64
C UNK F 18 49.51 -12.51 -48.19
N UNK F 19 48.44 -11.73 -48.01
CA UNK F 19 47.93 -11.31 -46.72
C UNK F 19 47.12 -12.40 -46.04
N UNK F 20 46.33 -13.13 -46.84
CA UNK F 20 45.41 -14.12 -46.30
C UNK F 20 46.11 -15.16 -45.44
N UNK F 21 47.22 -15.72 -45.92
CA UNK F 21 47.84 -16.78 -45.15
C UNK F 21 48.39 -16.26 -43.82
N TYR F 22 49.19 -15.19 -43.83
CA TYR F 22 49.95 -14.90 -42.62
C TYR F 22 49.00 -14.36 -41.55
N UNK F 23 48.10 -13.48 -41.97
CA UNK F 23 47.13 -12.92 -41.05
C UNK F 23 46.22 -14.00 -40.51
N UNK F 24 45.80 -14.93 -41.37
CA UNK F 24 44.93 -16.00 -40.91
C UNK F 24 45.64 -16.87 -39.89
N UNK F 25 46.91 -17.17 -40.15
CA UNK F 25 47.71 -18.01 -39.25
C UNK F 25 47.82 -17.40 -37.86
N UNK F 26 48.15 -16.11 -37.79
CA UNK F 26 48.25 -15.49 -36.47
C UNK F 26 46.89 -15.25 -35.82
N UNK F 27 45.98 -14.58 -36.53
CA UNK F 27 44.73 -14.15 -35.89
C UNK F 27 43.78 -15.30 -35.65
N UNK F 28 43.53 -16.14 -36.66
CA UNK F 28 42.50 -17.15 -36.51
C UNK F 28 42.94 -18.18 -35.47
N UNK F 29 44.22 -18.55 -35.51
CA UNK F 29 44.74 -19.49 -34.53
C UNK F 29 44.66 -18.92 -33.13
N UNK F 30 45.02 -17.63 -32.95
CA UNK F 30 45.06 -17.02 -31.62
C UNK F 30 43.68 -16.66 -31.07
N UNK F 31 42.66 -16.61 -31.92
CA UNK F 31 41.30 -16.29 -31.48
C UNK F 31 40.72 -17.28 -30.46
N UNK F 32 41.13 -18.56 -30.53
CA UNK F 32 40.46 -19.64 -29.80
C UNK F 32 40.82 -19.72 -28.32
N UNK F 33 42.07 -19.53 -27.94
CA UNK F 33 42.45 -19.43 -26.53
C UNK F 33 42.47 -17.96 -26.13
N UNK F 34 41.27 -17.45 -25.82
CA UNK F 34 41.01 -16.03 -25.70
C UNK F 34 40.88 -15.50 -24.27
N UNK F 35 40.46 -16.32 -23.31
CA UNK F 35 39.78 -15.73 -22.15
C UNK F 35 39.90 -16.63 -20.94
N UNK F 36 40.45 -16.10 -19.84
CA UNK F 36 40.20 -16.69 -18.53
C UNK F 36 40.38 -15.62 -17.47
N UNK F 37 39.30 -15.28 -16.76
CA UNK F 37 39.36 -14.39 -15.60
C UNK F 37 38.02 -14.42 -14.90
N UNK F 38 38.04 -14.14 -13.59
CA UNK F 38 36.86 -13.63 -12.89
C UNK F 38 36.81 -12.12 -13.06
N UNK F 39 36.23 -11.68 -14.18
CA UNK F 39 36.36 -10.28 -14.59
C UNK F 39 36.00 -9.32 -13.47
N UNK F 40 36.80 -8.27 -13.33
CA UNK F 40 36.39 -7.16 -12.48
C UNK F 40 35.20 -6.42 -13.08
N UNK F 41 35.13 -6.37 -14.41
CA UNK F 41 33.91 -5.89 -15.06
C UNK F 41 32.68 -6.61 -14.49
N UNK F 42 32.81 -7.91 -14.22
CA UNK F 42 31.72 -8.63 -13.59
C UNK F 42 31.59 -8.32 -12.09
N UNK F 43 32.68 -7.92 -11.44
CA UNK F 43 32.58 -7.45 -10.06
C UNK F 43 31.51 -6.36 -9.93
N UNK F 44 31.50 -5.44 -10.89
CA UNK F 44 30.41 -4.46 -10.98
C UNK F 44 29.05 -5.14 -11.00
N UNK F 45 28.90 -6.17 -11.84
CA UNK F 45 27.65 -6.92 -11.89
C UNK F 45 27.24 -7.43 -10.52
N UNK F 46 28.12 -8.19 -9.87
CA UNK F 46 27.80 -8.75 -8.55
C UNK F 46 27.41 -7.65 -7.57
N UNK F 47 28.23 -6.60 -7.49
CA UNK F 47 27.96 -5.49 -6.58
C UNK F 47 26.59 -4.86 -6.87
N UNK F 48 26.33 -4.51 -8.12
CA UNK F 48 25.02 -3.97 -8.50
C UNK F 48 23.90 -4.88 -8.02
N UNK F 49 23.99 -6.16 -8.36
CA UNK F 49 23.05 -7.15 -7.85
C UNK F 49 22.84 -6.98 -6.35
N UNK F 50 23.94 -6.95 -5.59
CA UNK F 50 23.86 -6.67 -4.16
C UNK F 50 23.00 -5.44 -3.88
N UNK F 51 23.24 -4.36 -4.61
CA UNK F 51 22.38 -3.18 -4.49
C UNK F 51 20.99 -3.38 -5.07
N UNK F 52 20.75 -4.44 -5.83
CA UNK F 52 19.59 -4.45 -6.71
C UNK F 52 18.28 -4.71 -5.98
N UNK F 53 18.22 -5.76 -5.16
CA UNK F 53 16.96 -6.44 -4.88
C UNK F 53 16.50 -6.27 -3.44
N UNK F 54 15.21 -5.97 -3.30
CA UNK F 54 14.57 -5.80 -2.01
C UNK F 54 14.75 -7.01 -1.09
N UNK F 55 14.75 -8.21 -1.66
CA UNK F 55 14.86 -9.42 -0.83
C UNK F 55 16.13 -9.46 -0.01
N UNK F 56 17.24 -8.95 -0.55
CA UNK F 56 18.39 -8.73 0.33
C UNK F 56 18.19 -7.50 1.20
N TYR F 57 17.84 -6.38 0.55
CA TYR F 57 17.93 -5.07 1.20
C TYR F 57 16.93 -4.91 2.33
N UNK F 58 15.65 -5.15 2.06
CA UNK F 58 14.68 -5.04 3.14
C UNK F 58 14.86 -6.16 4.14
N UNK F 59 14.97 -7.40 3.67
CA UNK F 59 14.86 -8.55 4.56
C UNK F 59 16.00 -8.64 5.54
N UNK F 60 17.21 -8.22 5.14
CA UNK F 60 18.36 -8.31 6.02
C UNK F 60 18.14 -7.54 7.32
N UNK F 61 17.64 -6.32 7.22
CA UNK F 61 17.26 -5.60 8.43
C UNK F 61 15.95 -6.12 9.03
N UNK F 62 14.89 -6.21 8.22
CA UNK F 62 13.56 -6.28 8.80
C UNK F 62 13.25 -7.63 9.43
N UNK F 63 13.69 -8.73 8.79
CA UNK F 63 13.52 -10.03 9.41
C UNK F 63 14.35 -10.12 10.68
N UNK F 64 15.53 -9.51 10.67
CA UNK F 64 16.49 -9.72 11.74
C UNK F 64 16.02 -8.99 13.00
N UNK F 65 15.71 -7.71 12.87
CA UNK F 65 15.41 -6.85 14.00
C UNK F 65 13.94 -6.82 14.36
N UNK F 66 13.04 -6.71 13.37
CA UNK F 66 11.62 -6.70 13.71
C UNK F 66 11.14 -8.02 14.30
N UNK F 67 11.98 -9.05 14.33
CA UNK F 67 11.78 -10.21 15.19
C UNK F 67 11.43 -9.83 16.64
N UNK F 68 12.23 -8.97 17.26
CA UNK F 68 12.06 -8.62 18.67
C UNK F 68 11.60 -7.18 18.78
N UNK F 69 10.35 -6.98 19.22
CA UNK F 69 9.65 -5.72 19.04
C UNK F 69 9.37 -4.93 20.31
N UNK F 70 9.41 -5.53 21.50
CA UNK F 70 8.58 -4.93 22.54
C UNK F 70 8.98 -5.37 23.95
N UNK F 71 8.97 -4.40 24.87
CA UNK F 71 8.74 -4.63 26.30
C UNK F 71 8.37 -3.30 26.93
N UNK F 72 7.25 -3.25 27.65
CA UNK F 72 6.93 -2.10 28.49
C UNK F 72 5.75 -2.44 29.40
N UNK F 73 5.72 -1.79 30.57
CA UNK F 73 4.51 -1.71 31.39
C UNK F 73 3.69 -0.50 30.94
N UNK F 74 2.88 -0.73 29.91
CA UNK F 74 2.38 0.34 29.04
C UNK F 74 1.80 1.53 29.78
N UNK F 75 2.17 2.72 29.32
CA UNK F 75 1.52 3.94 29.77
C UNK F 75 0.06 3.94 29.37
N UNK F 76 -0.25 3.39 28.20
CA UNK F 76 -1.63 3.14 27.84
C UNK F 76 -2.32 2.22 28.86
N UNK F 77 -1.60 1.24 29.39
CA UNK F 77 -2.20 0.41 30.43
C UNK F 77 -2.38 1.19 31.73
N UNK F 78 -1.57 2.21 31.97
CA UNK F 78 -1.84 3.13 33.08
C UNK F 78 -3.23 3.74 32.94
N UNK F 79 -3.59 4.12 31.71
CA UNK F 79 -4.95 4.60 31.44
C UNK F 79 -5.98 3.58 31.88
N UNK F 80 -5.81 2.33 31.45
CA UNK F 80 -6.74 1.26 31.84
C UNK F 80 -6.85 1.14 33.36
N UNK F 81 -5.70 1.09 34.04
CA UNK F 81 -5.70 1.00 35.50
C UNK F 81 -6.47 2.15 36.14
N UNK F 82 -6.15 3.38 35.73
CA UNK F 82 -6.86 4.53 36.26
C UNK F 82 -8.35 4.45 35.98
N UNK F 83 -8.72 4.11 34.74
CA UNK F 83 -10.14 4.04 34.40
C UNK F 83 -10.87 3.02 35.25
N UNK F 84 -10.30 1.82 35.35
CA UNK F 84 -10.92 0.76 36.14
C UNK F 84 -11.03 1.16 37.59
N UNK F 85 -10.03 1.87 38.11
CA UNK F 85 -10.16 2.40 39.47
C UNK F 85 -11.30 3.41 39.54
N UNK F 86 -11.35 4.33 38.58
CA UNK F 86 -12.42 5.30 38.54
C UNK F 86 -13.76 4.63 38.39
N UNK F 87 -13.78 3.49 37.70
CA UNK F 87 -15.05 2.85 37.33
C UNK F 87 -15.19 1.46 37.95
N UNK F 88 -14.52 1.20 39.07
CA UNK F 88 -14.90 0.08 39.94
C UNK F 88 -15.95 0.55 40.93
N UNK F 89 -17.18 0.67 40.41
CA UNK F 89 -18.27 1.25 41.19
C UNK F 89 -18.42 0.53 42.52
N UNK F 90 -18.47 -0.80 42.45
CA UNK F 90 -18.61 -1.63 43.64
C UNK F 90 -17.53 -1.37 44.67
N UNK F 91 -16.33 -1.00 44.25
CA UNK F 91 -15.31 -0.70 45.26
C UNK F 91 -15.56 0.63 45.99
N TYR F 92 -15.75 1.72 45.24
CA TYR F 92 -15.74 3.02 45.91
C TYR F 92 -17.02 3.21 46.71
N UNK F 93 -18.15 2.98 46.08
CA UNK F 93 -19.40 3.43 46.67
C UNK F 93 -19.69 2.59 47.90
N UNK F 94 -19.60 1.26 47.75
CA UNK F 94 -19.91 0.35 48.85
C UNK F 94 -18.87 0.39 49.96
N UNK F 95 -17.58 0.62 49.66
CA UNK F 95 -16.64 0.83 50.74
C UNK F 95 -16.99 2.09 51.55
N UNK F 96 -17.27 3.19 50.86
CA UNK F 96 -17.62 4.43 51.54
C UNK F 96 -18.90 4.28 52.36
N UNK F 97 -19.93 3.69 51.76
CA UNK F 97 -21.20 3.50 52.45
C UNK F 97 -21.09 2.52 53.61
N UNK F 98 -20.36 1.42 53.45
CA UNK F 98 -20.19 0.52 54.57
C UNK F 98 -19.46 1.21 55.72
N UNK F 99 -18.40 1.96 55.41
CA UNK F 99 -17.66 2.68 56.43
C UNK F 99 -18.54 3.66 57.20
N UNK F 100 -19.23 4.54 56.48
CA UNK F 100 -20.10 5.53 57.12
C UNK F 100 -21.32 4.90 57.79
N UNK F 101 -22.12 4.16 57.02
CA UNK F 101 -23.46 3.78 57.45
C UNK F 101 -23.46 2.93 58.71
N UNK F 102 -22.39 2.17 58.93
CA UNK F 102 -22.25 1.40 60.16
C UNK F 102 -22.37 2.28 61.41
N UNK F 103 -21.79 3.48 61.36
CA UNK F 103 -21.85 4.39 62.50
C UNK F 103 -23.17 5.14 62.53
N UNK F 104 -23.92 4.99 63.62
CA UNK F 104 -25.29 5.46 63.72
C UNK F 104 -25.48 6.49 64.83
N UNK F 105 -24.40 7.04 65.36
CA UNK F 105 -24.49 8.14 66.32
C UNK F 105 -23.15 8.86 66.40
N UNK G 1 28.32 12.53 -62.76
CA UNK G 1 27.90 12.95 -64.09
C UNK G 1 26.39 13.09 -64.15
N UNK G 2 25.76 12.72 -63.05
CA UNK G 2 24.40 12.20 -63.13
C UNK G 2 23.66 12.43 -61.83
N UNK G 3 22.42 11.97 -61.83
CA UNK G 3 21.70 11.53 -60.64
C UNK G 3 21.12 10.21 -61.11
N UNK G 4 21.31 9.14 -60.33
CA UNK G 4 21.34 7.82 -60.94
C UNK G 4 20.50 6.82 -60.16
N UNK G 5 20.37 5.65 -60.78
CA UNK G 5 20.02 4.43 -60.09
C UNK G 5 20.89 4.17 -58.87
N UNK G 6 22.20 4.17 -59.03
CA UNK G 6 23.06 3.82 -57.92
C UNK G 6 22.77 4.67 -56.69
N UNK G 7 22.81 6.00 -56.86
CA UNK G 7 22.46 6.88 -55.76
C UNK G 7 20.98 6.74 -55.36
N UNK G 8 20.09 6.62 -56.34
CA UNK G 8 18.67 6.53 -56.01
C UNK G 8 18.38 5.28 -55.19
N UNK G 9 18.99 4.16 -55.56
CA UNK G 9 18.85 2.94 -54.76
C UNK G 9 19.41 3.15 -53.37
N UNK G 10 20.52 3.87 -53.25
CA UNK G 10 21.05 4.24 -51.95
C UNK G 10 19.99 4.94 -51.11
N UNK G 11 19.40 6.00 -51.66
CA UNK G 11 18.35 6.71 -50.93
C UNK G 11 17.20 5.80 -50.54
N UNK G 12 16.69 5.01 -51.50
CA UNK G 12 15.64 4.04 -51.22
C UNK G 12 16.00 3.16 -50.03
N UNK G 13 17.15 2.49 -50.11
CA UNK G 13 17.62 1.62 -49.04
C UNK G 13 17.66 2.36 -47.71
N UNK G 14 18.41 3.45 -47.66
CA UNK G 14 18.51 4.24 -46.44
C UNK G 14 17.13 4.47 -45.83
N UNK G 15 16.18 4.92 -46.66
CA UNK G 15 14.79 4.98 -46.23
C UNK G 15 14.37 3.68 -45.57
N UNK G 16 14.55 2.56 -46.28
CA UNK G 16 14.25 1.26 -45.70
C UNK G 16 15.09 1.02 -44.45
N UNK G 17 16.33 1.46 -44.46
CA UNK G 17 17.24 1.22 -43.36
C UNK G 17 16.99 2.11 -42.17
N UNK G 18 16.38 3.27 -42.37
CA UNK G 18 16.16 4.19 -41.26
C UNK G 18 14.98 3.74 -40.41
N UNK G 19 15.31 3.24 -39.23
CA UNK G 19 14.31 2.70 -38.31
C UNK G 19 13.60 3.84 -37.60
N UNK G 20 14.37 4.86 -37.23
CA UNK G 20 13.84 5.97 -36.43
C UNK G 20 12.64 6.61 -37.11
N UNK G 21 12.75 6.93 -38.40
CA UNK G 21 11.65 7.63 -39.04
C UNK G 21 10.41 6.75 -39.12
N TYR G 22 10.51 5.53 -39.66
CA TYR G 22 9.27 4.84 -40.00
C TYR G 22 8.57 4.35 -38.74
N UNK G 23 9.35 3.80 -37.82
CA UNK G 23 8.78 3.32 -36.56
C UNK G 23 8.21 4.47 -35.77
N UNK G 24 8.94 5.60 -35.72
CA UNK G 24 8.44 6.76 -34.99
C UNK G 24 7.16 7.29 -35.59
N UNK G 25 7.10 7.33 -36.92
CA UNK G 25 5.93 7.83 -37.63
C UNK G 25 4.69 7.01 -37.29
N UNK G 26 4.81 5.69 -37.34
CA UNK G 26 3.63 4.90 -36.99
C UNK G 26 3.33 4.91 -35.48
N UNK G 27 4.32 4.58 -34.65
CA UNK G 27 4.03 4.38 -33.23
C UNK G 27 3.77 5.68 -32.50
N UNK G 28 4.62 6.69 -32.68
CA UNK G 28 4.48 7.89 -31.89
C UNK G 28 3.21 8.62 -32.29
N UNK G 29 2.93 8.68 -33.59
CA UNK G 29 1.71 9.33 -34.04
C UNK G 29 0.49 8.61 -33.51
N UNK G 30 0.48 7.27 -33.54
CA UNK G 30 -0.71 6.54 -33.14
C UNK G 30 -0.87 6.49 -31.61
N UNK G 31 0.21 6.77 -30.87
CA UNK G 31 0.18 6.75 -29.41
C UNK G 31 -0.78 7.76 -28.78
N UNK G 32 -1.02 8.89 -29.44
CA UNK G 32 -1.71 10.03 -28.81
C UNK G 32 -3.23 9.89 -28.71
N UNK G 33 -3.90 9.40 -29.75
CA UNK G 33 -5.35 9.10 -29.69
C UNK G 33 -5.61 7.63 -29.32
N UNK G 34 -5.57 7.37 -28.01
CA UNK G 34 -5.52 6.01 -27.51
C UNK G 34 -6.83 5.47 -26.94
N UNK G 35 -7.73 6.29 -26.42
CA UNK G 35 -8.64 5.77 -25.40
C UNK G 35 -9.92 6.60 -25.32
N UNK G 36 -11.05 5.94 -25.50
CA UNK G 36 -12.34 6.46 -25.04
C UNK G 36 -13.26 5.25 -24.82
N UNK G 37 -13.67 5.02 -23.59
CA UNK G 37 -14.67 3.98 -23.30
C UNK G 37 -15.13 4.13 -21.87
N UNK G 38 -16.35 3.65 -21.59
CA UNK G 38 -16.72 3.26 -20.24
C UNK G 38 -16.25 1.84 -19.97
N UNK G 39 -14.99 1.72 -19.57
CA UNK G 39 -14.30 0.43 -19.53
C UNK G 39 -15.13 -0.60 -18.77
N UNK G 40 -15.16 -1.82 -19.29
CA UNK G 40 -15.70 -2.90 -18.49
C UNK G 40 -14.82 -3.20 -17.30
N UNK G 41 -13.51 -3.04 -17.43
CA UNK G 41 -12.65 -3.08 -16.25
C UNK G 41 -13.14 -2.17 -15.13
N UNK G 42 -13.62 -0.98 -15.46
CA UNK G 42 -14.19 -0.13 -14.42
C UNK G 42 -15.57 -0.59 -13.96
N UNK G 43 -16.34 -1.27 -14.82
CA UNK G 43 -17.57 -1.89 -14.35
C UNK G 43 -17.30 -2.77 -13.14
N UNK G 44 -16.25 -3.56 -13.20
CA UNK G 44 -15.78 -4.33 -12.05
C UNK G 44 -15.57 -3.45 -10.82
N UNK G 45 -14.87 -2.33 -10.98
CA UNK G 45 -14.65 -1.42 -9.86
C UNK G 45 -15.97 -1.00 -9.22
N UNK G 46 -16.87 -0.46 -10.03
CA UNK G 46 -18.14 -0.01 -9.50
C UNK G 46 -18.88 -1.13 -8.79
N UNK G 47 -19.01 -2.30 -9.43
CA UNK G 47 -19.70 -3.42 -8.81
C UNK G 47 -19.09 -3.82 -7.48
N UNK G 48 -17.78 -4.05 -7.45
CA UNK G 48 -17.11 -4.36 -6.20
C UNK G 48 -17.40 -3.33 -5.12
N UNK G 49 -17.17 -2.06 -5.42
CA UNK G 49 -17.54 -0.98 -4.49
C UNK G 49 -18.95 -1.19 -3.94
N UNK G 50 -19.92 -1.39 -4.83
CA UNK G 50 -21.28 -1.72 -4.41
C UNK G 50 -21.29 -2.84 -3.38
N UNK G 51 -20.56 -3.92 -3.65
CA UNK G 51 -20.44 -4.97 -2.64
C UNK G 51 -19.59 -4.56 -1.45
N UNK G 52 -18.86 -3.44 -1.54
CA UNK G 52 -17.75 -3.19 -0.63
C UNK G 52 -18.23 -2.73 0.74
N UNK G 53 -19.12 -1.75 0.80
CA UNK G 53 -19.21 -0.84 1.95
C UNK G 53 -20.51 -1.01 2.73
N UNK G 54 -20.35 -1.05 4.05
CA UNK G 54 -21.45 -1.18 5.01
C UNK G 54 -22.53 -0.12 4.86
N UNK G 55 -22.16 1.11 4.53
CA UNK G 55 -23.17 2.16 4.46
C UNK G 55 -24.27 1.86 3.45
N UNK G 56 -23.94 1.22 2.34
CA UNK G 56 -25.01 0.66 1.52
C UNK G 56 -25.57 -0.61 2.13
N TYR G 57 -24.67 -1.54 2.47
CA TYR G 57 -25.03 -2.92 2.77
C TYR G 57 -25.85 -3.06 4.05
N UNK G 58 -25.34 -2.53 5.16
CA UNK G 58 -26.12 -2.60 6.39
C UNK G 58 -27.34 -1.71 6.31
N UNK G 59 -27.15 -0.47 5.86
CA UNK G 59 -28.18 0.56 6.01
C UNK G 59 -29.40 0.26 5.17
N UNK G 60 -29.23 -0.37 4.00
CA UNK G 60 -30.35 -0.66 3.12
C UNK G 60 -31.41 -1.49 3.83
N UNK G 61 -30.99 -2.55 4.52
CA UNK G 61 -31.95 -3.27 5.35
C UNK G 61 -32.30 -2.51 6.63
N UNK G 62 -31.28 -2.11 7.40
CA UNK G 62 -31.52 -1.79 8.80
C UNK G 62 -32.26 -0.46 8.98
N UNK G 63 -31.91 0.56 8.18
CA UNK G 63 -32.65 1.81 8.22
C UNK G 63 -34.08 1.58 7.78
N UNK G 64 -34.27 0.71 6.81
CA UNK G 64 -35.56 0.59 6.16
C UNK G 64 -36.54 -0.10 7.09
N UNK G 65 -36.14 -1.25 7.62
CA UNK G 65 -37.02 -2.13 8.38
C UNK G 65 -37.03 -1.81 9.87
N UNK G 66 -35.88 -1.58 10.50
CA UNK G 66 -35.96 -1.26 11.93
C UNK G 66 -36.71 0.03 12.20
N UNK G 67 -37.05 0.78 11.15
CA UNK G 67 -38.07 1.82 11.24
C UNK G 67 -39.34 1.34 11.93
N UNK G 68 -39.89 0.22 11.49
CA UNK G 68 -41.16 -0.27 12.00
C UNK G 68 -40.91 -1.54 12.80
N UNK G 69 -41.09 -1.44 14.12
CA UNK G 69 -40.57 -2.43 15.04
C UNK G 69 -41.65 -3.26 15.72
N UNK G 70 -42.89 -2.80 15.73
CA UNK G 70 -43.80 -3.19 16.79
C UNK G 70 -45.24 -2.93 16.40
#